data_8W0C
#
_entry.id   8W0C
#
_cell.length_a   139.409
_cell.length_b   139.409
_cell.length_c   543.793
_cell.angle_alpha   90.00
_cell.angle_beta   90.00
_cell.angle_gamma   120.00
#
_symmetry.space_group_name_H-M   'P 61 2 2'
#
loop_
_entity.id
_entity.type
_entity.pdbx_description
1 polymer 'Acetyl-coenzyme A synthetase 2'
2 non-polymer "5'-O-[(S)-(cyclopentyloxy)(hydroxy)phosphoryl]adenosine"
3 non-polymer 'SODIUM ION'
4 non-polymer 'SULFATE ION'
5 non-polymer 'CHLORIDE ION'
6 non-polymer GLYCEROL
7 water water
#
_entity_poly.entity_id   1
_entity_poly.type   'polypeptide(L)'
_entity_poly.pdbx_seq_one_letter_code
;MHHHHHHHHENLYFQGPTEQTHNVVHEANGVKLRETPKEFFERQPNKGHIHDVNQYKQMYEQSIKDPQGFFGPLAKELLS
WDHDFHTVKSGTLKNGDAAWFLGGELNASYNCVDRHAFANPDKPALICEADDEKDSHILTYGDLLREVSKVAGVLQSWGI
KKGDTVAVYLPMNAQAIIAMLAIARLGAAHSVIFAGFSAGSIKDRVNDASCKALITCDEGKRGGRTTNIKKLCDEALVDC
PTVEKVLVYKRTNNPEIHLTEGRDYYWDVETAKFPGYLPPVSVNSEDPLFLLYTSGSTGTPKGVVHSTAGYLLGAALSTK
YIFDIHPEDILFTAGDVGWITGHTYALYGPLLLGVPTIIFEGTPAYPDYGRFWQIVEKHKATHFYVAPTALRLLRKAGEQ
EIAKYDLSSLRTLGSVGEPISPDIWEWYNEFVGKNQCHISDTYWQTESGSHLIAPLAGVVPNKPGSASYPFFGIDAALID
PVTGVEIEGNDAEGVLAIKDHWPSMARTVYKNHTKYMDTYMNPYPGYYFTGDGAARDHDGYYWIRGRVDDVVNVSGHRLS
TAEIEAALIEDKKVSEAAVVGIHDDITGQAVIAYVALKEGNSDEDSEGLRKELVLQVRKTIGPFAAPKSVIIVQDLPKTR
SGKIMRRILRKVSSNEADQLGDISTLSNPQSVEGIISAFGAQFGKK
;
_entity_poly.pdbx_strand_id   A,B,C
#
# COMPACT_ATOMS: atom_id res chain seq x y z
N GLU A 19 -53.61 0.81 20.78
CA GLU A 19 -54.61 1.74 21.29
C GLU A 19 -54.46 3.11 20.63
N GLN A 20 -55.42 3.99 20.84
CA GLN A 20 -55.32 5.37 20.35
C GLN A 20 -54.72 6.31 21.39
N THR A 21 -54.85 5.98 22.66
CA THR A 21 -54.32 6.80 23.75
C THR A 21 -52.98 6.26 24.21
N HIS A 22 -52.12 7.17 24.63
CA HIS A 22 -50.78 6.86 25.11
C HIS A 22 -50.70 7.17 26.60
N ASN A 23 -50.27 6.18 27.38
CA ASN A 23 -50.07 6.36 28.80
C ASN A 23 -48.65 6.77 29.15
N VAL A 24 -47.71 6.55 28.23
CA VAL A 24 -46.31 6.91 28.43
C VAL A 24 -45.90 8.04 27.49
N VAL A 25 -46.17 7.88 26.20
CA VAL A 25 -45.69 8.84 25.19
C VAL A 25 -46.76 9.93 25.07
N HIS A 26 -46.74 10.85 26.04
CA HIS A 26 -47.73 11.91 26.06
C HIS A 26 -47.60 12.83 24.86
N GLU A 27 -46.39 12.98 24.31
CA GLU A 27 -46.20 13.82 23.13
C GLU A 27 -47.14 13.40 21.99
N ALA A 28 -47.46 12.11 21.91
CA ALA A 28 -48.14 11.57 20.75
C ALA A 28 -49.66 11.69 20.83
N ASN A 29 -50.21 12.02 22.00
CA ASN A 29 -51.65 12.04 22.16
C ASN A 29 -52.27 13.18 21.36
N GLY A 30 -53.29 12.85 20.57
CA GLY A 30 -54.03 13.86 19.81
C GLY A 30 -53.24 14.52 18.71
N VAL A 31 -52.23 13.85 18.18
CA VAL A 31 -51.39 14.43 17.14
C VAL A 31 -51.78 13.82 15.80
N LYS A 32 -52.26 14.66 14.90
CA LYS A 32 -52.66 14.23 13.57
C LYS A 32 -51.45 14.07 12.65
N LEU A 33 -51.43 12.99 11.88
CA LEU A 33 -50.40 12.81 10.88
C LEU A 33 -50.49 13.90 9.82
N ARG A 34 -49.32 14.35 9.36
CA ARG A 34 -49.23 15.44 8.39
C ARG A 34 -48.65 14.87 7.08
N GLU A 35 -49.54 14.61 6.14
CA GLU A 35 -49.13 14.03 4.86
C GLU A 35 -48.29 15.05 4.09
N THR A 36 -47.45 14.53 3.22
CA THR A 36 -46.64 15.41 2.37
C THR A 36 -47.57 16.25 1.49
N PRO A 37 -47.41 17.57 1.45
CA PRO A 37 -48.27 18.39 0.59
C PRO A 37 -48.11 18.02 -0.89
N LYS A 38 -49.21 18.15 -1.63
CA LYS A 38 -49.19 17.77 -3.04
C LYS A 38 -48.16 18.56 -3.83
N GLU A 39 -47.92 19.81 -3.45
CA GLU A 39 -46.99 20.62 -4.23
C GLU A 39 -45.58 20.03 -4.22
N PHE A 40 -45.22 19.29 -3.18
CA PHE A 40 -43.93 18.62 -3.13
C PHE A 40 -43.73 17.77 -4.39
N PHE A 41 -44.76 17.02 -4.78
CA PHE A 41 -44.65 16.12 -5.93
C PHE A 41 -44.68 16.88 -7.25
N GLU A 42 -45.35 18.02 -7.28
CA GLU A 42 -45.30 18.87 -8.47
CA GLU A 42 -45.30 18.85 -8.48
C GLU A 42 -43.89 19.38 -8.71
N ARG A 43 -43.17 19.72 -7.65
CA ARG A 43 -41.82 20.26 -7.77
C ARG A 43 -40.77 19.15 -7.89
N GLN A 44 -41.07 17.95 -7.45
CA GLN A 44 -40.12 16.84 -7.55
C GLN A 44 -39.82 16.58 -9.03
N PRO A 45 -38.55 16.56 -9.43
CA PRO A 45 -38.24 16.50 -10.86
C PRO A 45 -38.39 15.12 -11.49
N ASN A 46 -38.36 14.05 -10.71
CA ASN A 46 -38.54 12.71 -11.24
C ASN A 46 -39.37 11.90 -10.25
N LYS A 47 -39.78 10.72 -10.69
CA LYS A 47 -40.36 9.74 -9.79
C LYS A 47 -39.50 9.64 -8.53
N GLY A 48 -40.17 9.59 -7.39
CA GLY A 48 -39.45 9.49 -6.13
C GLY A 48 -38.61 8.22 -6.07
N HIS A 49 -37.64 8.23 -5.15
CA HIS A 49 -36.76 7.09 -5.00
C HIS A 49 -37.44 5.94 -4.28
N ILE A 50 -38.50 6.24 -3.53
CA ILE A 50 -39.31 5.25 -2.84
C ILE A 50 -40.76 5.56 -3.13
N HIS A 51 -41.53 4.51 -3.40
CA HIS A 51 -42.88 4.68 -3.93
C HIS A 51 -43.82 5.22 -2.86
N ASP A 52 -43.81 4.63 -1.67
CA ASP A 52 -44.68 5.06 -0.58
C ASP A 52 -44.15 4.44 0.71
N VAL A 53 -44.87 4.69 1.82
CA VAL A 53 -44.39 4.27 3.12
C VAL A 53 -44.34 2.75 3.24
N ASN A 54 -45.23 2.04 2.56
CA ASN A 54 -45.19 0.57 2.58
C ASN A 54 -43.92 0.04 1.91
N GLN A 55 -43.50 0.66 0.81
CA GLN A 55 -42.23 0.24 0.23
C GLN A 55 -41.10 0.56 1.18
N TYR A 56 -41.17 1.70 1.86
CA TYR A 56 -40.12 2.02 2.81
C TYR A 56 -40.01 0.94 3.87
N LYS A 57 -41.15 0.49 4.41
CA LYS A 57 -41.09 -0.50 5.48
C LYS A 57 -40.55 -1.83 4.99
N GLN A 58 -40.89 -2.23 3.76
CA GLN A 58 -40.34 -3.46 3.19
C GLN A 58 -38.83 -3.37 3.04
N MET A 59 -38.35 -2.26 2.49
CA MET A 59 -36.91 -2.09 2.32
C MET A 59 -36.21 -2.01 3.68
N TYR A 60 -36.83 -1.35 4.65
CA TYR A 60 -36.23 -1.22 5.96
C TYR A 60 -36.05 -2.60 6.60
N GLU A 61 -37.08 -3.44 6.53
CA GLU A 61 -36.97 -4.77 7.11
C GLU A 61 -35.86 -5.57 6.46
N GLN A 62 -35.70 -5.44 5.14
CA GLN A 62 -34.60 -6.13 4.49
C GLN A 62 -33.25 -5.56 4.95
N SER A 63 -33.18 -4.25 5.17
CA SER A 63 -31.92 -3.66 5.63
C SER A 63 -31.54 -4.16 7.02
N ILE A 64 -32.51 -4.63 7.79
CA ILE A 64 -32.23 -5.20 9.12
C ILE A 64 -32.03 -6.71 9.06
N LYS A 65 -32.89 -7.43 8.33
CA LYS A 65 -32.80 -8.89 8.35
C LYS A 65 -31.71 -9.40 7.43
N ASP A 66 -31.45 -8.70 6.32
CA ASP A 66 -30.55 -9.16 5.27
C ASP A 66 -29.66 -8.00 4.81
N PRO A 67 -28.82 -7.48 5.71
CA PRO A 67 -27.95 -6.35 5.31
C PRO A 67 -27.09 -6.67 4.11
N GLN A 68 -26.65 -7.92 3.96
CA GLN A 68 -25.81 -8.30 2.84
C GLN A 68 -26.51 -8.05 1.51
N GLY A 69 -27.77 -8.51 1.41
CA GLY A 69 -28.51 -8.37 0.18
C GLY A 69 -29.06 -6.98 -0.07
N PHE A 70 -29.16 -6.15 0.98
CA PHE A 70 -29.68 -4.81 0.84
C PHE A 70 -28.56 -3.81 0.53
N PHE A 71 -27.53 -3.78 1.37
CA PHE A 71 -26.48 -2.78 1.23
C PHE A 71 -25.47 -3.13 0.15
N GLY A 72 -25.34 -4.41 -0.20
CA GLY A 72 -24.46 -4.81 -1.27
C GLY A 72 -24.78 -4.10 -2.57
N PRO A 73 -26.01 -4.30 -3.08
CA PRO A 73 -26.38 -3.63 -4.33
C PRO A 73 -26.33 -2.11 -4.28
N LEU A 74 -26.71 -1.51 -3.15
CA LEU A 74 -26.68 -0.06 -3.04
C LEU A 74 -25.25 0.48 -3.05
N ALA A 75 -24.32 -0.23 -2.41
CA ALA A 75 -22.93 0.19 -2.46
C ALA A 75 -22.39 0.11 -3.89
N LYS A 76 -22.82 -0.88 -4.65
CA LYS A 76 -22.40 -1.03 -6.03
C LYS A 76 -23.07 -0.04 -6.95
N GLU A 77 -24.25 0.46 -6.57
CA GLU A 77 -24.89 1.50 -7.36
C GLU A 77 -24.26 2.87 -7.12
N LEU A 78 -24.06 3.22 -5.84
CA LEU A 78 -23.83 4.62 -5.47
C LEU A 78 -22.36 4.99 -5.35
N LEU A 79 -21.47 4.02 -5.20
CA LEU A 79 -20.05 4.29 -5.05
C LEU A 79 -19.29 3.63 -6.19
N SER A 80 -18.23 4.30 -6.62
CA SER A 80 -17.34 3.80 -7.65
C SER A 80 -16.11 3.20 -6.98
N TRP A 81 -15.84 1.92 -7.28
CA TRP A 81 -14.84 1.12 -6.59
C TRP A 81 -13.61 0.93 -7.46
N ASP A 82 -12.44 1.08 -6.83
CA ASP A 82 -11.19 0.69 -7.48
C ASP A 82 -10.94 -0.80 -7.33
N HIS A 83 -11.42 -1.39 -6.25
CA HIS A 83 -11.39 -2.83 -6.03
C HIS A 83 -12.71 -3.24 -5.41
N ASP A 84 -13.28 -4.34 -5.91
CA ASP A 84 -14.54 -4.82 -5.39
C ASP A 84 -14.37 -5.34 -3.96
N PHE A 85 -15.44 -5.26 -3.18
CA PHE A 85 -15.47 -5.83 -1.85
C PHE A 85 -15.95 -7.27 -1.93
N HIS A 86 -15.49 -8.09 -0.99
CA HIS A 86 -15.85 -9.49 -0.97
C HIS A 86 -16.86 -9.82 0.13
N THR A 87 -17.03 -8.94 1.10
CA THR A 87 -17.91 -9.19 2.25
C THR A 87 -18.57 -7.88 2.64
N VAL A 88 -19.90 -7.87 2.71
CA VAL A 88 -20.62 -6.63 2.98
C VAL A 88 -20.37 -6.16 4.42
N LYS A 89 -20.34 -7.09 5.37
CA LYS A 89 -20.50 -6.74 6.78
C LYS A 89 -19.74 -7.72 7.67
N SER A 90 -19.04 -7.19 8.67
CA SER A 90 -18.25 -8.00 9.59
C SER A 90 -18.28 -7.38 10.98
N GLY A 91 -18.05 -8.20 11.99
CA GLY A 91 -17.89 -7.72 13.35
C GLY A 91 -19.21 -7.54 14.10
N THR A 92 -19.07 -7.21 15.39
CA THR A 92 -20.21 -6.97 16.27
C THR A 92 -19.95 -5.74 17.12
N LEU A 93 -21.04 -5.15 17.62
CA LEU A 93 -20.92 -4.04 18.55
C LEU A 93 -20.20 -4.46 19.83
N LYS A 94 -20.52 -5.64 20.36
CA LYS A 94 -19.95 -6.07 21.62
C LYS A 94 -18.43 -6.12 21.58
N ASN A 95 -17.85 -6.47 20.43
CA ASN A 95 -16.40 -6.56 20.29
C ASN A 95 -15.78 -5.33 19.64
N GLY A 96 -16.57 -4.34 19.28
CA GLY A 96 -16.02 -3.11 18.73
C GLY A 96 -15.16 -3.29 17.50
N ASP A 97 -15.55 -4.21 16.63
CA ASP A 97 -14.77 -4.55 15.45
C ASP A 97 -15.64 -4.53 14.21
N ALA A 98 -16.56 -3.56 14.13
CA ALA A 98 -17.42 -3.40 12.97
C ALA A 98 -16.62 -3.04 11.72
N ALA A 99 -16.98 -3.65 10.59
CA ALA A 99 -16.38 -3.34 9.32
C ALA A 99 -17.39 -3.62 8.21
N TRP A 100 -17.30 -2.85 7.13
CA TRP A 100 -18.22 -2.95 6.00
C TRP A 100 -17.44 -2.90 4.69
N PHE A 101 -17.88 -3.69 3.72
CA PHE A 101 -17.32 -3.71 2.37
C PHE A 101 -15.85 -4.09 2.42
N LEU A 102 -15.58 -5.17 3.15
CA LEU A 102 -14.22 -5.64 3.36
C LEU A 102 -13.58 -6.05 2.03
N GLY A 103 -12.31 -5.73 1.88
CA GLY A 103 -11.60 -5.96 0.65
C GLY A 103 -11.78 -4.88 -0.38
N GLY A 104 -12.78 -4.01 -0.21
CA GLY A 104 -13.02 -2.98 -1.20
C GLY A 104 -11.97 -1.90 -1.14
N GLU A 105 -11.74 -1.28 -2.27
CA GLU A 105 -10.88 -0.09 -2.34
C GLU A 105 -11.59 0.98 -3.17
N LEU A 106 -11.35 2.22 -2.78
CA LEU A 106 -11.98 3.39 -3.40
C LEU A 106 -11.23 4.63 -2.94
N ASN A 107 -11.63 5.77 -3.48
CA ASN A 107 -11.10 7.05 -3.02
C ASN A 107 -12.24 8.05 -2.91
N ALA A 108 -12.27 8.76 -1.79
CA ALA A 108 -13.39 9.65 -1.51
C ALA A 108 -13.41 10.83 -2.46
N SER A 109 -12.23 11.38 -2.81
CA SER A 109 -12.23 12.53 -3.69
C SER A 109 -12.59 12.13 -5.12
N TYR A 110 -12.24 10.89 -5.54
CA TYR A 110 -12.72 10.44 -6.85
C TYR A 110 -14.23 10.37 -6.90
N ASN A 111 -14.87 9.87 -5.85
CA ASN A 111 -16.32 9.71 -5.84
C ASN A 111 -17.06 11.04 -5.67
N CYS A 112 -16.41 12.05 -5.06
CA CYS A 112 -17.02 13.35 -4.86
C CYS A 112 -16.70 14.35 -5.96
N VAL A 113 -15.63 14.12 -6.74
CA VAL A 113 -15.19 15.11 -7.72
C VAL A 113 -14.97 14.49 -9.08
N ASP A 114 -13.94 13.65 -9.22
CA ASP A 114 -13.48 13.19 -10.53
C ASP A 114 -14.64 12.67 -11.40
N ARG A 115 -15.42 11.75 -10.86
CA ARG A 115 -16.38 11.06 -11.72
C ARG A 115 -17.44 12.02 -12.24
N HIS A 116 -17.78 13.04 -11.45
CA HIS A 116 -18.73 14.04 -11.91
C HIS A 116 -18.08 14.98 -12.91
N ALA A 117 -16.81 15.31 -12.69
CA ALA A 117 -16.10 16.19 -13.61
C ALA A 117 -15.97 15.57 -15.00
N PHE A 118 -15.72 14.25 -15.06
CA PHE A 118 -15.64 13.57 -16.36
C PHE A 118 -17.00 13.59 -17.07
N ALA A 119 -18.08 13.44 -16.31
CA ALA A 119 -19.41 13.35 -16.90
C ALA A 119 -19.94 14.71 -17.33
N ASN A 120 -19.76 15.74 -16.49
CA ASN A 120 -20.25 17.09 -16.76
C ASN A 120 -19.36 18.10 -16.04
N PRO A 121 -18.20 18.41 -16.64
CA PRO A 121 -17.25 19.29 -15.93
C PRO A 121 -17.78 20.69 -15.63
N ASP A 122 -18.74 21.19 -16.41
CA ASP A 122 -19.27 22.54 -16.21
C ASP A 122 -20.43 22.59 -15.24
N LYS A 123 -20.88 21.45 -14.71
CA LYS A 123 -21.96 21.48 -13.72
C LYS A 123 -21.47 22.14 -12.43
N PRO A 124 -22.25 23.03 -11.83
CA PRO A 124 -21.83 23.65 -10.56
C PRO A 124 -21.66 22.60 -9.47
N ALA A 125 -20.60 22.77 -8.68
CA ALA A 125 -20.32 21.89 -7.55
C ALA A 125 -20.38 22.64 -6.22
N LEU A 126 -19.56 23.68 -6.04
CA LEU A 126 -19.57 24.50 -4.84
C LEU A 126 -20.13 25.87 -5.19
N ILE A 127 -21.34 26.15 -4.72
CA ILE A 127 -21.94 27.48 -4.81
C ILE A 127 -21.54 28.20 -3.54
N CYS A 128 -20.56 29.09 -3.64
CA CYS A 128 -19.93 29.69 -2.47
C CYS A 128 -20.47 31.08 -2.24
N GLU A 129 -21.18 31.24 -1.13
CA GLU A 129 -21.71 32.53 -0.72
C GLU A 129 -20.85 33.06 0.42
N ALA A 130 -20.06 34.08 0.13
CA ALA A 130 -19.11 34.63 1.09
C ALA A 130 -19.84 35.51 2.11
N ASP A 131 -19.12 35.86 3.17
CA ASP A 131 -19.69 36.73 4.19
C ASP A 131 -20.31 37.96 3.54
N ASP A 132 -19.59 38.60 2.62
CA ASP A 132 -20.12 39.67 1.77
C ASP A 132 -20.36 39.13 0.38
N GLU A 133 -21.59 39.29 -0.11
CA GLU A 133 -21.98 38.66 -1.37
C GLU A 133 -21.10 39.09 -2.54
N LYS A 134 -20.46 40.26 -2.47
CA LYS A 134 -19.60 40.63 -3.58
C LYS A 134 -18.46 39.63 -3.78
N ASP A 135 -18.11 38.84 -2.76
CA ASP A 135 -17.02 37.88 -2.87
C ASP A 135 -17.53 36.48 -3.20
N SER A 136 -18.81 36.34 -3.48
CA SER A 136 -19.39 35.05 -3.82
C SER A 136 -18.93 34.59 -5.21
N HIS A 137 -18.89 33.27 -5.39
CA HIS A 137 -18.44 32.68 -6.64
C HIS A 137 -18.90 31.23 -6.67
N ILE A 138 -18.75 30.62 -7.84
CA ILE A 138 -19.20 29.25 -8.07
C ILE A 138 -18.06 28.45 -8.68
N LEU A 139 -17.78 27.29 -8.10
CA LEU A 139 -16.83 26.34 -8.66
C LEU A 139 -17.58 25.19 -9.32
N THR A 140 -17.25 24.91 -10.57
CA THR A 140 -17.76 23.71 -11.22
C THR A 140 -17.00 22.47 -10.74
N TYR A 141 -17.56 21.29 -11.05
CA TYR A 141 -16.85 20.05 -10.74
C TYR A 141 -15.51 20.01 -11.43
N GLY A 142 -15.44 20.52 -12.66
CA GLY A 142 -14.15 20.62 -13.33
C GLY A 142 -13.18 21.55 -12.63
N ASP A 143 -13.66 22.72 -12.20
CA ASP A 143 -12.82 23.62 -11.41
C ASP A 143 -12.35 22.93 -10.14
N LEU A 144 -13.28 22.24 -9.47
CA LEU A 144 -12.95 21.61 -8.21
C LEU A 144 -11.85 20.57 -8.39
N LEU A 145 -11.91 19.80 -9.48
CA LEU A 145 -10.89 18.78 -9.72
C LEU A 145 -9.51 19.40 -9.81
N ARG A 146 -9.38 20.53 -10.51
CA ARG A 146 -8.06 21.14 -10.69
C ARG A 146 -7.50 21.67 -9.38
N GLU A 147 -8.33 22.38 -8.59
CA GLU A 147 -7.82 22.93 -7.33
C GLU A 147 -7.49 21.82 -6.34
N VAL A 148 -8.35 20.80 -6.23
CA VAL A 148 -8.07 19.68 -5.33
C VAL A 148 -6.79 18.98 -5.76
N SER A 149 -6.60 18.78 -7.06
CA SER A 149 -5.38 18.13 -7.55
C SER A 149 -4.14 18.95 -7.19
N LYS A 150 -4.22 20.29 -7.30
CA LYS A 150 -3.06 21.13 -7.02
C LYS A 150 -2.69 21.10 -5.54
N VAL A 151 -3.69 21.25 -4.67
CA VAL A 151 -3.42 21.23 -3.23
C VAL A 151 -2.88 19.86 -2.81
N ALA A 152 -3.47 18.78 -3.33
CA ALA A 152 -2.90 17.46 -3.08
C ALA A 152 -1.47 17.38 -3.60
N GLY A 153 -1.19 18.07 -4.71
CA GLY A 153 0.18 18.09 -5.21
C GLY A 153 1.14 18.73 -4.22
N VAL A 154 0.72 19.84 -3.62
CA VAL A 154 1.55 20.46 -2.58
C VAL A 154 1.75 19.50 -1.42
N LEU A 155 0.65 18.93 -0.92
CA LEU A 155 0.75 18.07 0.25
C LEU A 155 1.64 16.86 -0.03
N GLN A 156 1.56 16.29 -1.24
CA GLN A 156 2.38 15.14 -1.58
C GLN A 156 3.86 15.52 -1.60
N SER A 157 4.19 16.69 -2.15
CA SER A 157 5.58 17.10 -2.17
C SER A 157 6.11 17.42 -0.77
N TRP A 158 5.22 17.67 0.19
CA TRP A 158 5.62 17.89 1.58
C TRP A 158 5.76 16.58 2.35
N GLY A 159 5.51 15.44 1.71
CA GLY A 159 5.66 14.14 2.33
C GLY A 159 4.38 13.54 2.89
N ILE A 160 3.23 14.18 2.71
CA ILE A 160 1.97 13.64 3.20
C ILE A 160 1.62 12.40 2.37
N LYS A 161 1.22 11.34 3.05
CA LYS A 161 0.93 10.07 2.39
C LYS A 161 -0.12 9.32 3.19
N LYS A 162 -0.56 8.21 2.62
CA LYS A 162 -1.59 7.40 3.27
C LYS A 162 -1.17 7.10 4.70
N GLY A 163 -2.10 7.30 5.63
CA GLY A 163 -1.85 7.09 7.04
C GLY A 163 -1.48 8.33 7.82
N ASP A 164 -1.18 9.45 7.17
CA ASP A 164 -0.94 10.68 7.90
C ASP A 164 -2.25 11.38 8.19
N THR A 165 -2.22 12.26 9.19
CA THR A 165 -3.32 13.16 9.48
C THR A 165 -2.91 14.59 9.17
N VAL A 166 -3.87 15.39 8.70
CA VAL A 166 -3.65 16.79 8.35
C VAL A 166 -4.75 17.62 8.96
N ALA A 167 -4.37 18.65 9.73
CA ALA A 167 -5.34 19.54 10.35
C ALA A 167 -5.79 20.62 9.37
N VAL A 168 -7.07 20.97 9.47
CA VAL A 168 -7.66 22.08 8.74
C VAL A 168 -8.26 23.04 9.75
N TYR A 169 -7.92 24.33 9.63
CA TYR A 169 -8.45 25.39 10.48
C TYR A 169 -8.89 26.54 9.57
N LEU A 170 -10.11 26.43 9.06
CA LEU A 170 -10.60 27.30 8.00
C LEU A 170 -12.05 27.66 8.23
N PRO A 171 -12.48 28.85 7.78
CA PRO A 171 -13.91 29.16 7.77
C PRO A 171 -14.64 28.30 6.75
N MET A 172 -15.96 28.43 6.76
CA MET A 172 -16.84 27.64 5.91
C MET A 172 -16.86 28.23 4.50
N ASN A 173 -15.89 27.84 3.68
CA ASN A 173 -15.79 28.36 2.33
C ASN A 173 -15.12 27.32 1.44
N ALA A 174 -14.86 27.73 0.20
CA ALA A 174 -14.35 26.78 -0.81
C ALA A 174 -13.03 26.16 -0.38
N GLN A 175 -12.17 26.93 0.28
CA GLN A 175 -10.88 26.38 0.67
C GLN A 175 -11.00 25.25 1.68
N ALA A 176 -11.98 25.33 2.59
CA ALA A 176 -12.17 24.24 3.55
C ALA A 176 -12.55 22.96 2.84
N ILE A 177 -13.47 23.03 1.87
CA ILE A 177 -13.88 21.86 1.11
C ILE A 177 -12.73 21.33 0.27
N ILE A 178 -12.01 22.22 -0.41
CA ILE A 178 -10.89 21.80 -1.24
C ILE A 178 -9.84 21.10 -0.37
N ALA A 179 -9.52 21.67 0.78
CA ALA A 179 -8.49 21.10 1.64
C ALA A 179 -8.87 19.69 2.07
N MET A 180 -10.12 19.51 2.51
CA MET A 180 -10.58 18.20 2.95
C MET A 180 -10.46 17.18 1.82
N LEU A 181 -10.91 17.55 0.63
CA LEU A 181 -10.88 16.62 -0.50
C LEU A 181 -9.45 16.35 -0.97
N ALA A 182 -8.57 17.36 -0.90
CA ALA A 182 -7.18 17.14 -1.29
C ALA A 182 -6.49 16.17 -0.35
N ILE A 183 -6.78 16.27 0.96
CA ILE A 183 -6.19 15.36 1.93
C ILE A 183 -6.68 13.93 1.66
N ALA A 184 -7.99 13.77 1.45
CA ALA A 184 -8.53 12.45 1.15
C ALA A 184 -8.01 11.91 -0.17
N ARG A 185 -7.65 12.80 -1.09
CA ARG A 185 -7.17 12.33 -2.39
C ARG A 185 -5.87 11.54 -2.24
N LEU A 186 -5.08 11.87 -1.22
CA LEU A 186 -3.83 11.18 -0.95
C LEU A 186 -4.00 9.97 -0.04
N GLY A 187 -5.21 9.70 0.43
CA GLY A 187 -5.42 8.64 1.39
C GLY A 187 -5.05 9.01 2.80
N ALA A 188 -4.73 10.29 3.03
CA ALA A 188 -4.55 10.81 4.38
C ALA A 188 -5.91 11.15 4.97
N ALA A 189 -5.95 11.35 6.28
CA ALA A 189 -7.18 11.63 7.01
C ALA A 189 -7.16 13.08 7.45
N HIS A 190 -8.22 13.81 7.12
CA HIS A 190 -8.29 15.19 7.58
C HIS A 190 -8.90 15.26 8.98
N SER A 191 -8.46 16.28 9.72
CA SER A 191 -9.03 16.63 11.01
C SER A 191 -9.39 18.11 10.94
N VAL A 192 -10.68 18.38 10.75
CA VAL A 192 -11.16 19.76 10.62
C VAL A 192 -11.40 20.33 12.01
N ILE A 193 -10.81 21.49 12.28
CA ILE A 193 -10.94 22.18 13.55
C ILE A 193 -11.78 23.44 13.32
N PHE A 194 -12.97 23.45 13.90
CA PHE A 194 -13.89 24.58 13.76
C PHE A 194 -13.18 25.90 14.00
N ALA A 195 -13.42 26.85 13.09
CA ALA A 195 -12.69 28.12 13.10
C ALA A 195 -13.06 29.01 14.27
N GLY A 196 -14.11 28.69 15.03
CA GLY A 196 -14.35 29.41 16.26
C GLY A 196 -13.55 28.94 17.48
N PHE A 197 -12.73 27.91 17.33
CA PHE A 197 -11.97 27.39 18.47
C PHE A 197 -10.78 28.27 18.81
N SER A 198 -10.40 28.26 20.09
CA SER A 198 -9.26 29.00 20.59
C SER A 198 -7.96 28.26 20.29
N ALA A 199 -6.84 28.93 20.60
CA ALA A 199 -5.53 28.35 20.34
C ALA A 199 -5.32 27.06 21.12
N GLY A 200 -5.76 27.02 22.38
CA GLY A 200 -5.60 25.81 23.17
C GLY A 200 -6.38 24.63 22.61
N SER A 201 -7.57 24.90 22.06
CA SER A 201 -8.36 23.83 21.45
C SER A 201 -7.69 23.32 20.17
N ILE A 202 -7.05 24.22 19.41
CA ILE A 202 -6.27 23.79 18.25
C ILE A 202 -5.11 22.91 18.69
N LYS A 203 -4.40 23.34 19.73
CA LYS A 203 -3.24 22.60 20.21
C LYS A 203 -3.62 21.19 20.63
N ASP A 204 -4.70 21.05 21.42
CA ASP A 204 -5.11 19.73 21.90
C ASP A 204 -5.41 18.78 20.75
N ARG A 205 -6.09 19.28 19.71
CA ARG A 205 -6.49 18.39 18.62
C ARG A 205 -5.30 18.04 17.74
N VAL A 206 -4.47 19.03 17.42
CA VAL A 206 -3.31 18.78 16.57
C VAL A 206 -2.37 17.78 17.22
N ASN A 207 -2.17 17.90 18.55
CA ASN A 207 -1.22 17.03 19.22
C ASN A 207 -1.76 15.61 19.37
N ASP A 208 -3.07 15.45 19.63
CA ASP A 208 -3.59 14.09 19.76
C ASP A 208 -3.49 13.32 18.45
N ALA A 209 -3.61 14.02 17.33
CA ALA A 209 -3.53 13.37 16.02
C ALA A 209 -2.12 13.34 15.47
N SER A 210 -1.20 14.08 16.07
CA SER A 210 0.17 14.19 15.57
C SER A 210 0.17 14.58 14.08
N CYS A 211 -0.56 15.66 13.78
CA CYS A 211 -0.65 16.12 12.39
C CYS A 211 0.69 16.61 11.87
N LYS A 212 1.03 16.19 10.65
CA LYS A 212 2.26 16.62 10.01
C LYS A 212 2.15 17.99 9.34
N ALA A 213 0.93 18.41 9.01
CA ALA A 213 0.72 19.66 8.32
C ALA A 213 -0.62 20.26 8.74
N LEU A 214 -0.77 21.54 8.45
CA LEU A 214 -1.95 22.32 8.77
C LEU A 214 -2.28 23.20 7.58
N ILE A 215 -3.57 23.33 7.28
CA ILE A 215 -4.08 24.20 6.23
C ILE A 215 -4.97 25.23 6.91
N THR A 216 -4.66 26.51 6.72
CA THR A 216 -5.40 27.58 7.37
C THR A 216 -5.40 28.78 6.43
N CYS A 217 -5.82 29.94 6.95
CA CYS A 217 -5.82 31.17 6.16
C CYS A 217 -5.36 32.31 7.06
N ASP A 218 -5.08 33.46 6.42
CA ASP A 218 -4.51 34.58 7.18
C ASP A 218 -5.53 35.14 8.17
N GLU A 219 -6.72 35.49 7.68
CA GLU A 219 -7.79 36.01 8.52
C GLU A 219 -9.11 35.54 7.93
N GLY A 220 -10.19 35.69 8.71
CA GLY A 220 -11.53 35.37 8.25
C GLY A 220 -12.43 36.60 8.26
N LYS A 221 -13.59 36.45 7.61
CA LYS A 221 -14.64 37.47 7.62
C LYS A 221 -15.95 36.81 8.06
N ARG A 222 -16.54 37.33 9.14
CA ARG A 222 -17.80 36.82 9.68
C ARG A 222 -18.65 37.99 10.14
N GLY A 223 -19.85 38.12 9.58
CA GLY A 223 -20.75 39.20 9.95
C GLY A 223 -20.18 40.58 9.73
N GLY A 224 -19.31 40.73 8.72
CA GLY A 224 -18.63 41.98 8.46
C GLY A 224 -17.37 42.19 9.24
N ARG A 225 -17.17 41.44 10.33
CA ARG A 225 -15.99 41.55 11.17
C ARG A 225 -14.84 40.70 10.62
N THR A 226 -13.63 41.16 10.93
CA THR A 226 -12.41 40.42 10.60
C THR A 226 -12.00 39.58 11.81
N THR A 227 -11.77 38.29 11.56
CA THR A 227 -11.41 37.34 12.59
C THR A 227 -9.95 36.92 12.47
N ASN A 228 -9.32 36.66 13.62
CA ASN A 228 -7.89 36.35 13.68
C ASN A 228 -7.71 34.84 13.61
N ILE A 229 -7.50 34.31 12.41
CA ILE A 229 -7.36 32.88 12.20
C ILE A 229 -5.90 32.44 12.30
N LYS A 230 -5.04 33.00 11.44
CA LYS A 230 -3.62 32.61 11.46
C LYS A 230 -2.97 32.93 12.80
N LYS A 231 -3.36 34.05 13.42
CA LYS A 231 -2.78 34.44 14.71
C LYS A 231 -2.98 33.34 15.75
N LEU A 232 -4.17 32.75 15.78
CA LEU A 232 -4.45 31.67 16.72
C LEU A 232 -3.64 30.42 16.40
N CYS A 233 -3.44 30.12 15.11
CA CYS A 233 -2.59 28.99 14.73
C CYS A 233 -1.17 29.18 15.21
N ASP A 234 -0.58 30.36 14.94
CA ASP A 234 0.77 30.62 15.40
C ASP A 234 0.87 30.37 16.90
N GLU A 235 -0.12 30.85 17.66
CA GLU A 235 -0.12 30.68 19.11
C GLU A 235 -0.13 29.20 19.49
N ALA A 236 -1.02 28.43 18.89
CA ALA A 236 -1.10 27.01 19.18
C ALA A 236 0.15 26.27 18.74
N LEU A 237 0.70 26.62 17.58
CA LEU A 237 1.76 25.83 16.96
C LEU A 237 3.07 25.85 17.73
N VAL A 238 3.28 26.83 18.62
CA VAL A 238 4.50 26.81 19.42
C VAL A 238 4.59 25.54 20.27
N ASP A 239 3.47 24.85 20.49
CA ASP A 239 3.43 23.64 21.30
C ASP A 239 2.96 22.44 20.49
N CYS A 240 3.16 22.47 19.17
CA CYS A 240 2.77 21.39 18.27
C CYS A 240 3.98 20.96 17.47
N PRO A 241 4.86 20.13 18.05
CA PRO A 241 6.12 19.81 17.38
C PRO A 241 5.97 18.94 16.14
N THR A 242 4.86 18.23 15.95
CA THR A 242 4.76 17.37 14.77
C THR A 242 4.41 18.14 13.49
N VAL A 243 3.90 19.36 13.60
CA VAL A 243 3.48 20.11 12.41
C VAL A 243 4.73 20.64 11.72
N GLU A 244 5.01 20.13 10.52
CA GLU A 244 6.20 20.48 9.78
C GLU A 244 5.97 21.63 8.81
N LYS A 245 4.78 21.74 8.24
CA LYS A 245 4.52 22.78 7.26
C LYS A 245 3.06 23.23 7.39
N VAL A 246 2.82 24.49 7.04
CA VAL A 246 1.51 25.12 7.10
C VAL A 246 1.24 25.79 5.76
N LEU A 247 0.07 25.53 5.19
CA LEU A 247 -0.36 26.17 3.97
C LEU A 247 -1.39 27.24 4.32
N VAL A 248 -1.15 28.46 3.85
CA VAL A 248 -1.89 29.65 4.27
C VAL A 248 -2.57 30.27 3.08
N TYR A 249 -3.90 30.30 3.09
CA TYR A 249 -4.66 30.95 2.03
C TYR A 249 -4.84 32.43 2.34
N LYS A 250 -4.74 33.26 1.31
CA LYS A 250 -4.88 34.71 1.44
C LYS A 250 -6.36 35.07 1.33
N ARG A 251 -7.07 34.91 2.45
CA ARG A 251 -8.49 35.24 2.48
C ARG A 251 -8.71 36.75 2.50
N THR A 252 -7.90 37.49 3.25
CA THR A 252 -7.92 38.95 3.23
C THR A 252 -6.71 39.56 2.56
N ASN A 253 -5.60 38.81 2.43
CA ASN A 253 -4.38 39.32 1.84
C ASN A 253 -3.80 40.48 2.65
N ASN A 254 -4.07 40.49 3.95
CA ASN A 254 -3.53 41.51 4.84
C ASN A 254 -2.02 41.36 4.97
N PRO A 255 -1.21 42.34 4.54
CA PRO A 255 0.25 42.17 4.58
C PRO A 255 0.85 42.14 5.98
N GLU A 256 0.09 42.51 7.01
CA GLU A 256 0.62 42.50 8.36
C GLU A 256 0.58 41.13 9.00
N ILE A 257 0.08 40.11 8.31
CA ILE A 257 -0.02 38.76 8.86
C ILE A 257 1.30 38.03 8.60
N HIS A 258 1.97 37.64 9.68
CA HIS A 258 3.31 37.09 9.60
C HIS A 258 3.27 35.61 9.25
N LEU A 259 4.19 35.20 8.37
CA LEU A 259 4.44 33.81 8.06
C LEU A 259 5.81 33.42 8.60
N THR A 260 5.89 32.29 9.28
CA THR A 260 7.14 31.82 9.85
C THR A 260 7.98 31.15 8.76
N GLU A 261 9.19 31.66 8.55
CA GLU A 261 10.06 31.15 7.50
C GLU A 261 10.36 29.67 7.73
N GLY A 262 10.30 28.89 6.65
CA GLY A 262 10.59 27.48 6.70
C GLY A 262 9.44 26.59 7.15
N ARG A 263 8.35 27.16 7.66
CA ARG A 263 7.19 26.39 8.09
C ARG A 263 5.95 26.74 7.30
N ASP A 264 5.66 28.04 7.12
CA ASP A 264 4.43 28.52 6.53
C ASP A 264 4.64 28.89 5.07
N TYR A 265 3.67 28.51 4.23
CA TYR A 265 3.74 28.79 2.81
C TYR A 265 2.35 29.21 2.32
N TYR A 266 2.34 29.97 1.23
CA TYR A 266 1.12 30.53 0.71
C TYR A 266 0.44 29.56 -0.25
N TRP A 267 -0.86 29.39 -0.07
CA TRP A 267 -1.67 28.53 -0.93
C TRP A 267 -1.45 28.83 -2.40
N ASP A 268 -1.55 30.10 -2.79
CA ASP A 268 -1.45 30.48 -4.20
C ASP A 268 -0.04 30.26 -4.76
N VAL A 269 0.98 30.58 -3.97
CA VAL A 269 2.35 30.41 -4.43
C VAL A 269 2.67 28.93 -4.66
N GLU A 270 2.25 28.05 -3.75
CA GLU A 270 2.64 26.65 -3.87
C GLU A 270 1.79 25.90 -4.88
N THR A 271 0.47 26.14 -4.92
CA THR A 271 -0.36 25.43 -5.89
C THR A 271 -0.03 25.79 -7.33
N ALA A 272 0.55 26.98 -7.57
CA ALA A 272 0.98 27.34 -8.91
C ALA A 272 2.11 26.47 -9.43
N LYS A 273 2.75 25.70 -8.56
CA LYS A 273 3.85 24.84 -8.96
C LYS A 273 3.41 23.47 -9.47
N PHE A 274 2.13 23.12 -9.37
CA PHE A 274 1.68 21.77 -9.64
C PHE A 274 0.54 21.73 -10.64
N PRO A 275 0.39 20.63 -11.37
CA PRO A 275 -0.64 20.55 -12.42
C PRO A 275 -2.01 20.28 -11.84
N GLY A 276 -3.02 20.59 -12.67
CA GLY A 276 -4.42 20.47 -12.33
C GLY A 276 -4.99 19.08 -12.39
N TYR A 277 -4.16 18.05 -12.51
CA TYR A 277 -4.62 16.68 -12.28
C TYR A 277 -3.56 15.93 -11.49
N LEU A 278 -4.01 15.17 -10.49
CA LEU A 278 -3.15 14.31 -9.69
C LEU A 278 -3.94 13.01 -9.49
N PRO A 279 -3.35 11.85 -9.72
CA PRO A 279 -4.09 10.59 -9.57
C PRO A 279 -4.54 10.37 -8.13
N PRO A 280 -5.78 9.97 -7.91
CA PRO A 280 -6.20 9.63 -6.54
C PRO A 280 -5.56 8.35 -6.05
N VAL A 281 -5.40 8.29 -4.73
CA VAL A 281 -4.76 7.16 -4.07
C VAL A 281 -5.86 6.23 -3.56
N SER A 282 -5.82 4.97 -4.01
CA SER A 282 -6.79 3.98 -3.54
C SER A 282 -6.54 3.66 -2.08
N VAL A 283 -7.62 3.63 -1.29
CA VAL A 283 -7.55 3.23 0.11
C VAL A 283 -8.58 2.13 0.33
N ASN A 284 -8.37 1.37 1.39
CA ASN A 284 -9.28 0.31 1.77
C ASN A 284 -10.57 0.91 2.33
N SER A 285 -11.66 0.17 2.19
CA SER A 285 -12.94 0.61 2.75
C SER A 285 -12.81 1.05 4.20
N GLU A 286 -11.99 0.35 4.99
CA GLU A 286 -11.89 0.61 6.42
C GLU A 286 -10.69 1.47 6.82
N ASP A 287 -9.90 1.95 5.86
CA ASP A 287 -8.92 2.96 6.21
C ASP A 287 -9.64 4.23 6.67
N PRO A 288 -9.06 4.97 7.61
CA PRO A 288 -9.75 6.15 8.13
C PRO A 288 -9.87 7.25 7.09
N LEU A 289 -11.07 7.83 6.98
CA LEU A 289 -11.29 9.00 6.13
C LEU A 289 -11.03 10.29 6.91
N PHE A 290 -11.54 10.40 8.14
CA PHE A 290 -11.27 11.62 8.89
C PHE A 290 -11.39 11.37 10.38
N LEU A 291 -10.76 12.27 11.15
CA LEU A 291 -10.96 12.43 12.58
C LEU A 291 -11.78 13.69 12.82
N LEU A 292 -12.75 13.60 13.71
CA LEU A 292 -13.55 14.76 14.11
C LEU A 292 -13.60 14.78 15.62
N TYR A 293 -12.95 15.78 16.22
CA TYR A 293 -12.84 15.83 17.67
C TYR A 293 -14.15 16.31 18.26
N THR A 294 -14.62 15.59 19.26
CA THR A 294 -15.90 15.78 19.90
C THR A 294 -15.69 15.91 21.40
N SER A 295 -16.60 16.59 22.06
CA SER A 295 -16.58 16.74 23.51
C SER A 295 -17.55 15.75 24.14
N GLY A 296 -17.14 15.17 25.27
CA GLY A 296 -17.99 14.28 26.01
C GLY A 296 -17.94 14.58 27.49
N SER A 297 -18.39 13.63 28.32
CA SER A 297 -18.30 13.77 29.77
C SER A 297 -16.93 13.31 30.27
N THR A 298 -15.87 13.95 29.75
CA THR A 298 -14.51 13.52 30.03
C THR A 298 -13.62 14.67 30.47
N GLY A 299 -13.57 15.74 29.68
CA GLY A 299 -12.67 16.86 29.90
C GLY A 299 -11.62 17.02 28.82
N THR A 300 -11.28 15.92 28.11
CA THR A 300 -10.38 15.99 26.97
C THR A 300 -11.11 15.61 25.68
N PRO A 301 -10.91 16.35 24.59
CA PRO A 301 -11.56 16.01 23.32
C PRO A 301 -11.12 14.64 22.80
N LYS A 302 -12.07 13.91 22.27
CA LYS A 302 -11.83 12.58 21.72
C LYS A 302 -11.97 12.65 20.21
N GLY A 303 -11.01 12.06 19.50
CA GLY A 303 -11.04 12.07 18.05
C GLY A 303 -11.91 10.95 17.51
N VAL A 304 -13.14 11.28 17.11
CA VAL A 304 -14.02 10.30 16.49
C VAL A 304 -13.50 9.98 15.09
N VAL A 305 -13.33 8.70 14.80
CA VAL A 305 -12.72 8.24 13.56
C VAL A 305 -13.79 7.59 12.69
N HIS A 306 -13.89 8.04 11.45
CA HIS A 306 -14.82 7.43 10.50
C HIS A 306 -14.06 6.73 9.39
N SER A 307 -14.59 5.58 9.00
CA SER A 307 -14.11 4.80 7.87
C SER A 307 -14.36 5.57 6.58
N THR A 308 -13.98 4.96 5.45
CA THR A 308 -14.19 5.57 4.14
C THR A 308 -15.46 5.06 3.46
N ALA A 309 -15.53 3.77 3.12
CA ALA A 309 -16.66 3.27 2.32
C ALA A 309 -17.98 3.38 3.08
N GLY A 310 -18.02 2.84 4.30
CA GLY A 310 -19.26 2.87 5.06
C GLY A 310 -19.75 4.28 5.34
N TYR A 311 -18.85 5.19 5.73
CA TYR A 311 -19.24 6.57 5.95
C TYR A 311 -19.80 7.19 4.67
N LEU A 312 -19.10 7.01 3.55
CA LEU A 312 -19.55 7.59 2.29
C LEU A 312 -20.88 7.00 1.86
N LEU A 313 -21.08 5.70 2.03
CA LEU A 313 -22.35 5.11 1.65
C LEU A 313 -23.48 5.69 2.48
N GLY A 314 -23.27 5.81 3.79
CA GLY A 314 -24.29 6.40 4.63
C GLY A 314 -24.61 7.82 4.23
N ALA A 315 -23.58 8.60 3.88
CA ALA A 315 -23.80 9.98 3.48
C ALA A 315 -24.64 10.04 2.21
N ALA A 316 -24.27 9.26 1.20
CA ALA A 316 -25.01 9.26 -0.04
C ALA A 316 -26.42 8.73 0.17
N LEU A 317 -26.55 7.66 0.97
CA LEU A 317 -27.83 7.01 1.14
C LEU A 317 -28.83 7.92 1.86
N SER A 318 -28.40 8.55 2.95
CA SER A 318 -29.31 9.43 3.67
C SER A 318 -29.58 10.70 2.88
N THR A 319 -28.56 11.28 2.25
CA THR A 319 -28.81 12.47 1.45
C THR A 319 -29.82 12.16 0.33
N LYS A 320 -29.70 11.00 -0.30
CA LYS A 320 -30.58 10.67 -1.40
C LYS A 320 -32.00 10.37 -0.91
N TYR A 321 -32.14 9.49 0.08
CA TYR A 321 -33.46 8.98 0.43
C TYR A 321 -34.18 9.83 1.48
N ILE A 322 -33.47 10.37 2.46
CA ILE A 322 -34.17 11.15 3.47
C ILE A 322 -34.51 12.54 2.95
N PHE A 323 -33.63 13.15 2.17
CA PHE A 323 -33.91 14.49 1.62
C PHE A 323 -34.59 14.45 0.25
N ASP A 324 -34.61 13.29 -0.42
CA ASP A 324 -35.13 13.16 -1.79
C ASP A 324 -34.36 14.04 -2.77
N ILE A 325 -33.08 13.72 -2.92
CA ILE A 325 -32.16 14.49 -3.76
C ILE A 325 -32.03 13.81 -5.12
N HIS A 326 -32.18 14.60 -6.18
CA HIS A 326 -32.06 14.15 -7.56
C HIS A 326 -30.96 14.93 -8.27
N PRO A 327 -30.52 14.50 -9.46
CA PRO A 327 -29.45 15.23 -10.16
C PRO A 327 -29.76 16.70 -10.42
N GLU A 328 -31.04 17.06 -10.55
CA GLU A 328 -31.43 18.44 -10.85
C GLU A 328 -31.46 19.35 -9.62
N ASP A 329 -31.33 18.79 -8.42
CA ASP A 329 -31.59 19.53 -7.19
C ASP A 329 -30.36 20.31 -6.75
N ILE A 330 -30.57 21.18 -5.76
CA ILE A 330 -29.55 22.09 -5.25
C ILE A 330 -29.73 22.18 -3.73
N LEU A 331 -28.71 21.81 -2.98
CA LEU A 331 -28.81 21.63 -1.53
C LEU A 331 -28.10 22.75 -0.80
N PHE A 332 -28.79 23.34 0.17
CA PHE A 332 -28.24 24.39 1.03
C PHE A 332 -28.30 23.88 2.46
N THR A 333 -27.18 23.33 2.92
CA THR A 333 -27.00 22.96 4.33
C THR A 333 -26.37 24.15 5.04
N ALA A 334 -27.16 24.84 5.85
CA ALA A 334 -26.69 26.01 6.60
C ALA A 334 -25.93 25.53 7.83
N GLY A 335 -24.78 24.92 7.56
CA GLY A 335 -23.91 24.43 8.61
C GLY A 335 -22.45 24.72 8.35
N ASP A 336 -21.58 24.05 9.11
CA ASP A 336 -20.14 24.31 9.10
C ASP A 336 -19.42 22.97 9.08
N VAL A 337 -18.36 22.89 8.27
CA VAL A 337 -17.54 21.67 8.25
C VAL A 337 -16.81 21.44 9.56
N GLY A 338 -16.76 22.42 10.45
CA GLY A 338 -16.20 22.16 11.77
C GLY A 338 -17.00 21.17 12.57
N TRP A 339 -18.22 20.86 12.12
CA TRP A 339 -19.12 19.94 12.79
C TRP A 339 -19.51 18.85 11.80
N ILE A 340 -20.04 17.77 12.34
CA ILE A 340 -20.38 16.64 11.48
C ILE A 340 -21.40 17.05 10.45
N THR A 341 -22.25 18.04 10.76
CA THR A 341 -23.28 18.48 9.84
C THR A 341 -22.68 18.92 8.51
N GLY A 342 -21.62 19.72 8.55
CA GLY A 342 -20.95 20.14 7.33
C GLY A 342 -20.23 19.01 6.62
N HIS A 343 -19.56 18.14 7.38
CA HIS A 343 -18.91 16.97 6.80
C HIS A 343 -19.87 16.22 5.89
N THR A 344 -21.01 15.80 6.44
CA THR A 344 -21.86 14.82 5.79
C THR A 344 -22.87 15.45 4.83
N TYR A 345 -23.43 16.60 5.16
CA TYR A 345 -24.53 17.14 4.36
C TYR A 345 -24.23 18.46 3.67
N ALA A 346 -23.07 19.07 3.91
CA ALA A 346 -22.60 20.14 3.06
C ALA A 346 -21.54 19.67 2.06
N LEU A 347 -20.77 18.63 2.38
CA LEU A 347 -19.70 18.15 1.52
C LEU A 347 -19.99 16.75 0.97
N TYR A 348 -19.86 15.68 1.78
CA TYR A 348 -19.76 14.34 1.20
C TYR A 348 -21.07 13.89 0.57
N GLY A 349 -22.19 14.07 1.27
CA GLY A 349 -23.48 13.65 0.77
C GLY A 349 -23.82 14.23 -0.59
N PRO A 350 -23.89 15.56 -0.69
CA PRO A 350 -24.26 16.16 -1.98
C PRO A 350 -23.22 15.92 -3.06
N LEU A 351 -21.92 16.04 -2.76
CA LEU A 351 -20.93 15.85 -3.81
C LEU A 351 -20.90 14.40 -4.29
N LEU A 352 -21.10 13.43 -3.38
CA LEU A 352 -21.18 12.04 -3.83
C LEU A 352 -22.29 11.88 -4.88
N LEU A 353 -23.43 12.54 -4.65
CA LEU A 353 -24.56 12.43 -5.55
C LEU A 353 -24.44 13.34 -6.78
N GLY A 354 -23.37 14.12 -6.85
CA GLY A 354 -23.09 14.93 -8.02
C GLY A 354 -23.92 16.17 -8.18
N VAL A 355 -24.49 16.70 -7.10
CA VAL A 355 -25.32 17.90 -7.18
C VAL A 355 -24.56 19.11 -6.63
N PRO A 356 -25.01 20.32 -6.89
CA PRO A 356 -24.37 21.49 -6.30
C PRO A 356 -24.75 21.63 -4.83
N THR A 357 -23.81 22.12 -4.06
CA THR A 357 -24.00 22.37 -2.64
C THR A 357 -23.61 23.80 -2.34
N ILE A 358 -24.42 24.47 -1.52
CA ILE A 358 -24.20 25.88 -1.20
C ILE A 358 -23.37 25.97 0.07
N ILE A 359 -22.19 26.58 -0.05
CA ILE A 359 -21.24 26.75 1.04
C ILE A 359 -21.32 28.20 1.48
N PHE A 360 -21.89 28.44 2.66
CA PHE A 360 -22.17 29.77 3.15
C PHE A 360 -21.21 30.13 4.27
N GLU A 361 -20.42 31.17 4.05
CA GLU A 361 -19.35 31.59 4.96
C GLU A 361 -19.81 32.50 6.08
N GLY A 362 -20.97 33.13 5.94
CA GLY A 362 -21.41 34.19 6.84
C GLY A 362 -22.32 33.70 7.94
N THR A 363 -23.17 34.60 8.41
CA THR A 363 -24.16 34.34 9.44
C THR A 363 -25.56 34.59 8.90
N PRO A 364 -26.58 34.05 9.57
CA PRO A 364 -27.97 34.33 9.14
C PRO A 364 -28.41 35.77 9.31
N ALA A 365 -27.63 36.62 9.99
CA ALA A 365 -28.06 37.96 10.33
C ALA A 365 -27.37 39.06 9.52
N TYR A 366 -26.40 38.72 8.68
CA TYR A 366 -25.59 39.73 8.02
C TYR A 366 -25.69 39.58 6.51
N PRO A 367 -25.92 40.67 5.76
CA PRO A 367 -26.11 42.06 6.23
C PRO A 367 -27.44 42.26 6.97
N ASP A 368 -28.39 41.33 6.83
CA ASP A 368 -29.65 41.39 7.56
C ASP A 368 -30.22 40.00 7.67
N TYR A 369 -31.36 39.89 8.34
CA TYR A 369 -31.92 38.58 8.67
C TYR A 369 -32.59 37.89 7.49
N GLY A 370 -32.55 38.47 6.29
CA GLY A 370 -33.03 37.80 5.11
C GLY A 370 -31.98 37.02 4.33
N ARG A 371 -30.77 36.92 4.85
CA ARG A 371 -29.65 36.37 4.07
C ARG A 371 -29.94 34.94 3.63
N PHE A 372 -30.38 34.08 4.55
CA PHE A 372 -30.70 32.70 4.19
C PHE A 372 -31.63 32.67 2.98
N TRP A 373 -32.70 33.49 3.00
CA TRP A 373 -33.72 33.42 1.97
C TRP A 373 -33.25 34.06 0.67
N GLN A 374 -32.42 35.10 0.78
CA GLN A 374 -31.83 35.68 -0.43
C GLN A 374 -30.98 34.65 -1.16
N ILE A 375 -30.24 33.83 -0.42
CA ILE A 375 -29.41 32.81 -1.02
C ILE A 375 -30.27 31.72 -1.67
N VAL A 376 -31.31 31.26 -0.98
CA VAL A 376 -32.19 30.24 -1.55
C VAL A 376 -32.81 30.73 -2.86
N GLU A 377 -33.28 31.97 -2.87
CA GLU A 377 -33.89 32.53 -4.07
C GLU A 377 -32.86 32.75 -5.17
N LYS A 378 -31.70 33.31 -4.82
CA LYS A 378 -30.66 33.56 -5.81
C LYS A 378 -30.33 32.31 -6.62
N HIS A 379 -30.19 31.17 -5.95
CA HIS A 379 -29.74 29.94 -6.60
C HIS A 379 -30.85 28.91 -6.80
N LYS A 380 -32.08 29.25 -6.45
CA LYS A 380 -33.23 28.36 -6.61
C LYS A 380 -32.99 27.04 -5.88
N ALA A 381 -32.49 27.13 -4.66
CA ALA A 381 -32.25 25.93 -3.87
C ALA A 381 -33.55 25.15 -3.71
N THR A 382 -33.44 23.83 -3.85
CA THR A 382 -34.57 22.93 -3.70
C THR A 382 -34.64 22.28 -2.32
N HIS A 383 -33.53 22.28 -1.57
CA HIS A 383 -33.43 21.62 -0.29
C HIS A 383 -32.72 22.56 0.68
N PHE A 384 -33.25 22.70 1.88
CA PHE A 384 -32.70 23.59 2.88
C PHE A 384 -32.61 22.85 4.21
N TYR A 385 -31.46 22.95 4.88
CA TYR A 385 -31.14 22.16 6.06
C TYR A 385 -30.55 23.11 7.10
N VAL A 386 -31.23 23.24 8.25
CA VAL A 386 -30.92 24.31 9.19
C VAL A 386 -31.15 23.84 10.62
N ALA A 387 -30.48 24.51 11.56
CA ALA A 387 -30.55 24.23 12.99
C ALA A 387 -31.76 24.94 13.62
N PRO A 388 -32.48 24.28 14.53
CA PRO A 388 -33.55 25.00 15.23
C PRO A 388 -33.07 26.26 15.92
N THR A 389 -31.82 26.30 16.40
CA THR A 389 -31.32 27.53 17.01
C THR A 389 -31.47 28.71 16.07
N ALA A 390 -31.15 28.52 14.78
CA ALA A 390 -31.31 29.60 13.82
C ALA A 390 -32.78 29.92 13.57
N LEU A 391 -33.62 28.88 13.52
CA LEU A 391 -35.05 29.12 13.31
C LEU A 391 -35.64 29.95 14.43
N ARG A 392 -35.24 29.66 15.68
CA ARG A 392 -35.75 30.42 16.80
C ARG A 392 -35.29 31.88 16.72
N LEU A 393 -34.04 32.09 16.31
CA LEU A 393 -33.54 33.45 16.13
C LEU A 393 -34.29 34.18 15.02
N LEU A 394 -34.55 33.51 13.89
CA LEU A 394 -35.21 34.17 12.77
C LEU A 394 -36.68 34.44 13.09
N ARG A 395 -37.35 33.52 13.79
CA ARG A 395 -38.72 33.79 14.23
C ARG A 395 -38.76 35.00 15.14
N LYS A 396 -37.76 35.15 16.01
CA LYS A 396 -37.74 36.25 16.96
C LYS A 396 -37.43 37.58 16.31
N ALA A 397 -36.46 37.61 15.38
CA ALA A 397 -35.89 38.85 14.89
C ALA A 397 -36.06 39.11 13.40
N GLY A 398 -36.47 38.13 12.61
CA GLY A 398 -36.43 38.31 11.17
C GLY A 398 -37.62 37.80 10.38
N GLU A 399 -38.77 37.63 11.05
CA GLU A 399 -39.93 37.08 10.35
C GLU A 399 -40.35 38.00 9.20
N GLN A 400 -40.23 39.32 9.39
CA GLN A 400 -40.65 40.27 8.37
C GLN A 400 -39.79 40.20 7.11
N GLU A 401 -38.62 39.56 7.16
CA GLU A 401 -37.77 39.47 5.98
C GLU A 401 -38.26 38.40 4.99
N ILE A 402 -39.01 37.41 5.46
CA ILE A 402 -39.33 36.26 4.62
C ILE A 402 -40.18 36.67 3.43
N ALA A 403 -41.16 37.56 3.64
CA ALA A 403 -42.08 37.94 2.59
C ALA A 403 -41.37 38.62 1.41
N LYS A 404 -40.10 38.98 1.55
CA LYS A 404 -39.39 39.66 0.48
C LYS A 404 -38.85 38.72 -0.58
N TYR A 405 -38.93 37.41 -0.35
CA TYR A 405 -38.19 36.47 -1.18
C TYR A 405 -39.11 35.38 -1.73
N ASP A 406 -38.80 34.96 -2.95
CA ASP A 406 -39.47 33.83 -3.59
C ASP A 406 -38.77 32.56 -3.14
N LEU A 407 -39.46 31.76 -2.31
CA LEU A 407 -38.91 30.52 -1.79
C LEU A 407 -39.58 29.30 -2.40
N SER A 408 -40.25 29.46 -3.54
CA SER A 408 -41.03 28.40 -4.14
C SER A 408 -40.17 27.33 -4.80
N SER A 409 -38.86 27.55 -4.93
CA SER A 409 -38.00 26.49 -5.43
C SER A 409 -37.84 25.36 -4.42
N LEU A 410 -38.09 25.63 -3.14
CA LEU A 410 -37.89 24.62 -2.09
C LEU A 410 -38.99 23.56 -2.11
N ARG A 411 -38.60 22.32 -1.76
CA ARG A 411 -39.58 21.29 -1.42
C ARG A 411 -39.24 20.48 -0.19
N THR A 412 -37.98 20.40 0.24
CA THR A 412 -37.59 19.69 1.45
C THR A 412 -36.95 20.65 2.43
N LEU A 413 -37.49 20.70 3.65
CA LEU A 413 -36.96 21.52 4.74
C LEU A 413 -36.49 20.60 5.86
N GLY A 414 -35.19 20.58 6.12
CA GLY A 414 -34.61 19.75 7.15
C GLY A 414 -34.29 20.54 8.41
N SER A 415 -34.38 19.86 9.55
CA SER A 415 -33.93 20.39 10.83
C SER A 415 -32.73 19.57 11.28
N VAL A 416 -31.61 20.24 11.54
CA VAL A 416 -30.31 19.56 11.60
C VAL A 416 -30.28 18.55 12.73
N GLY A 417 -30.65 18.96 13.94
CA GLY A 417 -30.57 18.04 15.06
C GLY A 417 -30.61 18.66 16.43
N GLU A 418 -31.81 19.06 16.85
CA GLU A 418 -32.04 19.62 18.18
C GLU A 418 -33.51 19.41 18.50
N PRO A 419 -33.87 19.37 19.77
CA PRO A 419 -35.30 19.35 20.12
C PRO A 419 -36.02 20.49 19.40
N ILE A 420 -36.94 20.14 18.53
CA ILE A 420 -37.80 21.10 17.84
C ILE A 420 -39.19 20.99 18.46
N SER A 421 -39.67 22.08 19.04
CA SER A 421 -41.02 22.09 19.59
C SER A 421 -42.06 22.04 18.46
N PRO A 422 -43.27 21.59 18.76
CA PRO A 422 -44.33 21.64 17.72
C PRO A 422 -44.57 23.03 17.17
N ASP A 423 -44.40 24.07 17.99
CA ASP A 423 -44.64 25.43 17.53
C ASP A 423 -43.61 25.86 16.49
N ILE A 424 -42.32 25.58 16.76
CA ILE A 424 -41.29 25.88 15.77
C ILE A 424 -41.47 25.04 14.53
N TRP A 425 -41.86 23.77 14.69
CA TRP A 425 -42.14 22.94 13.53
C TRP A 425 -43.21 23.59 12.67
N GLU A 426 -44.30 24.05 13.31
CA GLU A 426 -45.37 24.73 12.58
C GLU A 426 -44.89 26.03 11.96
N TRP A 427 -44.08 26.80 12.71
CA TRP A 427 -43.54 28.05 12.17
C TRP A 427 -42.69 27.78 10.93
N TYR A 428 -41.76 26.83 11.05
CA TYR A 428 -40.95 26.43 9.90
C TYR A 428 -41.84 26.02 8.73
N ASN A 429 -42.85 25.20 9.02
CA ASN A 429 -43.70 24.65 7.98
C ASN A 429 -44.48 25.75 7.27
N GLU A 430 -44.94 26.75 8.01
CA GLU A 430 -45.78 27.80 7.45
C GLU A 430 -44.96 28.94 6.83
N PHE A 431 -44.03 29.52 7.59
CA PHE A 431 -43.41 30.75 7.13
C PHE A 431 -42.31 30.51 6.11
N VAL A 432 -41.62 29.39 6.16
CA VAL A 432 -40.61 29.05 5.17
C VAL A 432 -41.18 28.18 4.06
N GLY A 433 -41.94 27.14 4.42
CA GLY A 433 -42.45 26.18 3.47
C GLY A 433 -43.79 26.51 2.85
N LYS A 434 -44.47 27.53 3.36
CA LYS A 434 -45.80 27.91 2.87
C LYS A 434 -46.77 26.74 2.94
N ASN A 435 -46.53 25.81 3.86
CA ASN A 435 -47.36 24.63 4.01
C ASN A 435 -47.36 23.76 2.76
N GLN A 436 -46.27 23.84 1.98
CA GLN A 436 -46.14 23.08 0.75
C GLN A 436 -44.93 22.17 0.71
N CYS A 437 -44.06 22.24 1.70
CA CYS A 437 -42.82 21.46 1.72
C CYS A 437 -42.93 20.32 2.72
N HIS A 438 -42.08 19.32 2.53
CA HIS A 438 -41.91 18.26 3.50
C HIS A 438 -40.83 18.66 4.50
N ILE A 439 -41.07 18.37 5.78
CA ILE A 439 -40.11 18.66 6.84
C ILE A 439 -39.43 17.37 7.29
N SER A 440 -38.10 17.41 7.39
CA SER A 440 -37.30 16.26 7.85
C SER A 440 -36.57 16.67 9.13
N ASP A 441 -37.14 16.32 10.27
CA ASP A 441 -36.48 16.44 11.57
C ASP A 441 -35.55 15.23 11.72
N THR A 442 -34.25 15.45 11.50
CA THR A 442 -33.28 14.35 11.44
C THR A 442 -32.61 14.20 12.79
N TYR A 443 -32.68 13.00 13.36
CA TYR A 443 -31.97 12.67 14.58
C TYR A 443 -30.71 11.87 14.22
N TRP A 444 -29.58 12.30 14.76
CA TRP A 444 -28.29 11.64 14.54
C TRP A 444 -27.27 12.32 15.43
N GLN A 445 -26.01 11.90 15.30
CA GLN A 445 -24.94 12.42 16.14
C GLN A 445 -23.61 12.21 15.43
N THR A 446 -22.59 12.90 15.93
CA THR A 446 -21.26 12.84 15.30
C THR A 446 -20.83 11.39 15.07
N GLU A 447 -21.04 10.52 16.07
CA GLU A 447 -20.57 9.14 15.98
C GLU A 447 -21.42 8.28 15.05
N SER A 448 -22.62 8.73 14.66
CA SER A 448 -23.40 7.92 13.75
C SER A 448 -23.02 8.17 12.29
N GLY A 449 -22.29 9.24 12.00
CA GLY A 449 -21.87 9.53 10.63
C GLY A 449 -22.97 10.12 9.78
N SER A 450 -24.18 9.56 9.89
CA SER A 450 -25.31 9.99 9.08
C SER A 450 -26.59 9.73 9.85
N HIS A 451 -27.71 10.09 9.23
CA HIS A 451 -29.02 10.06 9.89
C HIS A 451 -29.32 8.67 10.45
N LEU A 452 -29.86 8.65 11.68
CA LEU A 452 -30.34 7.43 12.34
C LEU A 452 -31.86 7.29 12.29
N ILE A 453 -32.59 8.38 12.53
CA ILE A 453 -34.06 8.40 12.57
C ILE A 453 -34.52 9.71 11.91
N ALA A 454 -35.31 9.61 10.85
CA ALA A 454 -35.74 10.82 10.15
C ALA A 454 -36.90 10.52 9.21
N PRO A 455 -37.80 11.49 8.97
CA PRO A 455 -38.88 11.25 8.00
C PRO A 455 -38.37 11.43 6.57
N LEU A 456 -38.51 10.36 5.77
CA LEU A 456 -38.09 10.44 4.37
C LEU A 456 -38.99 11.40 3.59
N ALA A 457 -38.36 12.36 2.89
CA ALA A 457 -39.12 13.38 2.17
C ALA A 457 -39.99 12.73 1.09
N GLY A 458 -41.27 13.10 1.10
CA GLY A 458 -42.25 12.57 0.18
C GLY A 458 -42.76 11.19 0.52
N VAL A 459 -42.35 10.61 1.64
CA VAL A 459 -42.67 9.22 1.93
C VAL A 459 -43.33 9.05 3.29
N VAL A 460 -42.70 9.57 4.33
CA VAL A 460 -43.13 9.34 5.70
C VAL A 460 -43.98 10.53 6.15
N PRO A 461 -45.24 10.32 6.56
CA PRO A 461 -46.00 11.42 7.17
C PRO A 461 -45.38 11.84 8.50
N ASN A 462 -45.55 13.11 8.82
CA ASN A 462 -44.90 13.72 9.97
C ASN A 462 -45.83 13.82 11.18
N LYS A 463 -45.24 13.70 12.37
CA LYS A 463 -45.82 14.18 13.61
C LYS A 463 -44.91 15.29 14.10
N PRO A 464 -45.37 16.54 14.22
CA PRO A 464 -44.45 17.62 14.57
C PRO A 464 -43.74 17.37 15.89
N GLY A 465 -42.41 17.39 15.85
CA GLY A 465 -41.60 17.12 17.01
C GLY A 465 -41.08 15.70 17.12
N SER A 466 -41.50 14.81 16.22
CA SER A 466 -41.03 13.43 16.20
C SER A 466 -40.10 13.19 15.02
N ALA A 467 -39.00 12.49 15.27
CA ALA A 467 -38.10 12.14 14.18
C ALA A 467 -38.62 11.00 13.32
N SER A 468 -39.69 10.34 13.75
CA SER A 468 -40.42 9.28 13.02
C SER A 468 -39.66 7.95 13.05
N TYR A 469 -39.35 7.35 11.85
CA TYR A 469 -38.90 5.97 11.79
C TYR A 469 -37.38 5.90 11.73
N PRO A 470 -36.80 4.81 12.26
CA PRO A 470 -35.36 4.57 12.02
C PRO A 470 -35.08 4.35 10.54
N PHE A 471 -33.88 4.75 10.12
CA PHE A 471 -33.44 4.67 8.73
C PHE A 471 -32.84 3.29 8.42
N PHE A 472 -32.65 3.03 7.12
CA PHE A 472 -32.05 1.78 6.67
C PHE A 472 -30.84 1.40 7.51
N GLY A 473 -30.79 0.14 7.93
CA GLY A 473 -29.67 -0.38 8.71
C GLY A 473 -29.66 0.00 10.17
N ILE A 474 -30.65 0.75 10.64
CA ILE A 474 -30.71 1.22 12.01
C ILE A 474 -31.82 0.45 12.73
N ASP A 475 -31.43 -0.51 13.56
CA ASP A 475 -32.38 -1.29 14.35
C ASP A 475 -32.44 -0.67 15.75
N ALA A 476 -33.34 0.29 15.93
CA ALA A 476 -33.41 1.05 17.18
C ALA A 476 -34.21 0.29 18.24
N ALA A 477 -33.87 0.55 19.49
CA ALA A 477 -34.52 -0.08 20.63
C ALA A 477 -34.51 0.87 21.82
N LEU A 478 -35.43 0.63 22.74
CA LEU A 478 -35.46 1.31 24.03
C LEU A 478 -35.11 0.32 25.13
N ILE A 479 -34.26 0.75 26.07
CA ILE A 479 -33.78 -0.13 27.13
C ILE A 479 -34.25 0.45 28.46
N ASP A 480 -34.78 -0.42 29.30
CA ASP A 480 -35.22 -0.04 30.65
C ASP A 480 -34.03 0.44 31.47
N PRO A 481 -34.04 1.67 32.00
CA PRO A 481 -32.87 2.17 32.73
C PRO A 481 -32.62 1.46 34.05
N VAL A 482 -33.63 0.77 34.59
CA VAL A 482 -33.45 0.07 35.86
C VAL A 482 -32.86 -1.32 35.62
N THR A 483 -33.37 -2.05 34.63
CA THR A 483 -33.06 -3.45 34.44
C THR A 483 -32.07 -3.73 33.32
N GLY A 484 -31.78 -2.75 32.47
CA GLY A 484 -30.89 -2.98 31.35
C GLY A 484 -31.46 -3.85 30.26
N VAL A 485 -32.74 -4.18 30.32
CA VAL A 485 -33.40 -5.09 29.38
C VAL A 485 -34.16 -4.31 28.31
N GLU A 486 -34.11 -4.80 27.08
CA GLU A 486 -34.79 -4.16 25.97
C GLU A 486 -36.31 -4.21 26.18
N ILE A 487 -36.98 -3.11 25.83
CA ILE A 487 -38.42 -2.96 26.03
C ILE A 487 -39.18 -3.39 24.77
N GLU A 488 -40.07 -4.37 24.94
CA GLU A 488 -40.91 -4.83 23.84
C GLU A 488 -42.19 -4.01 23.77
N GLY A 489 -42.72 -3.85 22.57
CA GLY A 489 -43.98 -3.17 22.40
C GLY A 489 -43.83 -1.66 22.40
N ASN A 490 -44.95 -0.99 22.12
CA ASN A 490 -45.01 0.44 21.89
C ASN A 490 -45.66 1.15 23.07
N ASP A 491 -45.76 2.48 22.97
CA ASP A 491 -46.12 3.32 24.10
C ASP A 491 -45.12 3.12 25.24
N ALA A 492 -43.85 3.25 24.89
CA ALA A 492 -42.74 2.94 25.79
C ALA A 492 -41.73 4.07 25.78
N GLU A 493 -40.90 4.09 26.82
CA GLU A 493 -39.83 5.07 26.97
C GLU A 493 -38.63 4.40 27.63
N GLY A 494 -37.44 4.90 27.32
CA GLY A 494 -36.24 4.39 27.96
C GLY A 494 -35.00 4.91 27.27
N VAL A 495 -33.89 4.20 27.49
CA VAL A 495 -32.61 4.56 26.88
C VAL A 495 -32.63 4.14 25.42
N LEU A 496 -32.24 5.06 24.53
CA LEU A 496 -32.22 4.79 23.11
C LEU A 496 -30.93 4.06 22.74
N ALA A 497 -31.08 2.88 22.15
CA ALA A 497 -29.92 2.06 21.80
C ALA A 497 -30.14 1.44 20.43
N ILE A 498 -29.04 1.06 19.78
CA ILE A 498 -29.08 0.44 18.46
C ILE A 498 -28.50 -0.96 18.55
N LYS A 499 -29.17 -1.90 17.90
CA LYS A 499 -28.98 -3.32 18.14
C LYS A 499 -27.93 -3.96 17.25
N ASP A 500 -27.44 -3.25 16.25
CA ASP A 500 -26.35 -3.73 15.41
C ASP A 500 -25.67 -2.52 14.81
N HIS A 501 -24.43 -2.70 14.37
CA HIS A 501 -23.73 -1.57 13.78
C HIS A 501 -24.25 -1.32 12.36
N TRP A 502 -23.88 -0.17 11.82
CA TRP A 502 -24.35 0.29 10.52
C TRP A 502 -23.19 0.88 9.74
N PRO A 503 -23.36 1.06 8.42
CA PRO A 503 -22.18 1.37 7.58
C PRO A 503 -21.39 2.60 8.02
N SER A 504 -22.05 3.68 8.44
CA SER A 504 -21.36 4.92 8.75
C SER A 504 -21.07 5.09 10.24
N MET A 505 -21.22 4.03 11.04
CA MET A 505 -20.89 4.15 12.45
C MET A 505 -19.41 4.44 12.64
N ALA A 506 -19.11 5.35 13.57
CA ALA A 506 -17.72 5.60 13.90
C ALA A 506 -17.05 4.30 14.34
N ARG A 507 -15.77 4.14 13.97
CA ARG A 507 -15.06 2.88 14.17
C ARG A 507 -14.18 2.85 15.40
N THR A 508 -13.71 4.00 15.87
CA THR A 508 -12.87 4.04 17.06
C THR A 508 -12.74 5.49 17.51
N VAL A 509 -12.10 5.67 18.66
CA VAL A 509 -11.56 6.96 19.09
C VAL A 509 -10.05 6.89 18.88
N TYR A 510 -9.50 7.91 18.23
CA TYR A 510 -8.14 7.85 17.70
C TYR A 510 -7.14 7.46 18.79
N LYS A 511 -6.45 6.34 18.56
CA LYS A 511 -5.43 5.80 19.48
C LYS A 511 -5.97 5.64 20.90
N ASN A 512 -7.28 5.47 21.04
CA ASN A 512 -7.89 5.27 22.34
C ASN A 512 -9.14 4.40 22.21
N HIS A 513 -8.98 3.20 21.64
CA HIS A 513 -10.12 2.32 21.43
C HIS A 513 -10.81 1.92 22.73
N THR A 514 -10.09 1.91 23.85
CA THR A 514 -10.74 1.54 25.10
C THR A 514 -11.76 2.59 25.53
N LYS A 515 -11.43 3.87 25.33
CA LYS A 515 -12.41 4.93 25.58
C LYS A 515 -13.64 4.76 24.69
N TYR A 516 -13.42 4.38 23.43
CA TYR A 516 -14.54 4.10 22.53
C TYR A 516 -15.42 2.99 23.09
N MET A 517 -14.81 1.87 23.50
CA MET A 517 -15.60 0.76 24.03
C MET A 517 -16.38 1.19 25.27
N ASP A 518 -15.70 1.85 26.22
CA ASP A 518 -16.33 2.22 27.48
C ASP A 518 -17.47 3.21 27.26
N THR A 519 -17.41 4.01 26.20
CA THR A 519 -18.42 5.02 25.95
C THR A 519 -19.64 4.49 25.22
N TYR A 520 -19.44 3.62 24.21
CA TYR A 520 -20.50 3.27 23.28
C TYR A 520 -20.99 1.83 23.38
N MET A 521 -20.09 0.88 23.64
CA MET A 521 -20.41 -0.54 23.54
C MET A 521 -20.54 -1.26 24.88
N ASN A 522 -19.88 -0.80 25.93
CA ASN A 522 -19.87 -1.52 27.19
C ASN A 522 -21.03 -1.17 28.12
N PRO A 523 -21.58 0.05 28.09
CA PRO A 523 -22.68 0.36 29.01
C PRO A 523 -23.88 -0.56 28.87
N TYR A 524 -24.27 -0.89 27.64
CA TYR A 524 -25.39 -1.79 27.37
C TYR A 524 -24.87 -2.86 26.43
N PRO A 525 -24.29 -3.95 26.97
CA PRO A 525 -23.63 -4.94 26.13
C PRO A 525 -24.55 -5.51 25.06
N GLY A 526 -24.03 -5.61 23.85
CA GLY A 526 -24.81 -6.00 22.71
C GLY A 526 -25.47 -4.85 21.99
N TYR A 527 -25.34 -3.64 22.51
CA TYR A 527 -25.99 -2.48 21.95
C TYR A 527 -24.98 -1.34 21.77
N TYR A 528 -25.34 -0.41 20.91
CA TYR A 528 -24.70 0.89 20.81
C TYR A 528 -25.47 1.90 21.65
N PHE A 529 -24.78 2.59 22.54
CA PHE A 529 -25.39 3.54 23.48
C PHE A 529 -25.32 4.94 22.89
N THR A 530 -26.49 5.51 22.54
CA THR A 530 -26.56 6.83 21.93
C THR A 530 -26.33 7.96 22.92
N GLY A 531 -26.47 7.71 24.22
CA GLY A 531 -26.50 8.76 25.20
C GLY A 531 -27.82 9.49 25.33
N ASP A 532 -28.82 9.14 24.51
CA ASP A 532 -30.12 9.78 24.52
C ASP A 532 -31.18 8.89 25.12
N GLY A 533 -32.22 9.52 25.65
CA GLY A 533 -33.46 8.85 25.98
C GLY A 533 -34.48 9.16 24.89
N ALA A 534 -35.48 8.28 24.78
CA ALA A 534 -36.46 8.42 23.72
C ALA A 534 -37.73 7.68 24.12
N ALA A 535 -38.78 7.94 23.34
CA ALA A 535 -40.07 7.27 23.48
C ALA A 535 -40.54 6.79 22.12
N ARG A 536 -41.29 5.70 22.11
CA ARG A 536 -41.79 5.08 20.88
C ARG A 536 -43.30 4.92 21.01
N ASP A 537 -44.06 5.55 20.11
CA ASP A 537 -45.51 5.58 20.25
C ASP A 537 -46.14 4.40 19.52
N HIS A 538 -47.48 4.36 19.52
CA HIS A 538 -48.19 3.20 19.01
C HIS A 538 -48.01 3.01 17.51
N ASP A 539 -47.59 4.05 16.79
CA ASP A 539 -47.28 3.93 15.38
C ASP A 539 -45.81 3.61 15.11
N GLY A 540 -45.00 3.48 16.15
CA GLY A 540 -43.58 3.23 15.98
C GLY A 540 -42.74 4.45 15.73
N TYR A 541 -43.33 5.65 15.83
CA TYR A 541 -42.57 6.88 15.72
C TYR A 541 -41.76 7.12 16.99
N TYR A 542 -40.51 7.54 16.83
CA TYR A 542 -39.64 7.85 17.95
C TYR A 542 -39.72 9.33 18.31
N TRP A 543 -39.71 9.60 19.60
CA TRP A 543 -39.69 10.96 20.15
C TRP A 543 -38.44 11.10 21.00
N ILE A 544 -37.49 11.93 20.56
CA ILE A 544 -36.24 12.10 21.28
C ILE A 544 -36.49 12.92 22.54
N ARG A 545 -35.98 12.46 23.68
CA ARG A 545 -36.19 13.14 24.94
C ARG A 545 -34.91 13.72 25.52
N GLY A 546 -33.80 13.63 24.82
CA GLY A 546 -32.58 14.30 25.20
C GLY A 546 -31.65 13.41 25.97
N ARG A 547 -30.49 13.99 26.26
CA ARG A 547 -29.37 13.21 26.78
C ARG A 547 -29.67 12.66 28.18
N VAL A 548 -29.30 11.41 28.41
CA VAL A 548 -29.30 10.83 29.74
C VAL A 548 -27.94 10.93 30.43
N ASP A 549 -26.90 11.33 29.70
CA ASP A 549 -25.53 11.33 30.22
C ASP A 549 -25.01 12.73 30.50
N ASP A 550 -25.91 13.70 30.71
CA ASP A 550 -25.55 15.04 31.17
C ASP A 550 -24.61 15.77 30.20
N VAL A 551 -24.61 15.40 28.92
CA VAL A 551 -23.87 16.17 27.93
C VAL A 551 -24.73 17.37 27.55
N VAL A 552 -24.08 18.52 27.36
CA VAL A 552 -24.78 19.78 27.13
C VAL A 552 -24.53 20.27 25.71
N ASN A 553 -25.60 20.63 25.03
CA ASN A 553 -25.58 21.09 23.64
C ASN A 553 -26.09 22.52 23.61
N VAL A 554 -25.22 23.46 23.26
CA VAL A 554 -25.54 24.89 23.23
C VAL A 554 -25.52 25.37 21.78
N SER A 555 -26.67 25.80 21.28
CA SER A 555 -26.80 26.28 19.90
C SER A 555 -26.36 25.20 18.91
N GLY A 556 -26.76 23.97 19.16
CA GLY A 556 -26.44 22.86 18.28
C GLY A 556 -25.04 22.31 18.45
N HIS A 557 -24.21 22.97 19.25
CA HIS A 557 -22.81 22.62 19.46
C HIS A 557 -22.65 21.82 20.75
N ARG A 558 -22.03 20.65 20.65
CA ARG A 558 -21.83 19.78 21.80
C ARG A 558 -20.65 20.28 22.63
N LEU A 559 -20.89 20.49 23.92
CA LEU A 559 -19.89 21.02 24.85
C LEU A 559 -19.62 20.03 25.98
N SER A 560 -18.43 20.16 26.56
CA SER A 560 -18.02 19.40 27.73
C SER A 560 -18.07 20.30 28.94
N THR A 561 -19.00 20.04 29.85
CA THR A 561 -19.05 20.80 31.09
C THR A 561 -17.74 20.68 31.87
N ALA A 562 -17.11 19.50 31.82
CA ALA A 562 -15.86 19.28 32.55
C ALA A 562 -14.73 20.13 31.96
N GLU A 563 -14.70 20.25 30.64
CA GLU A 563 -13.68 21.10 30.01
C GLU A 563 -13.84 22.55 30.43
N ILE A 564 -15.08 23.02 30.55
CA ILE A 564 -15.30 24.40 31.01
C ILE A 564 -14.87 24.56 32.45
N GLU A 565 -15.16 23.58 33.31
CA GLU A 565 -14.70 23.64 34.70
C GLU A 565 -13.18 23.74 34.75
N ALA A 566 -12.49 22.89 33.98
CA ALA A 566 -11.04 22.92 33.94
C ALA A 566 -10.52 24.27 33.48
N ALA A 567 -11.19 24.87 32.49
CA ALA A 567 -10.75 26.19 32.03
C ALA A 567 -10.90 27.23 33.12
N LEU A 568 -12.00 27.21 33.88
CA LEU A 568 -12.19 28.17 34.95
C LEU A 568 -11.14 27.98 36.04
N ILE A 569 -10.76 26.73 36.32
CA ILE A 569 -9.81 26.47 37.39
C ILE A 569 -8.42 27.01 37.04
N GLU A 570 -8.10 27.11 35.75
CA GLU A 570 -6.82 27.68 35.35
C GLU A 570 -6.65 29.08 35.93
N ASP A 571 -7.74 29.83 36.03
CA ASP A 571 -7.71 31.11 36.73
C ASP A 571 -7.38 30.86 38.19
N LYS A 572 -6.24 31.37 38.64
CA LYS A 572 -5.74 31.04 39.96
C LYS A 572 -6.54 31.70 41.07
N LYS A 573 -7.41 32.65 40.75
CA LYS A 573 -8.31 33.18 41.77
C LYS A 573 -9.41 32.20 42.13
N VAL A 574 -9.60 31.14 41.33
CA VAL A 574 -10.67 30.16 41.52
C VAL A 574 -10.10 28.94 42.24
N SER A 575 -10.83 28.46 43.25
CA SER A 575 -10.50 27.23 43.97
C SER A 575 -11.33 26.04 43.52
N GLU A 576 -12.62 26.23 43.27
CA GLU A 576 -13.51 25.17 42.83
C GLU A 576 -14.46 25.72 41.77
N ALA A 577 -14.87 24.83 40.87
CA ALA A 577 -15.80 25.20 39.81
C ALA A 577 -16.68 24.01 39.47
N ALA A 578 -17.98 24.28 39.31
CA ALA A 578 -18.92 23.27 38.86
C ALA A 578 -19.82 23.87 37.79
N VAL A 579 -19.91 23.19 36.65
CA VAL A 579 -20.65 23.69 35.50
C VAL A 579 -21.78 22.72 35.17
N VAL A 580 -22.99 23.27 35.00
CA VAL A 580 -24.16 22.47 34.67
C VAL A 580 -24.90 23.14 33.51
N GLY A 581 -25.85 22.41 32.94
CA GLY A 581 -26.66 22.89 31.84
C GLY A 581 -28.09 23.11 32.28
N ILE A 582 -28.76 24.05 31.61
CA ILE A 582 -30.17 24.35 31.85
C ILE A 582 -30.82 24.71 30.51
N HIS A 583 -32.15 24.68 30.52
CA HIS A 583 -32.89 25.08 29.34
C HIS A 583 -32.68 26.55 29.03
N ASP A 584 -32.69 26.87 27.73
CA ASP A 584 -32.60 28.24 27.25
C ASP A 584 -33.51 28.40 26.04
N ASP A 585 -34.29 29.47 26.01
CA ASP A 585 -35.24 29.69 24.93
C ASP A 585 -34.55 30.01 23.62
N ILE A 586 -33.30 30.44 23.67
CA ILE A 586 -32.57 30.83 22.46
C ILE A 586 -31.63 29.69 22.04
N THR A 587 -30.72 29.31 22.92
CA THR A 587 -29.68 28.35 22.56
C THR A 587 -30.04 26.91 22.83
N GLY A 588 -31.29 26.63 23.21
CA GLY A 588 -31.68 25.27 23.51
C GLY A 588 -31.30 24.93 24.93
N GLN A 589 -30.00 24.89 25.20
CA GLN A 589 -29.46 24.78 26.53
C GLN A 589 -28.42 25.88 26.73
N ALA A 590 -28.19 26.22 27.99
CA ALA A 590 -27.20 27.20 28.39
C ALA A 590 -26.33 26.60 29.49
N VAL A 591 -25.12 27.11 29.58
CA VAL A 591 -24.15 26.64 30.58
C VAL A 591 -24.15 27.62 31.74
N ILE A 592 -24.31 27.10 32.95
CA ILE A 592 -24.26 27.90 34.18
C ILE A 592 -23.05 27.44 34.98
N ALA A 593 -22.18 28.38 35.31
CA ALA A 593 -20.94 28.09 36.02
C ALA A 593 -21.04 28.57 37.46
N TYR A 594 -20.74 27.68 38.40
CA TYR A 594 -20.67 28.00 39.82
C TYR A 594 -19.20 27.96 40.21
N VAL A 595 -18.73 29.04 40.83
CA VAL A 595 -17.33 29.21 41.16
C VAL A 595 -17.21 29.59 42.62
N ALA A 596 -16.33 28.90 43.35
CA ALA A 596 -15.91 29.31 44.68
C ALA A 596 -14.51 29.89 44.58
N LEU A 597 -14.33 31.11 45.07
CA LEU A 597 -13.05 31.79 45.02
C LEU A 597 -12.23 31.51 46.27
N LYS A 598 -10.93 31.75 46.18
CA LYS A 598 -10.02 31.48 47.29
C LYS A 598 -10.15 32.55 48.37
N GLU A 599 -9.92 33.82 48.01
CA GLU A 599 -10.08 34.96 48.91
C GLU A 599 -10.70 36.09 48.09
N GLY A 600 -12.04 36.17 48.10
CA GLY A 600 -12.74 37.09 47.24
C GLY A 600 -13.49 38.19 47.98
N ASN A 601 -14.83 38.08 47.99
CA ASN A 601 -15.68 39.09 48.60
C ASN A 601 -15.71 40.34 47.74
N SER A 602 -16.16 41.46 48.32
CA SER A 602 -16.27 42.72 47.59
C SER A 602 -17.27 42.58 46.44
N ASP A 603 -18.56 42.67 46.77
CA ASP A 603 -19.60 42.56 45.75
C ASP A 603 -19.52 43.65 44.70
N GLU A 604 -18.71 44.70 44.92
CA GLU A 604 -18.48 45.69 43.86
C GLU A 604 -17.56 45.13 42.79
N ASP A 605 -16.62 44.25 43.16
CA ASP A 605 -15.78 43.55 42.21
C ASP A 605 -16.46 42.33 41.59
N SER A 606 -17.67 41.99 42.04
CA SER A 606 -18.35 40.80 41.53
C SER A 606 -18.54 40.87 40.03
N GLU A 607 -19.23 41.90 39.55
CA GLU A 607 -19.47 42.02 38.12
C GLU A 607 -18.17 41.92 37.34
N GLY A 608 -17.09 42.50 37.86
CA GLY A 608 -15.84 42.50 37.12
C GLY A 608 -15.16 41.15 37.12
N LEU A 609 -15.13 40.48 38.27
CA LEU A 609 -14.54 39.15 38.34
C LEU A 609 -15.34 38.14 37.53
N ARG A 610 -16.66 38.30 37.47
CA ARG A 610 -17.49 37.42 36.65
C ARG A 610 -17.14 37.57 35.17
N LYS A 611 -16.93 38.80 34.70
CA LYS A 611 -16.54 39.01 33.30
C LYS A 611 -15.18 38.38 33.03
N GLU A 612 -14.26 38.47 33.99
CA GLU A 612 -12.93 37.91 33.79
C GLU A 612 -12.98 36.39 33.63
N LEU A 613 -13.88 35.73 34.37
CA LEU A 613 -13.98 34.28 34.28
C LEU A 613 -14.60 33.85 32.96
N VAL A 614 -15.59 34.60 32.48
CA VAL A 614 -16.16 34.30 31.17
C VAL A 614 -15.10 34.41 30.10
N LEU A 615 -14.31 35.48 30.15
CA LEU A 615 -13.23 35.66 29.17
C LEU A 615 -12.22 34.52 29.25
N GLN A 616 -12.01 33.97 30.45
CA GLN A 616 -11.08 32.85 30.59
C GLN A 616 -11.55 31.65 29.78
N VAL A 617 -12.84 31.32 29.86
CA VAL A 617 -13.38 30.22 29.07
C VAL A 617 -13.30 30.54 27.59
N ARG A 618 -13.54 31.80 27.23
CA ARG A 618 -13.52 32.21 25.84
C ARG A 618 -12.15 31.97 25.22
N LYS A 619 -11.08 32.31 25.95
CA LYS A 619 -9.74 32.18 25.39
C LYS A 619 -9.18 30.76 25.50
N THR A 620 -9.72 29.94 26.40
CA THR A 620 -9.22 28.58 26.54
C THR A 620 -9.91 27.63 25.57
N ILE A 621 -11.23 27.69 25.48
CA ILE A 621 -11.96 26.78 24.61
C ILE A 621 -12.35 27.53 23.35
N GLY A 622 -13.05 28.64 23.50
CA GLY A 622 -13.54 29.41 22.39
C GLY A 622 -14.75 30.21 22.78
N PRO A 623 -15.08 31.24 22.00
CA PRO A 623 -16.20 32.12 22.37
C PRO A 623 -17.52 31.41 22.54
N PHE A 624 -17.74 30.29 21.86
CA PHE A 624 -19.05 29.64 21.89
C PHE A 624 -19.23 28.72 23.10
N ALA A 625 -18.21 28.54 23.92
CA ALA A 625 -18.31 27.74 25.13
C ALA A 625 -18.44 28.59 26.37
N ALA A 626 -18.49 29.91 26.21
CA ALA A 626 -18.55 30.78 27.37
C ALA A 626 -19.86 30.56 28.12
N PRO A 627 -19.82 30.48 29.45
CA PRO A 627 -21.06 30.31 30.20
C PRO A 627 -22.01 31.47 29.97
N LYS A 628 -23.30 31.17 29.97
CA LYS A 628 -24.30 32.23 29.99
C LYS A 628 -24.18 33.06 31.27
N SER A 629 -23.85 32.42 32.38
CA SER A 629 -23.74 33.12 33.64
C SER A 629 -22.75 32.41 34.55
N VAL A 630 -22.00 33.20 35.30
CA VAL A 630 -21.10 32.73 36.35
C VAL A 630 -21.66 33.14 37.69
N ILE A 631 -21.81 32.18 38.60
CA ILE A 631 -22.37 32.41 39.93
C ILE A 631 -21.26 32.22 40.95
N ILE A 632 -21.02 33.24 41.77
CA ILE A 632 -19.99 33.20 42.80
C ILE A 632 -20.64 32.71 44.10
N VAL A 633 -20.14 31.60 44.61
CA VAL A 633 -20.64 31.00 45.85
C VAL A 633 -19.49 30.81 46.82
N GLN A 634 -19.85 30.53 48.08
CA GLN A 634 -18.83 30.37 49.12
C GLN A 634 -18.28 28.95 49.16
N ASP A 635 -19.07 27.95 48.81
CA ASP A 635 -18.51 26.63 48.54
C ASP A 635 -19.60 25.78 47.91
N LEU A 636 -19.17 24.72 47.27
CA LEU A 636 -20.09 23.89 46.52
C LEU A 636 -20.58 22.72 47.36
N PRO A 637 -21.76 22.20 47.05
CA PRO A 637 -22.28 21.08 47.85
C PRO A 637 -21.46 19.85 47.53
N LYS A 638 -21.17 19.05 48.55
CA LYS A 638 -20.33 17.88 48.37
C LYS A 638 -20.91 16.71 49.16
N THR A 639 -20.38 15.53 48.87
CA THR A 639 -20.81 14.31 49.50
C THR A 639 -19.91 14.01 50.68
N ARG A 640 -20.22 12.94 51.42
CA ARG A 640 -19.36 12.55 52.54
C ARG A 640 -17.93 12.35 52.06
N SER A 641 -17.78 11.78 50.86
CA SER A 641 -16.48 11.55 50.25
C SER A 641 -15.82 12.83 49.76
N GLY A 642 -16.52 13.97 49.76
CA GLY A 642 -15.93 15.23 49.33
C GLY A 642 -16.15 15.59 47.87
N LYS A 643 -16.84 14.76 47.10
CA LYS A 643 -17.09 15.04 45.69
C LYS A 643 -18.27 15.99 45.49
N ILE A 644 -18.16 16.82 44.45
CA ILE A 644 -19.19 17.82 44.18
C ILE A 644 -20.47 17.17 43.68
N MET A 645 -21.61 17.63 44.21
CA MET A 645 -22.94 17.14 43.81
C MET A 645 -23.58 18.07 42.79
N ARG A 646 -23.27 17.86 41.51
CA ARG A 646 -23.85 18.70 40.46
C ARG A 646 -25.37 18.58 40.40
N ARG A 647 -25.95 17.46 40.82
CA ARG A 647 -27.40 17.35 40.79
C ARG A 647 -28.06 18.54 41.47
N ILE A 648 -27.54 18.95 42.63
CA ILE A 648 -28.12 20.07 43.36
C ILE A 648 -28.04 21.35 42.54
N LEU A 649 -26.89 21.59 41.92
CA LEU A 649 -26.74 22.78 41.08
C LEU A 649 -27.72 22.75 39.91
N ARG A 650 -27.93 21.58 39.29
CA ARG A 650 -28.90 21.46 38.20
C ARG A 650 -30.29 21.85 38.66
N LYS A 651 -30.78 21.27 39.76
CA LYS A 651 -32.13 21.56 40.24
C LYS A 651 -32.30 23.02 40.64
N VAL A 652 -31.29 23.61 41.29
CA VAL A 652 -31.38 25.01 41.67
C VAL A 652 -31.43 25.90 40.44
N SER A 653 -30.54 25.64 39.47
CA SER A 653 -30.44 26.49 38.30
C SER A 653 -31.69 26.46 37.43
N SER A 654 -32.51 25.42 37.54
CA SER A 654 -33.78 25.35 36.82
C SER A 654 -34.97 25.74 37.69
N ASN A 655 -34.72 26.40 38.83
CA ASN A 655 -35.78 26.85 39.74
C ASN A 655 -36.61 25.69 40.26
N GLU A 656 -35.97 24.53 40.45
CA GLU A 656 -36.59 23.41 41.13
C GLU A 656 -35.91 23.22 42.49
N ALA A 657 -35.82 24.30 43.28
CA ALA A 657 -35.20 24.22 44.59
C ALA A 657 -35.96 23.26 45.49
N ASP A 658 -37.27 23.43 45.59
CA ASP A 658 -38.12 22.31 45.97
C ASP A 658 -37.84 21.17 45.00
N GLN A 659 -37.83 19.95 45.52
CA GLN A 659 -37.42 18.71 44.84
C GLN A 659 -35.96 18.37 45.14
N LEU A 660 -35.21 19.26 45.79
CA LEU A 660 -33.87 18.89 46.23
C LEU A 660 -33.93 17.68 47.17
N GLY A 661 -34.89 17.67 48.08
CA GLY A 661 -35.09 16.53 48.96
C GLY A 661 -34.14 16.53 50.14
N ASP A 662 -33.94 15.32 50.68
CA ASP A 662 -33.12 15.10 51.87
C ASP A 662 -31.65 15.35 51.56
N ILE A 663 -31.09 16.42 52.11
CA ILE A 663 -29.70 16.79 51.88
C ILE A 663 -28.83 16.50 53.09
N SER A 664 -29.34 15.73 54.06
CA SER A 664 -28.55 15.33 55.22
C SER A 664 -27.38 14.42 54.84
N THR A 665 -27.39 13.85 53.63
CA THR A 665 -26.30 13.04 53.16
C THR A 665 -25.10 13.86 52.69
N LEU A 666 -25.24 15.17 52.55
CA LEU A 666 -24.10 15.98 52.13
C LEU A 666 -23.15 16.17 53.31
N SER A 667 -21.89 16.44 53.00
CA SER A 667 -20.96 16.81 54.05
C SER A 667 -21.16 18.25 54.50
N ASN A 668 -21.78 19.09 53.65
CA ASN A 668 -21.97 20.51 53.94
C ASN A 668 -23.37 20.94 53.51
N PRO A 669 -24.40 20.33 54.10
CA PRO A 669 -25.79 20.73 53.74
C PRO A 669 -26.00 22.23 53.81
N GLN A 670 -25.38 22.90 54.80
CA GLN A 670 -25.53 24.34 54.96
C GLN A 670 -25.21 25.12 53.68
N SER A 671 -24.36 24.57 52.81
CA SER A 671 -24.00 25.26 51.57
C SER A 671 -25.22 25.49 50.68
N VAL A 672 -26.17 24.56 50.68
CA VAL A 672 -27.28 24.60 49.72
C VAL A 672 -28.01 25.93 49.80
N GLU A 673 -28.31 26.40 51.01
CA GLU A 673 -28.97 27.69 51.17
C GLU A 673 -28.22 28.75 50.37
N GLY A 674 -26.90 28.78 50.52
CA GLY A 674 -26.08 29.76 49.83
C GLY A 674 -26.19 29.66 48.31
N ILE A 675 -26.41 28.45 47.80
CA ILE A 675 -26.45 28.28 46.35
C ILE A 675 -27.77 28.79 45.82
N ILE A 676 -28.87 28.53 46.54
CA ILE A 676 -30.18 29.00 46.13
C ILE A 676 -30.21 30.53 46.07
N SER A 677 -29.64 31.18 47.10
CA SER A 677 -29.68 32.63 47.17
C SER A 677 -28.72 33.27 46.18
N ALA A 678 -27.50 32.71 46.07
CA ALA A 678 -26.55 33.26 45.11
C ALA A 678 -27.11 33.23 43.69
N PHE A 679 -27.75 32.11 43.33
CA PHE A 679 -28.31 31.99 41.99
C PHE A 679 -29.44 32.99 41.76
N GLY A 680 -30.36 33.11 42.73
CA GLY A 680 -31.45 34.06 42.57
C GLY A 680 -31.01 35.50 42.58
N ALA A 681 -29.82 35.80 43.08
CA ALA A 681 -29.29 37.15 43.11
C ALA A 681 -28.51 37.49 41.86
N GLN A 682 -27.68 36.55 41.39
CA GLN A 682 -26.67 36.80 40.37
C GLN A 682 -27.11 36.44 38.95
N PHE A 683 -27.99 35.45 38.77
CA PHE A 683 -28.34 35.00 37.43
C PHE A 683 -28.84 36.16 36.55
N GLY A 684 -29.85 36.88 37.02
CA GLY A 684 -30.29 38.06 36.30
C GLY A 684 -29.15 39.01 35.97
N LYS A 685 -28.70 39.77 36.97
CA LYS A 685 -27.58 40.70 36.80
C LYS A 685 -26.36 39.99 36.21
N GLN B 20 12.75 -58.83 -6.71
CA GLN B 20 12.26 -58.82 -5.33
C GLN B 20 13.41 -58.58 -4.36
N THR B 21 14.63 -58.94 -4.75
CA THR B 21 15.81 -58.76 -3.94
C THR B 21 16.52 -57.48 -4.33
N HIS B 22 17.16 -56.84 -3.34
CA HIS B 22 17.89 -55.59 -3.53
C HIS B 22 19.37 -55.84 -3.26
N ASN B 23 20.20 -55.46 -4.23
CA ASN B 23 21.65 -55.54 -4.07
C ASN B 23 22.24 -54.25 -3.56
N VAL B 24 21.50 -53.15 -3.64
CA VAL B 24 21.95 -51.85 -3.17
C VAL B 24 21.14 -51.39 -1.96
N VAL B 25 19.81 -51.39 -2.09
CA VAL B 25 18.93 -50.82 -1.05
C VAL B 25 18.63 -51.96 -0.07
N HIS B 26 19.60 -52.21 0.82
CA HIS B 26 19.46 -53.33 1.74
C HIS B 26 18.29 -53.12 2.70
N GLU B 27 17.96 -51.86 3.02
CA GLU B 27 16.86 -51.58 3.93
C GLU B 27 15.57 -52.24 3.47
N ALA B 28 15.39 -52.38 2.16
CA ALA B 28 14.11 -52.78 1.61
C ALA B 28 13.93 -54.29 1.55
N ASN B 29 14.99 -55.07 1.77
CA ASN B 29 14.87 -56.52 1.63
C ASN B 29 14.02 -57.11 2.75
N GLY B 30 13.03 -57.91 2.35
CA GLY B 30 12.15 -58.59 3.28
C GLY B 30 11.19 -57.68 4.02
N VAL B 31 10.86 -56.52 3.46
CA VAL B 31 9.98 -55.55 4.11
C VAL B 31 8.59 -55.65 3.50
N LYS B 32 7.62 -56.04 4.32
CA LYS B 32 6.24 -56.14 3.87
C LYS B 32 5.60 -54.76 3.86
N LEU B 33 4.85 -54.47 2.81
CA LEU B 33 4.06 -53.25 2.77
C LEU B 33 3.01 -53.27 3.88
N ARG B 34 2.79 -52.12 4.49
CA ARG B 34 1.88 -51.98 5.63
C ARG B 34 0.69 -51.16 5.18
N GLU B 35 -0.41 -51.83 4.90
CA GLU B 35 -1.62 -51.16 4.44
C GLU B 35 -2.21 -50.31 5.55
N THR B 36 -2.95 -49.28 5.17
CA THR B 36 -3.61 -48.42 6.14
C THR B 36 -4.62 -49.23 6.93
N PRO B 37 -4.58 -49.18 8.26
CA PRO B 37 -5.57 -49.93 9.03
C PRO B 37 -6.99 -49.47 8.73
N LYS B 38 -7.93 -50.41 8.83
CA LYS B 38 -9.32 -50.09 8.49
C LYS B 38 -9.88 -49.00 9.40
N GLU B 39 -9.39 -48.92 10.66
CA GLU B 39 -9.92 -47.95 11.59
C GLU B 39 -9.66 -46.52 11.12
N PHE B 40 -8.58 -46.31 10.37
CA PHE B 40 -8.29 -44.98 9.83
C PHE B 40 -9.50 -44.46 9.06
N PHE B 41 -10.07 -45.29 8.19
CA PHE B 41 -11.19 -44.85 7.37
C PHE B 41 -12.48 -44.77 8.17
N GLU B 42 -12.59 -45.55 9.25
CA GLU B 42 -13.74 -45.43 10.13
C GLU B 42 -13.76 -44.08 10.83
N ARG B 43 -12.58 -43.58 11.22
CA ARG B 43 -12.49 -42.31 11.92
C ARG B 43 -12.46 -41.12 10.97
N GLN B 44 -12.10 -41.36 9.71
CA GLN B 44 -12.05 -40.30 8.70
C GLN B 44 -13.44 -39.70 8.51
N PRO B 45 -13.58 -38.37 8.63
CA PRO B 45 -14.94 -37.78 8.63
C PRO B 45 -15.58 -37.68 7.25
N ASN B 46 -14.81 -37.68 6.17
CA ASN B 46 -15.38 -37.59 4.84
C ASN B 46 -14.59 -38.52 3.93
N LYS B 47 -15.13 -38.73 2.73
CA LYS B 47 -14.38 -39.41 1.68
C LYS B 47 -13.00 -38.78 1.58
N GLY B 48 -11.99 -39.64 1.43
CA GLY B 48 -10.62 -39.15 1.31
C GLY B 48 -10.42 -38.28 0.09
N HIS B 49 -9.32 -37.50 0.12
CA HIS B 49 -9.01 -36.59 -0.97
C HIS B 49 -8.45 -37.30 -2.19
N ILE B 50 -7.88 -38.49 -2.01
CA ILE B 50 -7.38 -39.30 -3.10
C ILE B 50 -7.82 -40.74 -2.84
N HIS B 51 -8.29 -41.41 -3.90
CA HIS B 51 -8.85 -42.74 -3.70
C HIS B 51 -7.78 -43.77 -3.40
N ASP B 52 -6.71 -43.80 -4.19
CA ASP B 52 -5.69 -44.83 -4.04
C ASP B 52 -4.39 -44.37 -4.70
N VAL B 53 -3.41 -45.28 -4.69
CA VAL B 53 -2.08 -44.96 -5.19
C VAL B 53 -2.11 -44.72 -6.69
N ASN B 54 -2.99 -45.40 -7.44
CA ASN B 54 -3.06 -45.14 -8.87
C ASN B 54 -3.49 -43.70 -9.14
N GLN B 55 -4.49 -43.21 -8.40
CA GLN B 55 -4.88 -41.81 -8.57
C GLN B 55 -3.75 -40.87 -8.14
N TYR B 56 -3.07 -41.19 -7.04
CA TYR B 56 -1.94 -40.34 -6.63
C TYR B 56 -0.91 -40.23 -7.74
N LYS B 57 -0.57 -41.36 -8.39
CA LYS B 57 0.44 -41.33 -9.43
C LYS B 57 -0.01 -40.56 -10.66
N GLN B 58 -1.29 -40.62 -11.00
CA GLN B 58 -1.78 -39.81 -12.12
C GLN B 58 -1.62 -38.33 -11.79
N MET B 59 -2.02 -37.93 -10.59
CA MET B 59 -1.91 -36.52 -10.20
C MET B 59 -0.44 -36.11 -10.11
N TYR B 60 0.41 -36.99 -9.58
CA TYR B 60 1.81 -36.65 -9.42
C TYR B 60 2.47 -36.42 -10.77
N GLU B 61 2.21 -37.29 -11.74
CA GLU B 61 2.80 -37.11 -13.06
C GLU B 61 2.38 -35.78 -13.68
N GLN B 62 1.12 -35.38 -13.49
CA GLN B 62 0.71 -34.09 -14.02
C GLN B 62 1.46 -32.96 -13.31
N SER B 63 1.67 -33.10 -12.01
CA SER B 63 2.38 -32.06 -11.26
C SER B 63 3.82 -31.90 -11.74
N ILE B 64 4.39 -32.92 -12.36
CA ILE B 64 5.76 -32.84 -12.88
C ILE B 64 5.78 -32.41 -14.34
N LYS B 65 4.92 -33.00 -15.18
CA LYS B 65 4.94 -32.72 -16.61
C LYS B 65 4.19 -31.44 -16.96
N ASP B 66 3.16 -31.08 -16.20
CA ASP B 66 2.29 -29.94 -16.54
C ASP B 66 1.98 -29.14 -15.28
N PRO B 67 3.00 -28.54 -14.66
CA PRO B 67 2.75 -27.77 -13.44
C PRO B 67 1.74 -26.65 -13.62
N GLN B 68 1.71 -26.01 -14.79
CA GLN B 68 0.75 -24.94 -15.02
C GLN B 68 -0.67 -25.45 -14.87
N GLY B 69 -0.98 -26.57 -15.51
CA GLY B 69 -2.31 -27.13 -15.45
C GLY B 69 -2.63 -27.81 -14.14
N PHE B 70 -1.63 -28.21 -13.36
CA PHE B 70 -1.85 -28.85 -12.07
C PHE B 70 -1.96 -27.84 -10.93
N PHE B 71 -0.95 -26.99 -10.78
CA PHE B 71 -0.92 -26.05 -9.66
C PHE B 71 -1.78 -24.81 -9.87
N GLY B 72 -2.11 -24.45 -11.11
CA GLY B 72 -2.97 -23.32 -11.37
C GLY B 72 -4.32 -23.44 -10.68
N PRO B 73 -5.07 -24.50 -11.01
CA PRO B 73 -6.37 -24.71 -10.35
C PRO B 73 -6.27 -24.91 -8.85
N LEU B 74 -5.24 -25.58 -8.37
CA LEU B 74 -5.12 -25.75 -6.92
C LEU B 74 -4.86 -24.42 -6.23
N ALA B 75 -4.07 -23.54 -6.85
CA ALA B 75 -3.81 -22.23 -6.25
C ALA B 75 -5.09 -21.41 -6.13
N LYS B 76 -5.97 -21.50 -7.13
CA LYS B 76 -7.22 -20.78 -7.08
C LYS B 76 -8.23 -21.45 -6.15
N GLU B 77 -8.09 -22.76 -5.93
CA GLU B 77 -8.98 -23.47 -5.01
C GLU B 77 -8.62 -23.18 -3.55
N LEU B 78 -7.34 -23.22 -3.23
CA LEU B 78 -6.92 -23.27 -1.82
C LEU B 78 -6.55 -21.92 -1.24
N LEU B 79 -6.30 -20.91 -2.08
CA LEU B 79 -5.91 -19.59 -1.63
C LEU B 79 -6.88 -18.54 -2.15
N SER B 80 -7.07 -17.50 -1.35
CA SER B 80 -7.89 -16.35 -1.71
C SER B 80 -6.99 -15.22 -2.20
N TRP B 81 -7.28 -14.73 -3.41
CA TRP B 81 -6.42 -13.78 -4.12
C TRP B 81 -7.04 -12.37 -4.12
N ASP B 82 -6.19 -11.36 -3.88
CA ASP B 82 -6.60 -9.98 -4.09
C ASP B 82 -6.42 -9.56 -5.54
N HIS B 83 -5.43 -10.13 -6.21
CA HIS B 83 -5.20 -9.93 -7.64
C HIS B 83 -4.82 -11.27 -8.25
N ASP B 84 -5.37 -11.54 -9.43
CA ASP B 84 -5.09 -12.79 -10.12
C ASP B 84 -3.65 -12.82 -10.61
N PHE B 85 -3.08 -14.02 -10.68
CA PHE B 85 -1.78 -14.22 -11.28
C PHE B 85 -1.95 -14.48 -12.78
N HIS B 86 -0.93 -14.09 -13.56
CA HIS B 86 -0.94 -14.28 -15.01
C HIS B 86 -0.03 -15.40 -15.47
N THR B 87 0.89 -15.86 -14.64
CA THR B 87 1.85 -16.89 -15.01
C THR B 87 2.06 -17.80 -13.80
N VAL B 88 1.83 -19.10 -13.99
CA VAL B 88 1.93 -20.03 -12.87
C VAL B 88 3.37 -20.18 -12.41
N LYS B 89 4.31 -20.23 -13.35
CA LYS B 89 5.65 -20.72 -13.04
C LYS B 89 6.68 -20.03 -13.91
N SER B 90 7.79 -19.60 -13.28
CA SER B 90 8.86 -18.95 -14.02
C SER B 90 10.20 -19.31 -13.41
N GLY B 91 11.24 -19.21 -14.23
CA GLY B 91 12.60 -19.35 -13.76
C GLY B 91 13.11 -20.78 -13.76
N THR B 92 14.40 -20.90 -13.46
CA THR B 92 15.07 -22.20 -13.42
C THR B 92 15.95 -22.26 -12.18
N LEU B 93 16.26 -23.49 -11.77
CA LEU B 93 17.20 -23.68 -10.68
C LEU B 93 18.56 -23.10 -11.02
N LYS B 94 19.02 -23.33 -12.25
CA LYS B 94 20.37 -22.93 -12.63
C LYS B 94 20.57 -21.42 -12.50
N ASN B 95 19.53 -20.63 -12.75
CA ASN B 95 19.63 -19.18 -12.68
C ASN B 95 19.13 -18.62 -11.35
N GLY B 96 18.63 -19.46 -10.45
CA GLY B 96 18.20 -19.00 -9.15
C GLY B 96 17.13 -17.93 -9.16
N ASP B 97 16.18 -18.01 -10.08
CA ASP B 97 15.15 -17.00 -10.25
C ASP B 97 13.75 -17.63 -10.27
N ALA B 98 13.55 -18.64 -9.42
CA ALA B 98 12.26 -19.31 -9.35
C ALA B 98 11.17 -18.35 -8.92
N ALA B 99 10.01 -18.43 -9.58
CA ALA B 99 8.86 -17.62 -9.22
C ALA B 99 7.59 -18.36 -9.58
N TRP B 100 6.55 -18.15 -8.77
CA TRP B 100 5.28 -18.81 -8.96
C TRP B 100 4.15 -17.81 -8.77
N PHE B 101 3.12 -17.95 -9.61
CA PHE B 101 1.91 -17.13 -9.51
C PHE B 101 2.25 -15.65 -9.67
N LEU B 102 3.02 -15.36 -10.71
CA LEU B 102 3.48 -14.00 -10.99
C LEU B 102 2.32 -13.10 -11.31
N GLY B 103 2.39 -11.86 -10.83
CA GLY B 103 1.29 -10.93 -10.93
C GLY B 103 0.26 -11.07 -9.83
N GLY B 104 0.26 -12.19 -9.10
CA GLY B 104 -0.75 -12.38 -8.08
C GLY B 104 -0.49 -11.52 -6.85
N GLU B 105 -1.57 -11.17 -6.17
CA GLU B 105 -1.51 -10.48 -4.90
C GLU B 105 -2.46 -11.18 -3.92
N LEU B 106 -2.06 -11.19 -2.66
CA LEU B 106 -2.79 -11.86 -1.59
C LEU B 106 -2.23 -11.38 -0.26
N ASN B 107 -2.82 -11.86 0.83
CA ASN B 107 -2.28 -11.62 2.16
C ASN B 107 -2.36 -12.90 3.00
N ALA B 108 -1.28 -13.20 3.70
CA ALA B 108 -1.17 -14.47 4.41
C ALA B 108 -2.12 -14.53 5.59
N SER B 109 -2.27 -13.41 6.31
CA SER B 109 -3.16 -13.42 7.48
C SER B 109 -4.62 -13.45 7.06
N TYR B 110 -4.93 -12.87 5.89
CA TYR B 110 -6.29 -12.99 5.38
C TYR B 110 -6.63 -14.45 5.10
N ASN B 111 -5.68 -15.19 4.53
CA ASN B 111 -5.94 -16.59 4.19
C ASN B 111 -5.93 -17.49 5.41
N CYS B 112 -5.22 -17.12 6.48
CA CYS B 112 -5.14 -17.93 7.69
C CYS B 112 -6.18 -17.56 8.73
N VAL B 113 -6.76 -16.36 8.65
CA VAL B 113 -7.65 -15.86 9.70
C VAL B 113 -8.95 -15.30 9.13
N ASP B 114 -8.87 -14.15 8.43
CA ASP B 114 -10.07 -13.39 8.08
C ASP B 114 -11.14 -14.27 7.44
N ARG B 115 -10.78 -15.00 6.39
CA ARG B 115 -11.80 -15.70 5.62
C ARG B 115 -12.49 -16.76 6.45
N HIS B 116 -11.77 -17.37 7.40
CA HIS B 116 -12.39 -18.35 8.28
C HIS B 116 -13.23 -17.67 9.35
N ALA B 117 -12.79 -16.52 9.84
CA ALA B 117 -13.56 -15.79 10.85
C ALA B 117 -14.91 -15.32 10.30
N PHE B 118 -14.94 -14.87 9.04
CA PHE B 118 -16.21 -14.44 8.46
C PHE B 118 -17.17 -15.63 8.33
N ALA B 119 -16.64 -16.80 7.98
CA ALA B 119 -17.49 -17.97 7.74
C ALA B 119 -17.96 -18.61 9.03
N ASN B 120 -17.08 -18.78 10.02
CA ASN B 120 -17.43 -19.41 11.29
C ASN B 120 -16.56 -18.79 12.38
N PRO B 121 -16.94 -17.60 12.86
CA PRO B 121 -16.09 -16.92 13.84
C PRO B 121 -15.92 -17.67 15.15
N ASP B 122 -16.85 -18.55 15.52
CA ASP B 122 -16.75 -19.26 16.78
C ASP B 122 -16.00 -20.58 16.66
N LYS B 123 -15.56 -20.95 15.47
CA LYS B 123 -14.77 -22.16 15.33
C LYS B 123 -13.42 -21.97 16.03
N PRO B 124 -12.96 -22.96 16.80
CA PRO B 124 -11.64 -22.86 17.44
C PRO B 124 -10.53 -22.73 16.41
N ALA B 125 -9.55 -21.89 16.73
CA ALA B 125 -8.40 -21.67 15.87
C ALA B 125 -7.09 -22.06 16.56
N LEU B 126 -6.76 -21.41 17.67
CA LEU B 126 -5.57 -21.74 18.45
C LEU B 126 -6.02 -22.38 19.75
N ILE B 127 -5.78 -23.67 19.87
CA ILE B 127 -5.96 -24.39 21.13
C ILE B 127 -4.61 -24.31 21.84
N CYS B 128 -4.51 -23.43 22.83
CA CYS B 128 -3.24 -23.09 23.46
C CYS B 128 -3.13 -23.84 24.78
N GLU B 129 -2.17 -24.75 24.86
CA GLU B 129 -1.88 -25.49 26.09
C GLU B 129 -0.60 -24.90 26.69
N ALA B 130 -0.75 -24.22 27.81
CA ALA B 130 0.37 -23.54 28.45
C ALA B 130 1.25 -24.53 29.22
N ASP B 131 2.44 -24.06 29.61
CA ASP B 131 3.36 -24.90 30.36
C ASP B 131 2.65 -25.55 31.55
N ASP B 132 1.87 -24.75 32.27
CA ASP B 132 0.94 -25.22 33.29
C ASP B 132 -0.48 -25.12 32.75
N GLU B 133 -1.21 -26.24 32.82
CA GLU B 133 -2.54 -26.31 32.21
C GLU B 133 -3.51 -25.25 32.74
N LYS B 134 -3.33 -24.79 33.98
CA LYS B 134 -4.19 -23.75 34.53
C LYS B 134 -4.21 -22.50 33.66
N ASP B 135 -3.18 -22.29 32.83
CA ASP B 135 -3.07 -21.12 31.97
C ASP B 135 -3.49 -21.42 30.54
N SER B 136 -4.01 -22.61 30.27
CA SER B 136 -4.46 -22.97 28.93
C SER B 136 -5.74 -22.23 28.56
N HIS B 137 -5.94 -22.02 27.26
CA HIS B 137 -7.10 -21.28 26.76
C HIS B 137 -7.26 -21.56 25.28
N ILE B 138 -8.38 -21.11 24.73
CA ILE B 138 -8.71 -21.33 23.32
C ILE B 138 -9.11 -20.01 22.68
N LEU B 139 -8.50 -19.71 21.54
CA LEU B 139 -8.88 -18.59 20.71
C LEU B 139 -9.65 -19.09 19.49
N THR B 140 -10.84 -18.54 19.27
CA THR B 140 -11.59 -18.78 18.06
C THR B 140 -10.97 -18.00 16.90
N TYR B 141 -11.39 -18.33 15.68
CA TYR B 141 -10.96 -17.58 14.52
C TYR B 141 -11.38 -16.12 14.63
N GLY B 142 -12.55 -15.86 15.18
CA GLY B 142 -12.97 -14.49 15.45
C GLY B 142 -12.09 -13.82 16.49
N ASP B 143 -11.77 -14.53 17.58
CA ASP B 143 -10.84 -13.97 18.56
C ASP B 143 -9.51 -13.65 17.93
N LEU B 144 -9.00 -14.58 17.10
CA LEU B 144 -7.68 -14.43 16.51
C LEU B 144 -7.62 -13.19 15.62
N LEU B 145 -8.68 -12.96 14.84
CA LEU B 145 -8.71 -11.80 13.95
C LEU B 145 -8.60 -10.51 14.76
N ARG B 146 -9.30 -10.43 15.88
CA ARG B 146 -9.22 -9.22 16.69
C ARG B 146 -7.82 -9.02 17.26
N GLU B 147 -7.21 -10.08 17.81
CA GLU B 147 -5.88 -9.92 18.40
C GLU B 147 -4.84 -9.58 17.33
N VAL B 148 -4.91 -10.26 16.19
CA VAL B 148 -3.99 -9.96 15.10
C VAL B 148 -4.16 -8.53 14.63
N SER B 149 -5.41 -8.07 14.50
CA SER B 149 -5.66 -6.70 14.06
C SER B 149 -5.09 -5.69 15.05
N LYS B 150 -5.26 -5.93 16.35
CA LYS B 150 -4.79 -4.98 17.34
C LYS B 150 -3.26 -4.88 17.34
N VAL B 151 -2.57 -6.03 17.33
CA VAL B 151 -1.12 -5.99 17.30
C VAL B 151 -0.63 -5.36 15.99
N ALA B 152 -1.25 -5.71 14.87
CA ALA B 152 -0.90 -5.06 13.61
C ALA B 152 -1.11 -3.55 13.69
N GLY B 153 -2.13 -3.11 14.42
CA GLY B 153 -2.32 -1.68 14.59
C GLY B 153 -1.17 -1.04 15.34
N VAL B 154 -0.69 -1.69 16.40
CA VAL B 154 0.45 -1.18 17.14
C VAL B 154 1.65 -1.07 16.22
N LEU B 155 1.96 -2.15 15.49
CA LEU B 155 3.12 -2.13 14.60
C LEU B 155 2.98 -1.07 13.51
N GLN B 156 1.77 -0.89 12.98
CA GLN B 156 1.57 0.11 11.95
C GLN B 156 1.78 1.51 12.49
N SER B 157 1.31 1.78 13.72
CA SER B 157 1.52 3.09 14.32
C SER B 157 2.99 3.35 14.64
N TRP B 158 3.80 2.29 14.69
CA TRP B 158 5.24 2.42 14.86
C TRP B 158 5.97 2.60 13.54
N GLY B 159 5.26 2.59 12.42
CA GLY B 159 5.89 2.77 11.13
C GLY B 159 6.27 1.48 10.42
N ILE B 160 5.91 0.32 10.95
CA ILE B 160 6.21 -0.93 10.27
C ILE B 160 5.38 -1.02 9.00
N LYS B 161 6.03 -1.37 7.89
CA LYS B 161 5.33 -1.43 6.62
C LYS B 161 5.98 -2.47 5.72
N LYS B 162 5.38 -2.64 4.54
CA LYS B 162 5.86 -3.58 3.55
C LYS B 162 7.35 -3.39 3.33
N GLY B 163 8.10 -4.50 3.35
CA GLY B 163 9.54 -4.44 3.16
C GLY B 163 10.36 -4.39 4.43
N ASP B 164 9.74 -4.14 5.57
CA ASP B 164 10.45 -4.21 6.84
C ASP B 164 10.51 -5.63 7.35
N THR B 165 11.46 -5.88 8.24
CA THR B 165 11.53 -7.12 8.99
C THR B 165 11.25 -6.81 10.45
N VAL B 166 10.62 -7.76 11.13
CA VAL B 166 10.30 -7.68 12.55
C VAL B 166 10.71 -8.98 13.22
N ALA B 167 11.51 -8.88 14.27
CA ALA B 167 11.97 -10.06 14.99
C ALA B 167 10.93 -10.50 16.01
N VAL B 168 10.79 -11.81 16.18
CA VAL B 168 9.95 -12.39 17.22
C VAL B 168 10.84 -13.27 18.09
N TYR B 169 10.78 -13.05 19.40
CA TYR B 169 11.52 -13.84 20.39
C TYR B 169 10.52 -14.21 21.48
N LEU B 170 9.75 -15.27 21.23
CA LEU B 170 8.64 -15.64 22.08
C LEU B 170 8.60 -17.15 22.24
N PRO B 171 8.08 -17.63 23.36
CA PRO B 171 7.82 -19.07 23.49
C PRO B 171 6.70 -19.50 22.55
N MET B 172 6.48 -20.81 22.50
CA MET B 172 5.48 -21.42 21.61
C MET B 172 4.11 -21.26 22.25
N ASN B 173 3.48 -20.11 22.01
CA ASN B 173 2.17 -19.84 22.59
C ASN B 173 1.41 -18.89 21.67
N ALA B 174 0.23 -18.45 22.12
CA ALA B 174 -0.66 -17.70 21.26
C ALA B 174 -0.01 -16.40 20.79
N GLN B 175 0.80 -15.77 21.65
CA GLN B 175 1.42 -14.51 21.29
C GLN B 175 2.42 -14.66 20.16
N ALA B 176 3.11 -15.80 20.09
CA ALA B 176 4.00 -16.01 18.96
C ALA B 176 3.22 -16.09 17.67
N ILE B 177 2.10 -16.82 17.69
CA ILE B 177 1.28 -16.99 16.49
C ILE B 177 0.65 -15.66 16.10
N ILE B 178 0.13 -14.91 17.08
CA ILE B 178 -0.46 -13.61 16.80
C ILE B 178 0.57 -12.67 16.21
N ALA B 179 1.77 -12.65 16.79
CA ALA B 179 2.82 -11.75 16.31
C ALA B 179 3.16 -12.05 14.86
N MET B 180 3.36 -13.33 14.54
CA MET B 180 3.73 -13.68 13.17
C MET B 180 2.67 -13.21 12.20
N LEU B 181 1.40 -13.47 12.51
CA LEU B 181 0.32 -13.11 11.61
C LEU B 181 0.13 -11.60 11.53
N ALA B 182 0.33 -10.88 12.63
CA ALA B 182 0.20 -9.42 12.60
C ALA B 182 1.28 -8.80 11.70
N ILE B 183 2.48 -9.35 11.73
CA ILE B 183 3.55 -8.85 10.87
C ILE B 183 3.22 -9.12 9.41
N ALA B 184 2.74 -10.33 9.10
CA ALA B 184 2.35 -10.65 7.73
C ALA B 184 1.16 -9.82 7.28
N ARG B 185 0.32 -9.38 8.22
CA ARG B 185 -0.86 -8.61 7.88
C ARG B 185 -0.50 -7.26 7.28
N LEU B 186 0.65 -6.70 7.67
CA LEU B 186 1.15 -5.44 7.14
C LEU B 186 2.02 -5.60 5.90
N GLY B 187 2.29 -6.83 5.49
CA GLY B 187 3.21 -7.07 4.39
C GLY B 187 4.67 -7.02 4.77
N ALA B 188 4.98 -6.91 6.06
CA ALA B 188 6.35 -7.06 6.52
C ALA B 188 6.65 -8.54 6.71
N ALA B 189 7.94 -8.86 6.84
CA ALA B 189 8.41 -10.23 6.98
C ALA B 189 8.85 -10.45 8.41
N HIS B 190 8.31 -11.49 9.04
CA HIS B 190 8.71 -11.82 10.41
C HIS B 190 9.94 -12.70 10.38
N SER B 191 10.76 -12.58 11.42
CA SER B 191 11.92 -13.44 11.61
C SER B 191 11.84 -13.99 13.03
N VAL B 192 11.41 -15.23 13.15
CA VAL B 192 11.19 -15.85 14.45
C VAL B 192 12.53 -16.38 14.97
N ILE B 193 12.88 -15.98 16.18
CA ILE B 193 14.13 -16.37 16.83
C ILE B 193 13.75 -17.31 17.97
N PHE B 194 14.15 -18.58 17.84
CA PHE B 194 13.82 -19.59 18.86
C PHE B 194 14.13 -19.05 20.25
N ALA B 195 13.14 -19.17 21.14
CA ALA B 195 13.21 -18.54 22.45
C ALA B 195 14.24 -19.17 23.38
N GLY B 196 14.83 -20.30 23.02
CA GLY B 196 15.94 -20.85 23.76
C GLY B 196 17.31 -20.32 23.36
N PHE B 197 17.38 -19.40 22.39
CA PHE B 197 18.65 -18.89 21.91
C PHE B 197 19.27 -17.90 22.89
N SER B 198 20.59 -17.81 22.83
CA SER B 198 21.38 -16.91 23.66
C SER B 198 21.33 -15.49 23.12
N ALA B 199 21.87 -14.55 23.91
CA ALA B 199 21.87 -13.15 23.50
C ALA B 199 22.68 -12.96 22.23
N GLY B 200 23.83 -13.63 22.13
CA GLY B 200 24.63 -13.50 20.93
C GLY B 200 23.91 -14.03 19.70
N SER B 201 23.12 -15.09 19.87
CA SER B 201 22.36 -15.64 18.76
C SER B 201 21.26 -14.70 18.30
N ILE B 202 20.61 -14.02 19.25
CA ILE B 202 19.62 -13.01 18.90
C ILE B 202 20.27 -11.89 18.10
N LYS B 203 21.42 -11.42 18.60
CA LYS B 203 22.09 -10.27 18.00
C LYS B 203 22.50 -10.55 16.56
N ASP B 204 23.05 -11.73 16.29
CA ASP B 204 23.46 -12.06 14.92
C ASP B 204 22.27 -12.00 13.96
N ARG B 205 21.12 -12.54 14.39
CA ARG B 205 19.97 -12.64 13.50
C ARG B 205 19.30 -11.28 13.31
N VAL B 206 19.15 -10.51 14.39
CA VAL B 206 18.52 -9.19 14.28
C VAL B 206 19.36 -8.29 13.38
N ASN B 207 20.69 -8.35 13.50
CA ASN B 207 21.53 -7.45 12.72
C ASN B 207 21.57 -7.85 11.25
N ASP B 208 21.61 -9.15 10.96
CA ASP B 208 21.63 -9.56 9.55
C ASP B 208 20.36 -9.14 8.83
N ALA B 209 19.22 -9.14 9.53
CA ALA B 209 17.94 -8.76 8.95
C ALA B 209 17.61 -7.28 9.12
N SER B 210 18.36 -6.55 9.95
CA SER B 210 18.10 -5.14 10.22
C SER B 210 16.64 -4.91 10.64
N CYS B 211 16.19 -5.69 11.63
CA CYS B 211 14.81 -5.57 12.10
C CYS B 211 14.56 -4.19 12.71
N LYS B 212 13.42 -3.59 12.34
CA LYS B 212 13.02 -2.31 12.91
C LYS B 212 12.30 -2.43 14.25
N ALA B 213 11.77 -3.61 14.56
CA ALA B 213 11.05 -3.79 15.82
C ALA B 213 11.22 -5.23 16.27
N LEU B 214 10.92 -5.45 17.56
CA LEU B 214 11.04 -6.76 18.17
C LEU B 214 9.82 -6.98 19.07
N ILE B 215 9.29 -8.20 19.03
CA ILE B 215 8.17 -8.60 19.87
C ILE B 215 8.67 -9.72 20.77
N THR B 216 8.51 -9.54 22.08
CA THR B 216 9.01 -10.53 23.04
C THR B 216 8.11 -10.51 24.27
N CYS B 217 8.56 -11.15 25.35
CA CYS B 217 7.82 -11.17 26.61
C CYS B 217 8.80 -11.03 27.76
N ASP B 218 8.25 -10.78 28.96
CA ASP B 218 9.10 -10.47 30.11
C ASP B 218 9.92 -11.68 30.54
N GLU B 219 9.27 -12.81 30.78
CA GLU B 219 9.92 -14.07 31.13
C GLU B 219 9.10 -15.20 30.52
N GLY B 220 9.70 -16.40 30.49
CA GLY B 220 9.03 -17.57 30.00
C GLY B 220 8.82 -18.61 31.10
N LYS B 221 7.97 -19.59 30.80
CA LYS B 221 7.75 -20.73 31.66
C LYS B 221 7.98 -21.99 30.85
N ARG B 222 8.93 -22.81 31.29
CA ARG B 222 9.23 -24.07 30.60
C ARG B 222 9.48 -25.13 31.67
N GLY B 223 8.68 -26.18 31.63
CA GLY B 223 8.85 -27.27 32.59
C GLY B 223 8.75 -26.81 34.02
N GLY B 224 7.96 -25.77 34.30
CA GLY B 224 7.87 -25.19 35.61
C GLY B 224 8.93 -24.16 35.95
N ARG B 225 10.00 -24.08 35.18
CA ARG B 225 11.09 -23.14 35.44
C ARG B 225 10.79 -21.80 34.78
N THR B 226 11.34 -20.74 35.36
CA THR B 226 11.24 -19.41 34.78
C THR B 226 12.48 -19.12 33.94
N THR B 227 12.26 -18.72 32.69
CA THR B 227 13.33 -18.44 31.74
C THR B 227 13.44 -16.93 31.54
N ASN B 228 14.66 -16.45 31.37
CA ASN B 228 14.92 -15.00 31.27
C ASN B 228 14.89 -14.61 29.80
N ILE B 229 13.72 -14.18 29.35
CA ILE B 229 13.53 -13.88 27.93
C ILE B 229 13.90 -12.43 27.69
N LYS B 230 13.23 -11.51 28.37
CA LYS B 230 13.49 -10.09 28.16
C LYS B 230 14.94 -9.75 28.49
N LYS B 231 15.49 -10.37 29.54
CA LYS B 231 16.85 -10.06 29.95
C LYS B 231 17.83 -10.36 28.81
N LEU B 232 17.65 -11.49 28.13
CA LEU B 232 18.55 -11.83 27.04
C LEU B 232 18.36 -10.86 25.87
N CYS B 233 17.12 -10.42 25.62
CA CYS B 233 16.87 -9.42 24.59
C CYS B 233 17.58 -8.11 24.92
N ASP B 234 17.43 -7.62 26.15
CA ASP B 234 18.12 -6.39 26.53
C ASP B 234 19.61 -6.51 26.27
N GLU B 235 20.19 -7.66 26.62
CA GLU B 235 21.61 -7.88 26.41
C GLU B 235 21.95 -7.80 24.93
N ALA B 236 21.15 -8.46 24.08
CA ALA B 236 21.40 -8.43 22.65
C ALA B 236 21.21 -7.02 22.08
N LEU B 237 20.19 -6.30 22.54
CA LEU B 237 19.79 -5.06 21.89
C LEU B 237 20.81 -3.95 22.04
N VAL B 238 21.73 -4.03 23.01
CA VAL B 238 22.74 -2.97 23.12
C VAL B 238 23.57 -2.88 21.85
N ASP B 239 23.58 -3.94 21.04
CA ASP B 239 24.34 -3.97 19.79
C ASP B 239 23.44 -4.13 18.56
N CYS B 240 22.18 -3.73 18.66
CA CYS B 240 21.21 -3.82 17.57
C CYS B 240 20.60 -2.45 17.32
N PRO B 241 21.31 -1.58 16.60
CA PRO B 241 20.84 -0.21 16.44
C PRO B 241 19.59 -0.07 15.57
N THR B 242 19.26 -1.06 14.74
CA THR B 242 18.10 -0.89 13.87
C THR B 242 16.78 -1.09 14.62
N VAL B 243 16.79 -1.73 15.78
CA VAL B 243 15.55 -1.99 16.51
C VAL B 243 15.11 -0.70 17.20
N GLU B 244 14.01 -0.14 16.76
CA GLU B 244 13.51 1.12 17.30
C GLU B 244 12.54 0.92 18.45
N LYS B 245 11.75 -0.14 18.43
CA LYS B 245 10.73 -0.35 19.44
C LYS B 245 10.59 -1.83 19.72
N VAL B 246 10.16 -2.13 20.95
CA VAL B 246 9.98 -3.50 21.42
C VAL B 246 8.61 -3.60 22.07
N LEU B 247 7.84 -4.62 21.70
CA LEU B 247 6.55 -4.90 22.32
C LEU B 247 6.71 -6.09 23.25
N VAL B 248 6.32 -5.91 24.52
CA VAL B 248 6.64 -6.85 25.60
C VAL B 248 5.34 -7.37 26.20
N TYR B 249 5.11 -8.67 26.07
CA TYR B 249 3.94 -9.32 26.66
C TYR B 249 4.24 -9.73 28.10
N LYS B 250 3.23 -9.56 28.97
CA LYS B 250 3.36 -9.90 30.39
C LYS B 250 3.00 -11.36 30.58
N ARG B 251 3.98 -12.23 30.30
CA ARG B 251 3.78 -13.66 30.45
C ARG B 251 3.81 -14.07 31.92
N THR B 252 4.72 -13.48 32.73
CA THR B 252 4.72 -13.71 34.17
C THR B 252 4.28 -12.49 34.97
N ASN B 253 4.33 -11.29 34.36
CA ASN B 253 3.98 -10.04 35.05
C ASN B 253 4.90 -9.78 36.23
N ASN B 254 6.15 -10.24 36.14
CA ASN B 254 7.13 -9.97 37.18
C ASN B 254 7.45 -8.48 37.24
N PRO B 255 7.18 -7.80 38.35
CA PRO B 255 7.39 -6.34 38.39
C PRO B 255 8.84 -5.90 38.34
N GLU B 256 9.78 -6.81 38.55
CA GLU B 256 11.18 -6.44 38.53
C GLU B 256 11.79 -6.43 37.14
N ILE B 257 11.02 -6.75 36.11
CA ILE B 257 11.55 -6.79 34.76
C ILE B 257 11.52 -5.38 34.18
N HIS B 258 12.70 -4.86 33.82
CA HIS B 258 12.84 -3.47 33.43
C HIS B 258 12.45 -3.26 31.98
N LEU B 259 11.74 -2.16 31.72
CA LEU B 259 11.46 -1.70 30.37
C LEU B 259 12.21 -0.40 30.12
N THR B 260 12.91 -0.32 28.99
CA THR B 260 13.68 0.87 28.65
C THR B 260 12.74 1.94 28.10
N GLU B 261 12.73 3.09 28.75
CA GLU B 261 11.82 4.17 28.38
C GLU B 261 12.08 4.62 26.95
N GLY B 262 11.00 4.79 26.18
CA GLY B 262 11.09 5.24 24.81
C GLY B 262 11.35 4.14 23.80
N ARG B 263 11.69 2.94 24.25
CA ARG B 263 11.91 1.82 23.35
C ARG B 263 10.94 0.68 23.59
N ASP B 264 10.73 0.31 24.85
CA ASP B 264 9.95 -0.87 25.20
C ASP B 264 8.53 -0.47 25.60
N TYR B 265 7.55 -1.25 25.13
CA TYR B 265 6.16 -0.97 25.44
C TYR B 265 5.45 -2.29 25.71
N TYR B 266 4.39 -2.20 26.51
CA TYR B 266 3.66 -3.39 26.94
C TYR B 266 2.60 -3.78 25.91
N TRP B 267 2.57 -5.07 25.59
CA TRP B 267 1.58 -5.63 24.68
C TRP B 267 0.16 -5.22 25.08
N ASP B 268 -0.20 -5.43 26.35
CA ASP B 268 -1.57 -5.16 26.77
C ASP B 268 -1.89 -3.67 26.73
N VAL B 269 -0.94 -2.83 27.12
CA VAL B 269 -1.21 -1.39 27.15
C VAL B 269 -1.42 -0.85 25.74
N GLU B 270 -0.60 -1.29 24.78
CA GLU B 270 -0.68 -0.72 23.44
C GLU B 270 -1.83 -1.31 22.62
N THR B 271 -2.05 -2.63 22.66
CA THR B 271 -3.12 -3.20 21.87
C THR B 271 -4.50 -2.71 22.32
N ALA B 272 -4.63 -2.30 23.59
CA ALA B 272 -5.90 -1.78 24.08
C ALA B 272 -6.28 -0.47 23.40
N LYS B 273 -5.35 0.18 22.70
CA LYS B 273 -5.62 1.45 22.06
C LYS B 273 -6.22 1.31 20.66
N PHE B 274 -6.28 0.09 20.11
CA PHE B 274 -6.58 -0.09 18.70
C PHE B 274 -7.77 -1.02 18.49
N PRO B 275 -8.50 -0.87 17.39
CA PRO B 275 -9.70 -1.68 17.16
C PRO B 275 -9.37 -3.08 16.69
N GLY B 276 -10.35 -3.97 16.88
CA GLY B 276 -10.25 -5.36 16.53
C GLY B 276 -10.41 -5.69 15.07
N TYR B 277 -10.38 -4.70 14.19
CA TYR B 277 -10.24 -4.97 12.76
C TYR B 277 -9.27 -3.97 12.15
N LEU B 278 -8.36 -4.46 11.33
CA LEU B 278 -7.43 -3.66 10.59
C LEU B 278 -7.30 -4.27 9.21
N PRO B 279 -7.39 -3.49 8.15
CA PRO B 279 -7.35 -4.06 6.78
C PRO B 279 -6.01 -4.72 6.50
N PRO B 280 -6.03 -5.92 5.92
CA PRO B 280 -4.76 -6.54 5.50
C PRO B 280 -4.20 -5.81 4.29
N VAL B 281 -2.87 -5.86 4.18
CA VAL B 281 -2.12 -5.22 3.11
C VAL B 281 -1.79 -6.26 2.04
N SER B 282 -2.22 -6.02 0.82
CA SER B 282 -1.90 -6.94 -0.27
C SER B 282 -0.40 -6.91 -0.58
N VAL B 283 0.17 -8.10 -0.80
CA VAL B 283 1.55 -8.22 -1.22
C VAL B 283 1.57 -9.09 -2.47
N ASN B 284 2.67 -8.97 -3.21
CA ASN B 284 2.86 -9.78 -4.40
C ASN B 284 3.16 -11.23 -4.00
N SER B 285 2.81 -12.16 -4.88
CA SER B 285 3.09 -13.58 -4.62
C SER B 285 4.54 -13.78 -4.22
N GLU B 286 5.46 -13.02 -4.80
CA GLU B 286 6.89 -13.20 -4.56
C GLU B 286 7.47 -12.21 -3.56
N ASP B 287 6.65 -11.36 -2.93
CA ASP B 287 7.15 -10.60 -1.80
C ASP B 287 7.46 -11.55 -0.65
N PRO B 288 8.52 -11.28 0.12
CA PRO B 288 8.91 -12.23 1.18
C PRO B 288 7.87 -12.29 2.28
N LEU B 289 7.52 -13.51 2.67
CA LEU B 289 6.65 -13.73 3.81
C LEU B 289 7.43 -13.77 5.11
N PHE B 290 8.58 -14.45 5.14
CA PHE B 290 9.38 -14.47 6.35
C PHE B 290 10.82 -14.82 6.06
N LEU B 291 11.67 -14.44 7.00
CA LEU B 291 13.05 -14.92 7.09
C LEU B 291 13.12 -15.93 8.23
N LEU B 292 13.76 -17.06 7.99
CA LEU B 292 13.97 -18.06 9.03
C LEU B 292 15.44 -18.44 9.04
N TYR B 293 16.13 -18.04 10.11
CA TYR B 293 17.56 -18.25 10.20
C TYR B 293 17.86 -19.69 10.61
N THR B 294 18.84 -20.26 9.94
CA THR B 294 19.26 -21.62 10.21
C THR B 294 20.33 -21.57 11.30
N SER B 295 20.40 -22.62 12.09
CA SER B 295 21.42 -22.72 13.14
C SER B 295 22.57 -23.62 12.72
N GLY B 299 27.81 -23.17 10.32
CA GLY B 299 28.49 -21.90 10.11
C GLY B 299 27.63 -20.70 10.48
N THR B 300 27.91 -19.57 9.83
CA THR B 300 27.16 -18.35 10.12
C THR B 300 25.67 -18.59 9.85
N PRO B 301 24.78 -18.11 10.73
CA PRO B 301 23.35 -18.27 10.44
C PRO B 301 22.98 -17.50 9.19
N LYS B 302 22.23 -18.14 8.33
CA LYS B 302 21.76 -17.54 7.09
C LYS B 302 20.24 -17.44 7.09
N GLY B 303 19.73 -16.30 6.64
CA GLY B 303 18.30 -16.08 6.62
C GLY B 303 17.64 -16.71 5.42
N VAL B 304 17.03 -17.89 5.62
CA VAL B 304 16.29 -18.53 4.54
C VAL B 304 15.02 -17.73 4.30
N VAL B 305 14.82 -17.31 3.04
CA VAL B 305 13.72 -16.42 2.67
C VAL B 305 12.69 -17.21 1.89
N HIS B 306 11.45 -17.13 2.34
CA HIS B 306 10.33 -17.78 1.67
C HIS B 306 9.37 -16.74 1.12
N SER B 307 8.88 -17.03 -0.10
CA SER B 307 7.86 -16.26 -0.78
C SER B 307 6.54 -16.33 -0.02
N THR B 308 5.52 -15.66 -0.55
CA THR B 308 4.19 -15.71 0.05
C THR B 308 3.29 -16.76 -0.61
N ALA B 309 2.99 -16.60 -1.90
CA ALA B 309 2.00 -17.48 -2.51
C ALA B 309 2.47 -18.92 -2.56
N GLY B 310 3.66 -19.16 -3.11
CA GLY B 310 4.14 -20.51 -3.26
C GLY B 310 4.28 -21.23 -1.93
N TYR B 311 4.86 -20.56 -0.95
CA TYR B 311 5.00 -21.18 0.37
C TYR B 311 3.64 -21.56 0.93
N LEU B 312 2.67 -20.63 0.88
CA LEU B 312 1.36 -20.91 1.44
C LEU B 312 0.69 -22.07 0.71
N LEU B 313 0.82 -22.13 -0.62
CA LEU B 313 0.23 -23.25 -1.35
C LEU B 313 0.88 -24.56 -0.95
N GLY B 314 2.20 -24.57 -0.81
CA GLY B 314 2.87 -25.78 -0.35
C GLY B 314 2.41 -26.19 1.04
N ALA B 315 2.24 -25.21 1.92
CA ALA B 315 1.80 -25.51 3.28
C ALA B 315 0.40 -26.12 3.28
N ALA B 316 -0.54 -25.50 2.57
CA ALA B 316 -1.90 -26.02 2.54
C ALA B 316 -1.97 -27.36 1.82
N LEU B 317 -1.26 -27.48 0.70
CA LEU B 317 -1.34 -28.70 -0.10
C LEU B 317 -0.79 -29.90 0.64
N SER B 318 0.39 -29.74 1.27
CA SER B 318 0.98 -30.85 1.99
C SER B 318 0.18 -31.17 3.26
N THR B 319 -0.26 -30.15 3.99
CA THR B 319 -1.10 -30.41 5.16
C THR B 319 -2.38 -31.14 4.78
N LYS B 320 -2.97 -30.76 3.64
CA LYS B 320 -4.23 -31.38 3.24
C LYS B 320 -4.02 -32.83 2.81
N TYR B 321 -3.08 -33.08 1.91
CA TYR B 321 -2.99 -34.38 1.24
C TYR B 321 -2.10 -35.38 1.98
N ILE B 322 -0.98 -34.94 2.56
CA ILE B 322 -0.10 -35.88 3.23
C ILE B 322 -0.66 -36.30 4.59
N PHE B 323 -1.31 -35.37 5.30
CA PHE B 323 -1.90 -35.68 6.60
C PHE B 323 -3.38 -36.08 6.51
N ASP B 324 -4.03 -35.85 5.36
CA ASP B 324 -5.47 -36.08 5.20
C ASP B 324 -6.27 -35.25 6.21
N ILE B 325 -6.19 -33.94 6.03
CA ILE B 325 -6.84 -33.00 6.92
C ILE B 325 -8.14 -32.53 6.28
N HIS B 326 -9.22 -32.62 7.06
CA HIS B 326 -10.54 -32.16 6.67
C HIS B 326 -11.00 -31.05 7.62
N PRO B 327 -12.08 -30.33 7.29
CA PRO B 327 -12.53 -29.23 8.17
C PRO B 327 -12.86 -29.69 9.59
N GLU B 328 -13.25 -30.95 9.78
CA GLU B 328 -13.63 -31.45 11.10
C GLU B 328 -12.43 -31.81 11.96
N ASP B 329 -11.23 -31.86 11.39
CA ASP B 329 -10.08 -32.42 12.08
C ASP B 329 -9.41 -31.39 13.00
N ILE B 330 -8.47 -31.88 13.80
CA ILE B 330 -7.76 -31.08 14.80
C ILE B 330 -6.31 -31.54 14.82
N LEU B 331 -5.39 -30.62 14.56
CA LEU B 331 -3.98 -30.94 14.37
C LEU B 331 -3.16 -30.53 15.58
N PHE B 332 -2.34 -31.45 16.08
CA PHE B 332 -1.40 -31.19 17.18
C PHE B 332 0.02 -31.43 16.65
N THR B 333 0.67 -30.36 16.22
CA THR B 333 2.08 -30.39 15.85
C THR B 333 2.90 -30.03 17.08
N ALA B 334 3.54 -31.04 17.69
CA ALA B 334 4.36 -30.85 18.88
C ALA B 334 5.74 -30.33 18.46
N GLY B 335 5.74 -29.10 17.95
CA GLY B 335 6.95 -28.44 17.54
C GLY B 335 6.99 -27.00 17.98
N ASP B 336 7.89 -26.23 17.40
CA ASP B 336 8.13 -24.86 17.85
C ASP B 336 8.22 -23.96 16.61
N VAL B 337 7.61 -22.77 16.69
CA VAL B 337 7.70 -21.81 15.61
C VAL B 337 9.13 -21.31 15.38
N GLY B 338 10.03 -21.55 16.33
CA GLY B 338 11.42 -21.21 16.08
C GLY B 338 12.04 -22.01 14.95
N TRP B 339 11.38 -23.06 14.51
CA TRP B 339 11.87 -23.93 13.44
C TRP B 339 10.79 -24.00 12.37
N ILE B 340 11.19 -24.48 11.18
CA ILE B 340 10.24 -24.50 10.07
C ILE B 340 9.04 -25.37 10.40
N THR B 341 9.22 -26.38 11.26
CA THR B 341 8.12 -27.27 11.62
C THR B 341 6.94 -26.49 12.19
N GLY B 342 7.21 -25.57 13.12
CA GLY B 342 6.14 -24.76 13.67
C GLY B 342 5.56 -23.78 12.67
N HIS B 343 6.43 -23.15 11.86
CA HIS B 343 5.96 -22.26 10.80
C HIS B 343 4.90 -22.94 9.95
N THR B 344 5.26 -24.08 9.37
CA THR B 344 4.46 -24.66 8.30
C THR B 344 3.32 -25.53 8.81
N TYR B 345 3.53 -26.30 9.88
CA TYR B 345 2.54 -27.29 10.27
C TYR B 345 1.92 -27.05 11.64
N ALA B 346 2.40 -26.05 12.38
CA ALA B 346 1.68 -25.55 13.55
C ALA B 346 0.86 -24.30 13.25
N LEU B 347 1.29 -23.49 12.27
CA LEU B 347 0.61 -22.23 11.96
C LEU B 347 0.01 -22.26 10.56
N TYR B 348 0.83 -22.14 9.51
CA TYR B 348 0.28 -21.78 8.20
C TYR B 348 -0.57 -22.89 7.60
N GLY B 349 -0.07 -24.12 7.62
CA GLY B 349 -0.80 -25.23 7.04
C GLY B 349 -2.20 -25.39 7.60
N PRO B 350 -2.31 -25.61 8.91
CA PRO B 350 -3.66 -25.80 9.49
C PRO B 350 -4.54 -24.57 9.41
N LEU B 351 -4.00 -23.38 9.69
CA LEU B 351 -4.85 -22.19 9.64
C LEU B 351 -5.33 -21.91 8.22
N LEU B 352 -4.48 -22.14 7.22
CA LEU B 352 -4.91 -21.98 5.83
C LEU B 352 -6.14 -22.83 5.54
N LEU B 353 -6.15 -24.07 6.06
CA LEU B 353 -7.26 -24.98 5.85
C LEU B 353 -8.43 -24.73 6.80
N GLY B 354 -8.29 -23.78 7.72
CA GLY B 354 -9.38 -23.40 8.60
C GLY B 354 -9.67 -24.34 9.74
N VAL B 355 -8.72 -25.15 10.15
CA VAL B 355 -8.94 -26.11 11.24
C VAL B 355 -8.26 -25.62 12.51
N PRO B 356 -8.61 -26.16 13.68
CA PRO B 356 -7.89 -25.78 14.90
C PRO B 356 -6.53 -26.43 14.96
N THR B 357 -5.58 -25.69 15.55
CA THR B 357 -4.22 -26.16 15.74
C THR B 357 -3.85 -26.01 17.21
N ILE B 358 -3.20 -27.04 17.75
CA ILE B 358 -2.84 -27.08 19.17
C ILE B 358 -1.43 -26.52 19.32
N ILE B 359 -1.32 -25.44 20.08
CA ILE B 359 -0.06 -24.73 20.34
C ILE B 359 0.35 -25.04 21.77
N PHE B 360 1.40 -25.84 21.94
CA PHE B 360 1.82 -26.33 23.25
C PHE B 360 3.10 -25.62 23.68
N GLU B 361 3.03 -24.93 24.82
CA GLU B 361 4.13 -24.11 25.31
C GLU B 361 5.16 -24.90 26.12
N GLY B 362 4.82 -26.08 26.62
CA GLY B 362 5.62 -26.76 27.62
C GLY B 362 6.55 -27.81 27.04
N THR B 363 6.87 -28.79 27.88
CA THR B 363 7.72 -29.90 27.50
C THR B 363 6.91 -31.19 27.61
N PRO B 364 7.36 -32.27 26.96
CA PRO B 364 6.61 -33.54 27.05
C PRO B 364 6.60 -34.15 28.44
N ALA B 365 7.39 -33.63 29.37
CA ALA B 365 7.56 -34.24 30.68
C ALA B 365 6.89 -33.48 31.81
N TYR B 366 6.32 -32.31 31.54
CA TYR B 366 5.83 -31.46 32.62
C TYR B 366 4.34 -31.18 32.46
N PRO B 367 3.54 -31.32 33.53
CA PRO B 367 3.93 -31.72 34.90
C PRO B 367 4.33 -33.19 35.00
N ASP B 368 3.99 -34.02 34.01
CA ASP B 368 4.40 -35.43 34.03
C ASP B 368 4.49 -35.92 32.58
N TYR B 369 4.97 -37.16 32.43
CA TYR B 369 5.30 -37.72 31.13
C TYR B 369 4.07 -38.13 30.31
N GLY B 370 2.86 -37.94 30.83
CA GLY B 370 1.67 -38.14 30.06
C GLY B 370 1.11 -36.91 29.37
N ARG B 371 1.83 -35.77 29.41
CA ARG B 371 1.22 -34.50 29.00
C ARG B 371 0.76 -34.55 27.54
N PHE B 372 1.62 -35.03 26.62
CA PHE B 372 1.24 -35.14 25.22
C PHE B 372 -0.09 -35.85 25.07
N TRP B 373 -0.24 -36.98 25.76
CA TRP B 373 -1.41 -37.84 25.57
C TRP B 373 -2.63 -37.26 26.27
N GLN B 374 -2.41 -36.60 27.41
CA GLN B 374 -3.50 -35.88 28.07
C GLN B 374 -4.03 -34.77 27.18
N ILE B 375 -3.15 -34.10 26.43
CA ILE B 375 -3.60 -33.04 25.53
C ILE B 375 -4.42 -33.61 24.38
N VAL B 376 -3.95 -34.71 23.78
CA VAL B 376 -4.68 -35.36 22.69
C VAL B 376 -6.05 -35.79 23.15
N GLU B 377 -6.14 -36.39 24.33
CA GLU B 377 -7.44 -36.84 24.84
C GLU B 377 -8.33 -35.65 25.15
N LYS B 378 -7.79 -34.62 25.80
CA LYS B 378 -8.57 -33.44 26.15
C LYS B 378 -9.28 -32.84 24.94
N HIS B 379 -8.56 -32.68 23.83
CA HIS B 379 -9.10 -31.97 22.69
C HIS B 379 -9.51 -32.88 21.54
N LYS B 380 -9.43 -34.21 21.72
CA LYS B 380 -9.82 -35.16 20.68
C LYS B 380 -9.06 -34.87 19.38
N ALA B 381 -7.76 -34.66 19.53
CA ALA B 381 -6.92 -34.43 18.36
C ALA B 381 -6.99 -35.64 17.43
N THR B 382 -7.09 -35.36 16.12
CA THR B 382 -7.15 -36.39 15.10
C THR B 382 -5.80 -36.61 14.42
N HIS B 383 -4.89 -35.66 14.54
CA HIS B 383 -3.59 -35.70 13.88
C HIS B 383 -2.53 -35.27 14.88
N PHE B 384 -1.43 -36.01 14.91
CA PHE B 384 -0.33 -35.77 15.83
C PHE B 384 0.98 -35.85 15.05
N TYR B 385 1.85 -34.86 15.23
CA TYR B 385 3.07 -34.67 14.45
C TYR B 385 4.20 -34.34 15.41
N VAL B 386 5.23 -35.18 15.49
CA VAL B 386 6.24 -35.07 16.53
C VAL B 386 7.58 -35.57 16.03
N ALA B 387 8.64 -35.13 16.68
CA ALA B 387 10.00 -35.52 16.35
C ALA B 387 10.37 -36.85 17.00
N PRO B 388 11.07 -37.74 16.29
CA PRO B 388 11.54 -38.96 16.94
C PRO B 388 12.34 -38.73 18.21
N THR B 389 13.08 -37.62 18.29
CA THR B 389 13.81 -37.31 19.52
C THR B 389 12.88 -37.29 20.72
N ALA B 390 11.70 -36.69 20.57
CA ALA B 390 10.75 -36.66 21.67
C ALA B 390 10.17 -38.04 21.93
N LEU B 391 9.91 -38.81 20.87
CA LEU B 391 9.38 -40.16 21.05
C LEU B 391 10.35 -41.02 21.84
N ARG B 392 11.65 -40.92 21.55
CA ARG B 392 12.62 -41.75 22.25
C ARG B 392 12.65 -41.41 23.74
N LEU B 393 12.55 -40.13 24.08
CA LEU B 393 12.50 -39.75 25.49
C LEU B 393 11.27 -40.36 26.17
N LEU B 394 10.12 -40.29 25.53
CA LEU B 394 8.90 -40.80 26.15
C LEU B 394 8.94 -42.33 26.24
N ARG B 395 9.53 -42.99 25.25
CA ARG B 395 9.70 -44.43 25.34
C ARG B 395 10.59 -44.82 26.51
N LYS B 396 11.65 -44.05 26.73
CA LYS B 396 12.60 -44.39 27.77
C LYS B 396 12.00 -44.14 29.16
N ALA B 397 11.30 -43.02 29.35
CA ALA B 397 10.94 -42.56 30.68
C ALA B 397 9.45 -42.55 30.99
N GLY B 398 8.58 -42.68 29.99
CA GLY B 398 7.15 -42.52 30.22
C GLY B 398 6.24 -43.47 29.47
N GLU B 399 6.75 -44.64 29.07
CA GLU B 399 5.98 -45.52 28.20
C GLU B 399 4.64 -45.91 28.82
N GLN B 400 4.63 -46.21 30.11
CA GLN B 400 3.41 -46.68 30.76
C GLN B 400 2.34 -45.61 30.86
N GLU B 401 2.69 -44.34 30.67
CA GLU B 401 1.69 -43.29 30.78
C GLU B 401 0.74 -43.26 29.59
N ILE B 402 1.17 -43.79 28.44
CA ILE B 402 0.37 -43.65 27.22
C ILE B 402 -0.98 -44.35 27.38
N ALA B 403 -0.95 -45.57 27.90
CA ALA B 403 -2.16 -46.38 28.04
C ALA B 403 -3.18 -45.77 28.99
N LYS B 404 -2.80 -44.74 29.76
CA LYS B 404 -3.70 -44.12 30.70
C LYS B 404 -4.68 -43.16 30.05
N TYR B 405 -4.55 -42.89 28.75
CA TYR B 405 -5.31 -41.86 28.07
C TYR B 405 -6.01 -42.46 26.86
N ASP B 406 -7.19 -41.91 26.55
CA ASP B 406 -7.94 -42.32 25.37
C ASP B 406 -7.39 -41.58 24.16
N LEU B 407 -6.71 -42.31 23.28
CA LEU B 407 -6.11 -41.73 22.09
C LEU B 407 -6.81 -42.18 20.81
N SER B 408 -8.05 -42.66 20.94
CA SER B 408 -8.79 -43.22 19.80
C SER B 408 -9.28 -42.15 18.82
N SER B 409 -9.17 -40.86 19.16
CA SER B 409 -9.50 -39.83 18.18
C SER B 409 -8.43 -39.72 17.09
N LEU B 410 -7.23 -40.20 17.34
CA LEU B 410 -6.16 -40.07 16.35
C LEU B 410 -6.34 -41.05 15.20
N ARG B 411 -5.95 -40.61 14.01
CA ARG B 411 -5.81 -41.50 12.88
C ARG B 411 -4.53 -41.29 12.11
N THR B 412 -3.89 -40.13 12.20
CA THR B 412 -2.64 -39.84 11.51
C THR B 412 -1.57 -39.49 12.52
N LEU B 413 -0.45 -40.21 12.46
CA LEU B 413 0.71 -39.97 13.29
C LEU B 413 1.87 -39.59 12.38
N GLY B 414 2.38 -38.38 12.52
CA GLY B 414 3.48 -37.91 11.72
C GLY B 414 4.78 -37.92 12.50
N SER B 415 5.89 -38.17 11.78
CA SER B 415 7.23 -38.02 12.31
C SER B 415 7.88 -36.84 11.58
N VAL B 416 8.36 -35.87 12.35
CA VAL B 416 8.65 -34.54 11.82
C VAL B 416 9.72 -34.59 10.74
N GLY B 417 10.86 -35.21 11.04
CA GLY B 417 11.93 -35.22 10.07
C GLY B 417 13.30 -35.52 10.63
N GLU B 418 13.53 -36.79 10.92
CA GLU B 418 14.82 -37.24 11.42
C GLU B 418 14.86 -38.74 11.21
N PRO B 419 16.03 -39.33 11.06
CA PRO B 419 16.06 -40.80 10.87
C PRO B 419 15.25 -41.53 11.92
N ILE B 420 14.17 -42.20 11.49
CA ILE B 420 13.35 -43.04 12.33
C ILE B 420 13.67 -44.48 11.96
N SER B 421 14.19 -45.24 12.92
CA SER B 421 14.48 -46.65 12.69
C SER B 421 13.19 -47.45 12.60
N PRO B 422 13.23 -48.62 11.94
CA PRO B 422 12.04 -49.47 11.91
C PRO B 422 11.52 -49.80 13.30
N ASP B 423 12.41 -49.91 14.28
CA ASP B 423 12.00 -50.25 15.65
C ASP B 423 11.19 -49.12 16.28
N ILE B 424 11.67 -47.88 16.17
CA ILE B 424 10.91 -46.74 16.68
C ILE B 424 9.59 -46.60 15.93
N TRP B 425 9.61 -46.85 14.62
CA TRP B 425 8.37 -46.83 13.84
C TRP B 425 7.35 -47.81 14.40
N GLU B 426 7.78 -49.05 14.68
CA GLU B 426 6.89 -50.04 15.26
C GLU B 426 6.41 -49.63 16.65
N TRP B 427 7.32 -49.09 17.47
CA TRP B 427 6.90 -48.60 18.78
C TRP B 427 5.85 -47.50 18.64
N TYR B 428 6.14 -46.51 17.78
CA TYR B 428 5.18 -45.44 17.53
C TYR B 428 3.84 -46.02 17.06
N ASN B 429 3.90 -46.95 16.10
CA ASN B 429 2.69 -47.52 15.53
C ASN B 429 1.87 -48.29 16.57
N GLU B 430 2.55 -49.02 17.45
CA GLU B 430 1.84 -49.87 18.41
C GLU B 430 1.39 -49.09 19.64
N PHE B 431 2.32 -48.38 20.30
CA PHE B 431 2.01 -47.83 21.61
C PHE B 431 1.19 -46.55 21.53
N VAL B 432 1.37 -45.75 20.49
CA VAL B 432 0.56 -44.54 20.30
C VAL B 432 -0.63 -44.81 19.40
N GLY B 433 -0.41 -45.47 18.26
CA GLY B 433 -1.46 -45.70 17.28
C GLY B 433 -2.28 -46.94 17.51
N LYS B 434 -1.87 -47.80 18.45
CA LYS B 434 -2.59 -49.05 18.70
C LYS B 434 -2.75 -49.86 17.41
N ASN B 435 -1.81 -49.67 16.48
CA ASN B 435 -1.84 -50.37 15.19
C ASN B 435 -3.08 -50.03 14.38
N GLN B 436 -3.66 -48.85 14.61
CA GLN B 436 -4.87 -48.43 13.93
C GLN B 436 -4.70 -47.14 13.13
N CYS B 437 -3.57 -46.47 13.25
CA CYS B 437 -3.33 -45.19 12.61
C CYS B 437 -2.38 -45.34 11.44
N HIS B 438 -2.44 -44.37 10.54
CA HIS B 438 -1.46 -44.21 9.48
C HIS B 438 -0.30 -43.36 9.97
N ILE B 439 0.92 -43.80 9.64
CA ILE B 439 2.13 -43.09 10.03
C ILE B 439 2.71 -42.40 8.81
N SER B 440 3.07 -41.12 8.97
CA SER B 440 3.65 -40.30 7.91
C SER B 440 5.03 -39.85 8.35
N ASP B 441 6.04 -40.56 7.88
CA ASP B 441 7.45 -40.18 8.03
C ASP B 441 7.76 -39.13 6.96
N THR B 442 7.83 -37.87 7.35
CA THR B 442 7.95 -36.77 6.40
C THR B 442 9.42 -36.38 6.25
N TYR B 443 9.91 -36.39 5.02
CA TYR B 443 11.23 -35.87 4.69
C TYR B 443 11.08 -34.48 4.07
N TRP B 444 11.82 -33.52 4.60
CA TRP B 444 11.82 -32.15 4.10
C TRP B 444 12.89 -31.38 4.88
N GLN B 445 12.99 -30.08 4.60
CA GLN B 445 14.00 -29.25 5.23
C GLN B 445 13.54 -27.79 5.18
N THR B 446 14.21 -26.95 5.98
CA THR B 446 13.84 -25.54 6.07
C THR B 446 13.71 -24.91 4.69
N GLU B 447 14.65 -25.19 3.79
CA GLU B 447 14.66 -24.57 2.47
C GLU B 447 13.59 -25.12 1.54
N SER B 448 12.95 -26.25 1.87
CA SER B 448 11.90 -26.78 1.01
C SER B 448 10.53 -26.19 1.32
N GLY B 449 10.38 -25.53 2.46
CA GLY B 449 9.12 -24.91 2.84
C GLY B 449 8.10 -25.88 3.36
N SER B 450 7.96 -27.02 2.69
CA SER B 450 6.95 -28.03 3.01
C SER B 450 7.49 -29.40 2.60
N HIS B 451 6.67 -30.43 2.82
CA HIS B 451 7.11 -31.82 2.64
C HIS B 451 7.64 -32.08 1.23
N LEU B 452 8.75 -32.81 1.14
CA LEU B 452 9.32 -33.24 -0.12
C LEU B 452 8.98 -34.69 -0.46
N ILE B 453 9.09 -35.59 0.51
CA ILE B 453 8.84 -37.02 0.33
C ILE B 453 8.14 -37.50 1.59
N ALA B 454 6.95 -38.07 1.42
CA ALA B 454 6.17 -38.53 2.58
C ALA B 454 5.03 -39.44 2.13
N PRO B 455 4.61 -40.40 2.96
CA PRO B 455 3.45 -41.25 2.63
C PRO B 455 2.14 -40.50 2.88
N LEU B 456 1.33 -40.36 1.84
CA LEU B 456 0.05 -39.69 1.98
C LEU B 456 -0.91 -40.50 2.85
N ALA B 457 -1.44 -39.87 3.90
CA ALA B 457 -2.28 -40.60 4.85
C ALA B 457 -3.48 -41.22 4.17
N GLY B 458 -3.68 -42.51 4.43
CA GLY B 458 -4.80 -43.23 3.85
C GLY B 458 -4.63 -43.62 2.40
N VAL B 459 -3.46 -43.38 1.80
CA VAL B 459 -3.26 -43.59 0.37
C VAL B 459 -2.05 -44.49 0.13
N VAL B 460 -0.91 -44.13 0.69
CA VAL B 460 0.37 -44.79 0.39
C VAL B 460 0.63 -45.84 1.46
N PRO B 461 0.80 -47.11 1.09
CA PRO B 461 1.23 -48.10 2.08
C PRO B 461 2.65 -47.84 2.55
N ASN B 462 2.91 -48.19 3.80
CA ASN B 462 4.17 -47.82 4.44
C ASN B 462 5.18 -48.96 4.38
N LYS B 463 6.45 -48.57 4.29
CA LYS B 463 7.57 -49.42 4.67
C LYS B 463 8.27 -48.74 5.84
N PRO B 464 8.30 -49.35 7.03
CA PRO B 464 8.87 -48.65 8.18
C PRO B 464 10.29 -48.20 7.90
N GLY B 465 10.55 -46.91 8.09
CA GLY B 465 11.84 -46.33 7.85
C GLY B 465 11.99 -45.66 6.50
N SER B 466 10.99 -45.77 5.63
CA SER B 466 11.00 -45.16 4.30
C SER B 466 10.01 -44.01 4.24
N ALA B 467 10.44 -42.89 3.63
CA ALA B 467 9.56 -41.75 3.40
C ALA B 467 8.60 -41.96 2.23
N SER B 468 8.80 -43.02 1.43
CA SER B 468 7.93 -43.42 0.33
C SER B 468 8.13 -42.54 -0.90
N TYR B 469 7.02 -41.92 -1.45
CA TYR B 469 7.04 -41.28 -2.77
C TYR B 469 7.29 -39.78 -2.68
N PRO B 470 7.94 -39.20 -3.70
CA PRO B 470 8.02 -37.73 -3.75
C PRO B 470 6.64 -37.12 -3.86
N PHE B 471 6.50 -35.92 -3.30
CA PHE B 471 5.22 -35.22 -3.26
C PHE B 471 5.02 -34.41 -4.54
N PHE B 472 3.79 -33.91 -4.70
CA PHE B 472 3.41 -33.07 -5.83
C PHE B 472 4.46 -31.98 -6.12
N GLY B 473 4.83 -31.85 -7.39
CA GLY B 473 5.77 -30.84 -7.82
C GLY B 473 7.22 -31.13 -7.51
N ILE B 474 7.51 -32.26 -6.87
CA ILE B 474 8.86 -32.63 -6.46
C ILE B 474 9.33 -33.74 -7.38
N ASP B 475 10.19 -33.40 -8.33
CA ASP B 475 10.76 -34.38 -9.25
C ASP B 475 12.10 -34.82 -8.67
N ALA B 476 12.05 -35.82 -7.79
CA ALA B 476 13.23 -36.25 -7.07
C ALA B 476 14.08 -37.17 -7.93
N ALA B 477 15.38 -37.17 -7.69
CA ALA B 477 16.30 -38.00 -8.44
C ALA B 477 17.48 -38.39 -7.56
N LEU B 478 18.17 -39.44 -7.95
CA LEU B 478 19.43 -39.82 -7.32
C LEU B 478 20.53 -39.47 -8.31
N ILE B 479 21.56 -38.82 -7.79
CA ILE B 479 22.69 -38.28 -8.53
C ILE B 479 23.97 -38.97 -8.08
N ASP B 480 24.79 -39.35 -9.04
CA ASP B 480 26.11 -39.85 -8.71
C ASP B 480 26.89 -38.69 -8.08
N PRO B 481 27.47 -38.88 -6.89
CA PRO B 481 28.12 -37.74 -6.22
C PRO B 481 29.37 -37.24 -6.91
N VAL B 482 30.04 -38.07 -7.71
CA VAL B 482 31.26 -37.64 -8.38
C VAL B 482 30.93 -36.89 -9.68
N THR B 483 30.00 -37.41 -10.48
CA THR B 483 29.76 -36.87 -11.82
C THR B 483 28.52 -35.99 -11.92
N GLY B 484 27.64 -36.03 -10.93
CA GLY B 484 26.41 -35.29 -11.01
C GLY B 484 25.39 -35.82 -11.99
N VAL B 485 25.61 -37.02 -12.53
CA VAL B 485 24.75 -37.57 -13.57
C VAL B 485 23.65 -38.40 -12.93
N GLU B 486 22.44 -38.26 -13.47
CA GLU B 486 21.30 -38.92 -12.86
C GLU B 486 21.40 -40.44 -12.98
N ILE B 487 21.03 -41.12 -11.91
CA ILE B 487 21.09 -42.57 -11.85
C ILE B 487 19.73 -43.11 -12.26
N GLU B 488 19.69 -43.88 -13.33
CA GLU B 488 18.43 -44.41 -13.85
C GLU B 488 18.11 -45.74 -13.18
N GLY B 489 16.82 -46.01 -13.05
CA GLY B 489 16.35 -47.27 -12.53
C GLY B 489 16.38 -47.35 -11.02
N ASN B 490 15.83 -48.43 -10.51
CA ASN B 490 15.64 -48.62 -9.08
C ASN B 490 16.67 -49.58 -8.53
N ASP B 491 16.57 -49.85 -7.23
CA ASP B 491 17.63 -50.53 -6.48
C ASP B 491 18.92 -49.73 -6.60
N ALA B 492 18.81 -48.43 -6.31
CA ALA B 492 19.88 -47.48 -6.55
C ALA B 492 20.10 -46.59 -5.32
N GLU B 493 21.27 -45.97 -5.27
CA GLU B 493 21.64 -45.08 -4.19
C GLU B 493 22.46 -43.92 -4.75
N GLY B 494 22.39 -42.78 -4.08
CA GLY B 494 23.21 -41.64 -4.46
C GLY B 494 22.76 -40.38 -3.76
N VAL B 495 23.15 -39.26 -4.33
CA VAL B 495 22.78 -37.95 -3.80
C VAL B 495 21.33 -37.67 -4.15
N LEU B 496 20.56 -37.26 -3.16
CA LEU B 496 19.16 -36.89 -3.38
C LEU B 496 19.13 -35.47 -3.92
N ALA B 497 18.57 -35.31 -5.11
CA ALA B 497 18.54 -34.01 -5.79
C ALA B 497 17.16 -33.85 -6.43
N ILE B 498 16.79 -32.59 -6.67
CA ILE B 498 15.49 -32.24 -7.25
C ILE B 498 15.74 -31.59 -8.59
N LYS B 499 14.96 -31.97 -9.60
CA LYS B 499 15.24 -31.62 -10.98
C LYS B 499 14.59 -30.32 -11.44
N ASP B 500 13.69 -29.76 -10.64
CA ASP B 500 13.08 -28.48 -10.95
C ASP B 500 12.62 -27.85 -9.64
N HIS B 501 12.42 -26.54 -9.66
CA HIS B 501 11.96 -25.89 -8.44
C HIS B 501 10.47 -26.15 -8.24
N TRP B 502 10.00 -25.84 -7.03
CA TRP B 502 8.63 -26.12 -6.62
C TRP B 502 8.09 -24.92 -5.87
N PRO B 503 6.77 -24.84 -5.70
CA PRO B 503 6.17 -23.57 -5.24
C PRO B 503 6.71 -23.05 -3.92
N SER B 504 6.94 -23.90 -2.93
CA SER B 504 7.37 -23.46 -1.61
C SER B 504 8.88 -23.52 -1.43
N MET B 505 9.64 -23.71 -2.50
CA MET B 505 11.09 -23.67 -2.40
C MET B 505 11.55 -22.29 -1.94
N ALA B 506 12.52 -22.27 -1.03
CA ALA B 506 13.10 -21.00 -0.60
C ALA B 506 13.67 -20.24 -1.79
N ARG B 507 13.52 -18.92 -1.77
CA ARG B 507 13.86 -18.10 -2.93
C ARG B 507 15.26 -17.47 -2.85
N THR B 508 15.79 -17.25 -1.65
CA THR B 508 17.14 -16.70 -1.53
C THR B 508 17.58 -16.88 -0.08
N VAL B 509 18.83 -16.52 0.16
CA VAL B 509 19.35 -16.26 1.49
C VAL B 509 19.44 -14.75 1.63
N TYR B 510 18.91 -14.21 2.74
CA TYR B 510 18.68 -12.77 2.84
C TYR B 510 19.94 -11.96 2.56
N LYS B 511 19.87 -11.13 1.53
CA LYS B 511 20.96 -10.25 1.10
C LYS B 511 22.25 -11.01 0.86
N ASN B 512 22.13 -12.29 0.51
CA ASN B 512 23.30 -13.12 0.24
C ASN B 512 22.96 -14.19 -0.80
N HIS B 513 22.43 -13.74 -1.95
CA HIS B 513 21.99 -14.69 -2.95
C HIS B 513 23.13 -15.56 -3.48
N THR B 514 24.37 -15.06 -3.45
CA THR B 514 25.48 -15.88 -3.95
C THR B 514 25.74 -17.09 -3.05
N LYS B 515 25.63 -16.92 -1.72
CA LYS B 515 25.71 -18.06 -0.82
C LYS B 515 24.58 -19.07 -1.12
N TYR B 516 23.38 -18.56 -1.39
CA TYR B 516 22.25 -19.42 -1.78
C TYR B 516 22.61 -20.23 -3.02
N MET B 517 23.09 -19.56 -4.07
CA MET B 517 23.45 -20.29 -5.28
C MET B 517 24.53 -21.33 -4.99
N ASP B 518 25.58 -20.93 -4.27
CA ASP B 518 26.69 -21.86 -4.01
C ASP B 518 26.27 -23.05 -3.15
N THR B 519 25.23 -22.87 -2.31
CA THR B 519 24.83 -23.95 -1.41
C THR B 519 23.90 -24.94 -2.09
N TYR B 520 22.93 -24.45 -2.89
CA TYR B 520 21.82 -25.26 -3.38
C TYR B 520 21.85 -25.53 -4.87
N MET B 521 22.32 -24.58 -5.70
CA MET B 521 22.17 -24.67 -7.14
C MET B 521 23.45 -24.98 -7.89
N ASN B 522 24.60 -24.55 -7.37
CA ASN B 522 25.89 -24.68 -8.05
C ASN B 522 26.62 -26.00 -7.79
N PRO B 523 26.44 -26.64 -6.63
CA PRO B 523 27.19 -27.90 -6.43
C PRO B 523 26.91 -28.92 -7.51
N TYR B 524 25.63 -29.06 -7.90
CA TYR B 524 25.20 -29.96 -8.97
C TYR B 524 24.34 -29.19 -9.95
N PRO B 525 24.96 -28.50 -10.92
CA PRO B 525 24.18 -27.62 -11.81
C PRO B 525 23.05 -28.37 -12.48
N GLY B 526 21.89 -27.71 -12.57
CA GLY B 526 20.68 -28.31 -13.07
C GLY B 526 19.81 -28.98 -12.02
N TYR B 527 20.28 -29.05 -10.78
CA TYR B 527 19.55 -29.70 -9.71
C TYR B 527 19.51 -28.80 -8.49
N TYR B 528 18.56 -29.08 -7.61
CA TYR B 528 18.58 -28.58 -6.25
C TYR B 528 19.26 -29.63 -5.37
N PHE B 529 20.27 -29.21 -4.62
CA PHE B 529 21.09 -30.12 -3.82
C PHE B 529 20.53 -30.15 -2.39
N THR B 530 20.01 -31.30 -1.97
CA THR B 530 19.46 -31.43 -0.62
C THR B 530 20.54 -31.54 0.44
N GLY B 531 21.76 -31.91 0.05
CA GLY B 531 22.76 -32.27 1.03
C GLY B 531 22.61 -33.66 1.61
N ASP B 532 21.59 -34.41 1.21
CA ASP B 532 21.32 -35.72 1.75
C ASP B 532 21.63 -36.79 0.72
N GLY B 533 21.98 -37.97 1.19
CA GLY B 533 22.03 -39.16 0.35
C GLY B 533 20.78 -39.98 0.56
N ALA B 534 20.44 -40.80 -0.43
CA ALA B 534 19.23 -41.60 -0.34
C ALA B 534 19.35 -42.82 -1.26
N ALA B 535 18.42 -43.75 -1.08
CA ALA B 535 18.32 -44.94 -1.91
C ALA B 535 16.89 -45.09 -2.40
N ARG B 536 16.73 -45.71 -3.57
CA ARG B 536 15.42 -45.89 -4.19
C ARG B 536 15.23 -47.37 -4.51
N ASP B 537 14.20 -47.98 -3.94
CA ASP B 537 14.02 -49.43 -4.07
C ASP B 537 13.16 -49.75 -5.29
N HIS B 538 12.87 -51.04 -5.47
CA HIS B 538 12.19 -51.50 -6.68
C HIS B 538 10.74 -51.03 -6.75
N ASP B 539 10.16 -50.58 -5.64
CA ASP B 539 8.82 -49.99 -5.66
C ASP B 539 8.84 -48.48 -5.85
N GLY B 540 10.02 -47.89 -5.99
CA GLY B 540 10.12 -46.45 -6.09
C GLY B 540 10.13 -45.72 -4.77
N TYR B 541 10.17 -46.45 -3.66
CA TYR B 541 10.22 -45.84 -2.33
C TYR B 541 11.62 -45.32 -2.02
N TYR B 542 11.68 -44.11 -1.46
CA TYR B 542 12.96 -43.51 -1.09
C TYR B 542 13.26 -43.80 0.37
N TRP B 543 14.53 -44.10 0.62
CA TRP B 543 15.06 -44.34 1.96
C TRP B 543 16.15 -43.30 2.19
N ILE B 544 15.91 -42.40 3.13
CA ILE B 544 16.88 -41.35 3.43
C ILE B 544 18.08 -41.94 4.14
N ARG B 545 19.28 -41.61 3.66
CA ARG B 545 20.51 -42.18 4.18
C ARG B 545 21.41 -41.17 4.88
N GLY B 546 21.00 -39.92 5.02
CA GLY B 546 21.79 -39.02 5.81
C GLY B 546 22.80 -38.20 5.02
N ARG B 547 23.48 -37.35 5.75
CA ARG B 547 24.24 -36.26 5.15
C ARG B 547 25.40 -36.78 4.31
N VAL B 548 25.66 -36.09 3.20
CA VAL B 548 26.86 -36.34 2.41
C VAL B 548 27.96 -35.47 3.02
N ASP B 549 29.20 -35.63 2.56
CA ASP B 549 30.34 -35.10 3.29
C ASP B 549 30.87 -33.79 2.70
N ASP B 550 30.00 -32.97 2.12
CA ASP B 550 30.36 -31.59 1.77
C ASP B 550 31.50 -31.52 0.76
N VAL B 551 31.17 -31.69 -0.52
CA VAL B 551 32.08 -31.51 -1.64
C VAL B 551 32.11 -30.06 -2.08
N VAL B 552 33.27 -29.64 -2.57
CA VAL B 552 33.51 -28.31 -3.12
C VAL B 552 33.73 -28.48 -4.62
N ASN B 553 33.03 -27.69 -5.43
CA ASN B 553 33.00 -27.88 -6.88
C ASN B 553 33.92 -26.86 -7.54
N VAL B 554 35.04 -27.33 -8.07
CA VAL B 554 36.02 -26.47 -8.72
C VAL B 554 36.05 -26.88 -10.19
N SER B 555 35.44 -26.08 -11.06
CA SER B 555 35.46 -26.33 -12.50
C SER B 555 34.99 -27.75 -12.83
N GLY B 556 33.92 -28.20 -12.15
CA GLY B 556 33.38 -29.53 -12.38
C GLY B 556 34.01 -30.66 -11.62
N HIS B 557 35.11 -30.43 -10.89
CA HIS B 557 35.70 -31.43 -10.03
C HIS B 557 35.26 -31.18 -8.59
N ARG B 558 34.62 -32.18 -7.99
CA ARG B 558 34.15 -32.09 -6.62
C ARG B 558 35.25 -32.55 -5.69
N LEU B 559 35.59 -31.71 -4.71
CA LEU B 559 36.69 -31.97 -3.81
C LEU B 559 36.17 -32.09 -2.38
N SER B 560 36.85 -32.88 -1.57
CA SER B 560 36.53 -33.05 -0.14
C SER B 560 37.55 -32.26 0.66
N THR B 561 37.08 -31.22 1.35
CA THR B 561 37.97 -30.46 2.22
C THR B 561 38.60 -31.36 3.27
N ALA B 562 37.86 -32.36 3.76
CA ALA B 562 38.41 -33.23 4.79
C ALA B 562 39.56 -34.09 4.24
N GLU B 563 39.41 -34.62 3.03
CA GLU B 563 40.48 -35.42 2.44
C GLU B 563 41.74 -34.60 2.22
N ILE B 564 41.58 -33.34 1.82
CA ILE B 564 42.75 -32.48 1.60
C ILE B 564 43.43 -32.18 2.93
N GLU B 565 42.65 -31.90 3.98
CA GLU B 565 43.23 -31.70 5.30
C GLU B 565 44.02 -32.92 5.74
N ALA B 566 43.43 -34.11 5.60
CA ALA B 566 44.11 -35.33 6.01
C ALA B 566 45.41 -35.53 5.23
N ALA B 567 45.39 -35.26 3.92
CA ALA B 567 46.58 -35.45 3.11
C ALA B 567 47.70 -34.50 3.53
N LEU B 568 47.36 -33.24 3.82
CA LEU B 568 48.37 -32.29 4.27
C LEU B 568 48.98 -32.72 5.61
N ILE B 569 48.14 -33.29 6.49
CA ILE B 569 48.60 -33.67 7.83
C ILE B 569 49.59 -34.82 7.78
N GLU B 570 49.48 -35.70 6.77
CA GLU B 570 50.44 -36.78 6.63
C GLU B 570 51.87 -36.26 6.56
N ASP B 571 52.06 -35.08 5.97
CA ASP B 571 53.37 -34.44 5.97
C ASP B 571 53.79 -34.14 7.42
N LYS B 572 54.88 -34.77 7.87
CA LYS B 572 55.25 -34.68 9.27
C LYS B 572 55.83 -33.32 9.64
N LYS B 573 56.23 -32.51 8.66
CA LYS B 573 56.63 -31.13 8.92
C LYS B 573 55.44 -30.21 9.19
N VAL B 574 54.22 -30.68 8.95
CA VAL B 574 53.02 -29.87 9.12
C VAL B 574 52.45 -30.15 10.51
N SER B 575 52.07 -29.07 11.20
CA SER B 575 51.49 -29.18 12.54
C SER B 575 49.97 -29.15 12.52
N GLU B 576 49.37 -28.21 11.79
CA GLU B 576 47.93 -28.11 11.70
C GLU B 576 47.53 -27.72 10.29
N ALA B 577 46.33 -28.15 9.88
CA ALA B 577 45.81 -27.85 8.56
C ALA B 577 44.30 -27.66 8.60
N ALA B 578 43.82 -26.61 7.94
CA ALA B 578 42.39 -26.35 7.77
C ALA B 578 42.14 -25.91 6.34
N VAL B 579 41.18 -26.57 5.68
CA VAL B 579 40.89 -26.34 4.27
C VAL B 579 39.44 -25.88 4.15
N VAL B 580 39.23 -24.79 3.42
CA VAL B 580 37.89 -24.22 3.25
C VAL B 580 37.63 -23.95 1.78
N GLY B 581 36.34 -23.75 1.48
CA GLY B 581 35.91 -23.39 0.14
C GLY B 581 35.29 -22.00 0.14
N ILE B 582 35.47 -21.29 -0.98
CA ILE B 582 34.90 -19.96 -1.17
C ILE B 582 34.42 -19.83 -2.61
N HIS B 583 33.57 -18.84 -2.83
CA HIS B 583 33.07 -18.56 -4.17
C HIS B 583 34.21 -18.12 -5.07
N ASP B 584 34.10 -18.49 -6.35
CA ASP B 584 35.05 -18.08 -7.36
C ASP B 584 34.29 -17.83 -8.65
N ASP B 585 34.60 -16.71 -9.32
CA ASP B 585 33.83 -16.31 -10.50
C ASP B 585 34.12 -17.17 -11.73
N ILE B 586 35.26 -17.84 -11.79
CA ILE B 586 35.61 -18.63 -12.97
C ILE B 586 35.34 -20.10 -12.69
N THR B 587 35.95 -20.62 -11.63
CA THR B 587 35.91 -22.04 -11.32
C THR B 587 34.72 -22.42 -10.44
N GLY B 588 33.80 -21.49 -10.19
CA GLY B 588 32.66 -21.76 -9.36
C GLY B 588 32.99 -21.59 -7.89
N GLN B 589 33.82 -22.48 -7.37
CA GLN B 589 34.34 -22.38 -6.01
C GLN B 589 35.85 -22.60 -6.06
N ALA B 590 36.53 -22.09 -5.05
CA ALA B 590 37.97 -22.31 -4.89
C ALA B 590 38.25 -22.83 -3.50
N VAL B 591 39.30 -23.64 -3.40
CA VAL B 591 39.73 -24.24 -2.14
C VAL B 591 40.99 -23.52 -1.67
N ILE B 592 40.95 -23.05 -0.42
CA ILE B 592 42.10 -22.40 0.20
C ILE B 592 42.52 -23.22 1.42
N ALA B 593 43.81 -23.56 1.49
CA ALA B 593 44.35 -24.37 2.58
C ALA B 593 45.22 -23.50 3.48
N TYR B 594 44.95 -23.56 4.78
CA TYR B 594 45.75 -22.85 5.77
C TYR B 594 46.54 -23.85 6.60
N VAL B 595 47.85 -23.64 6.70
CA VAL B 595 48.75 -24.57 7.38
C VAL B 595 49.61 -23.85 8.41
N GLU B 607 58.17 -20.81 0.32
CA GLU B 607 57.86 -20.94 -1.11
C GLU B 607 58.05 -22.38 -1.58
N GLY B 608 59.09 -23.03 -1.06
CA GLY B 608 59.39 -24.39 -1.42
C GLY B 608 58.50 -25.40 -0.72
N LEU B 609 58.23 -25.17 0.57
CA LEU B 609 57.33 -26.05 1.30
C LEU B 609 55.91 -25.96 0.77
N ARG B 610 55.50 -24.78 0.29
CA ARG B 610 54.17 -24.64 -0.29
C ARG B 610 54.01 -25.54 -1.51
N LYS B 611 55.03 -25.57 -2.37
CA LYS B 611 54.98 -26.44 -3.53
C LYS B 611 54.94 -27.90 -3.12
N GLU B 612 55.72 -28.27 -2.09
CA GLU B 612 55.76 -29.66 -1.66
C GLU B 612 54.40 -30.11 -1.13
N LEU B 613 53.70 -29.22 -0.43
CA LEU B 613 52.40 -29.58 0.13
C LEU B 613 51.34 -29.69 -0.97
N VAL B 614 51.37 -28.81 -1.97
CA VAL B 614 50.46 -28.94 -3.10
C VAL B 614 50.71 -30.24 -3.84
N LEU B 615 51.98 -30.56 -4.09
CA LEU B 615 52.30 -31.82 -4.75
C LEU B 615 51.85 -33.00 -3.91
N GLN B 616 51.91 -32.86 -2.59
CA GLN B 616 51.46 -33.93 -1.70
C GLN B 616 49.99 -34.24 -1.93
N VAL B 617 49.17 -33.19 -2.01
CA VAL B 617 47.74 -33.38 -2.24
C VAL B 617 47.49 -34.00 -3.61
N ARG B 618 48.25 -33.59 -4.64
CA ARG B 618 48.01 -34.14 -5.97
C ARG B 618 48.31 -35.63 -6.01
N LYS B 619 49.42 -36.07 -5.39
CA LYS B 619 49.81 -37.47 -5.46
C LYS B 619 49.02 -38.35 -4.48
N THR B 620 48.40 -37.75 -3.47
CA THR B 620 47.59 -38.49 -2.52
C THR B 620 46.13 -38.58 -2.97
N ILE B 621 45.54 -37.46 -3.35
CA ILE B 621 44.13 -37.40 -3.74
C ILE B 621 43.97 -37.45 -5.25
N GLY B 622 44.69 -36.60 -5.98
CA GLY B 622 44.55 -36.54 -7.41
C GLY B 622 45.00 -35.22 -8.00
N PRO B 623 45.29 -35.21 -9.30
CA PRO B 623 45.86 -33.99 -9.92
C PRO B 623 45.00 -32.76 -9.79
N PHE B 624 43.68 -32.91 -9.81
CA PHE B 624 42.75 -31.76 -9.80
C PHE B 624 42.29 -31.39 -8.40
N ALA B 625 42.83 -32.04 -7.37
CA ALA B 625 42.43 -31.77 -5.99
C ALA B 625 43.36 -30.79 -5.28
N ALA B 626 44.36 -30.25 -5.96
CA ALA B 626 45.27 -29.33 -5.32
C ALA B 626 44.56 -28.04 -4.92
N PRO B 627 44.81 -27.51 -3.73
CA PRO B 627 44.21 -26.22 -3.35
C PRO B 627 44.66 -25.12 -4.28
N LYS B 628 43.78 -24.14 -4.47
CA LYS B 628 44.16 -22.96 -5.25
C LYS B 628 45.40 -22.32 -4.65
N SER B 629 45.50 -22.29 -3.33
CA SER B 629 46.63 -21.71 -2.63
C SER B 629 46.79 -22.38 -1.28
N VAL B 630 48.04 -22.54 -0.85
CA VAL B 630 48.36 -22.99 0.50
C VAL B 630 48.96 -21.80 1.23
N ILE B 631 48.37 -21.44 2.37
CA ILE B 631 48.76 -20.27 3.14
C ILE B 631 49.38 -20.75 4.43
N ILE B 632 50.55 -20.21 4.78
CA ILE B 632 51.27 -20.63 5.98
C ILE B 632 50.80 -19.74 7.13
N VAL B 633 50.14 -20.33 8.11
CA VAL B 633 49.74 -19.63 9.33
C VAL B 633 50.23 -20.45 10.52
N GLN B 634 50.43 -19.77 11.64
CA GLN B 634 50.87 -20.43 12.87
C GLN B 634 49.73 -20.92 13.74
N ASP B 635 48.55 -20.31 13.66
CA ASP B 635 47.38 -20.85 14.34
C ASP B 635 46.13 -20.12 13.88
N LEU B 636 44.99 -20.73 14.17
CA LEU B 636 43.69 -20.21 13.78
C LEU B 636 42.65 -20.72 14.77
N PRO B 637 41.45 -20.14 14.77
CA PRO B 637 40.52 -20.40 15.87
C PRO B 637 39.90 -21.78 15.93
N LYS B 638 39.65 -22.21 17.16
CA LYS B 638 38.96 -23.46 17.49
C LYS B 638 38.00 -23.14 18.64
N THR B 639 37.10 -24.07 18.95
CA THR B 639 36.11 -23.88 19.99
C THR B 639 36.49 -24.65 21.25
N ARG B 640 35.65 -24.54 22.28
CA ARG B 640 35.87 -25.28 23.53
C ARG B 640 35.97 -26.78 23.28
N SER B 641 35.12 -27.31 22.39
CA SER B 641 35.18 -28.72 22.02
C SER B 641 36.42 -29.06 21.20
N GLY B 642 37.16 -28.05 20.74
CA GLY B 642 38.33 -28.26 19.93
C GLY B 642 38.04 -28.25 18.45
N LYS B 643 36.79 -28.07 18.05
CA LYS B 643 36.43 -28.11 16.65
C LYS B 643 36.85 -26.80 15.98
N ILE B 644 37.36 -26.92 14.76
CA ILE B 644 37.89 -25.75 14.07
C ILE B 644 36.74 -24.84 13.66
N MET B 645 36.93 -23.53 13.83
CA MET B 645 35.95 -22.54 13.37
C MET B 645 36.32 -22.21 11.93
N ARG B 646 35.89 -23.10 11.03
CA ARG B 646 36.19 -22.93 9.61
C ARG B 646 35.61 -21.62 9.08
N ARG B 647 34.50 -21.16 9.65
CA ARG B 647 33.89 -19.90 9.23
C ARG B 647 34.91 -18.77 9.19
N ILE B 648 35.80 -18.73 10.18
CA ILE B 648 36.76 -17.63 10.26
C ILE B 648 37.66 -17.63 9.03
N LEU B 649 38.19 -18.81 8.66
CA LEU B 649 39.05 -18.91 7.48
C LEU B 649 38.30 -18.52 6.20
N ARG B 650 37.06 -19.00 6.06
CA ARG B 650 36.30 -18.70 4.85
C ARG B 650 36.20 -17.19 4.67
N LYS B 651 35.81 -16.49 5.73
CA LYS B 651 35.67 -15.04 5.67
C LYS B 651 37.01 -14.37 5.39
N VAL B 652 38.08 -14.88 6.01
CA VAL B 652 39.39 -14.30 5.79
C VAL B 652 39.80 -14.46 4.33
N SER B 653 39.68 -15.67 3.78
CA SER B 653 40.10 -15.93 2.42
C SER B 653 39.25 -15.16 1.41
N SER B 654 38.01 -14.81 1.77
CA SER B 654 37.15 -14.01 0.92
C SER B 654 37.15 -12.53 1.33
N ASN B 655 38.02 -12.15 2.26
CA ASN B 655 38.18 -10.75 2.66
C ASN B 655 36.87 -10.13 3.14
N SER B 664 36.96 -13.68 19.25
CA SER B 664 36.49 -13.35 20.59
C SER B 664 35.49 -14.37 21.09
N THR B 665 34.78 -15.00 20.16
CA THR B 665 33.83 -16.05 20.45
C THR B 665 34.47 -17.43 20.52
N LEU B 666 35.70 -17.56 20.04
CA LEU B 666 36.44 -18.82 20.02
C LEU B 666 37.02 -19.13 21.40
N SER B 667 37.52 -20.36 21.55
CA SER B 667 38.26 -20.74 22.76
C SER B 667 39.65 -20.11 22.80
N ASN B 668 40.14 -19.59 21.67
CA ASN B 668 41.45 -18.94 21.56
C ASN B 668 41.34 -17.72 20.65
N PRO B 669 40.56 -16.71 21.07
CA PRO B 669 40.34 -15.53 20.20
C PRO B 669 41.57 -14.88 19.58
N GLN B 670 42.66 -14.77 20.32
CA GLN B 670 43.87 -14.11 19.81
C GLN B 670 44.32 -14.64 18.45
N SER B 671 44.02 -15.91 18.14
CA SER B 671 44.53 -16.52 16.93
C SER B 671 44.18 -15.73 15.66
N VAL B 672 42.96 -15.20 15.59
CA VAL B 672 42.48 -14.56 14.35
C VAL B 672 43.45 -13.48 13.87
N GLU B 673 43.94 -12.67 14.79
CA GLU B 673 44.77 -11.52 14.45
C GLU B 673 45.90 -11.88 13.49
N GLY B 674 46.61 -12.98 13.74
CA GLY B 674 47.80 -13.28 12.97
C GLY B 674 47.57 -13.40 11.47
N ILE B 675 46.39 -13.86 11.05
CA ILE B 675 46.17 -14.16 9.64
C ILE B 675 45.80 -12.95 8.80
N ILE B 676 45.28 -11.87 9.39
CA ILE B 676 44.98 -10.68 8.60
C ILE B 676 46.19 -10.45 7.71
N SER B 677 47.39 -10.51 8.29
CA SER B 677 48.62 -10.41 7.52
C SER B 677 48.99 -11.74 6.84
N ALA B 678 48.85 -12.86 7.56
CA ALA B 678 49.30 -14.15 7.03
C ALA B 678 48.62 -14.50 5.71
N PHE B 679 47.31 -14.28 5.61
CA PHE B 679 46.64 -14.53 4.33
C PHE B 679 47.17 -13.58 3.25
N GLY B 680 47.35 -12.31 3.59
CA GLY B 680 48.01 -11.38 2.69
C GLY B 680 49.46 -11.71 2.43
N ALA B 681 50.04 -12.65 3.19
CA ALA B 681 51.46 -12.94 3.06
C ALA B 681 51.75 -13.93 1.94
N GLN B 682 51.03 -15.06 1.89
CA GLN B 682 51.34 -16.09 0.90
C GLN B 682 50.48 -15.98 -0.35
N PHE B 683 49.22 -15.59 -0.23
CA PHE B 683 48.31 -15.64 -1.37
C PHE B 683 48.89 -14.83 -2.54
N GLN C 20 -1.20 24.70 -58.24
CA GLN C 20 -0.01 23.89 -58.51
C GLN C 20 1.25 24.57 -57.98
N THR C 21 1.25 25.90 -58.03
CA THR C 21 2.38 26.70 -57.57
C THR C 21 2.13 27.20 -56.17
N HIS C 22 3.22 27.49 -55.44
CA HIS C 22 3.16 27.97 -54.08
C HIS C 22 3.72 29.39 -54.03
N ASN C 23 2.90 30.33 -53.57
CA ASN C 23 3.37 31.70 -53.38
C ASN C 23 4.08 31.88 -52.05
N VAL C 24 3.80 31.02 -51.07
CA VAL C 24 4.36 31.12 -49.73
C VAL C 24 5.38 30.03 -49.49
N VAL C 25 4.99 28.77 -49.68
CA VAL C 25 5.87 27.63 -49.39
C VAL C 25 6.80 27.42 -50.57
N HIS C 26 7.84 28.25 -50.66
CA HIS C 26 8.76 28.20 -51.80
C HIS C 26 9.48 26.85 -51.88
N GLU C 27 9.71 26.21 -50.73
CA GLU C 27 10.40 24.92 -50.71
C GLU C 27 9.65 23.84 -51.48
N ALA C 28 8.34 23.99 -51.66
CA ALA C 28 7.50 22.96 -52.25
C ALA C 28 7.45 23.01 -53.77
N ASN C 29 7.89 24.12 -54.38
CA ASN C 29 7.72 24.28 -55.82
C ASN C 29 8.57 23.27 -56.58
N GLY C 30 7.93 22.56 -57.51
CA GLY C 30 8.62 21.63 -58.38
C GLY C 30 9.25 20.44 -57.70
N VAL C 31 8.62 19.92 -56.64
CA VAL C 31 9.14 18.80 -55.88
C VAL C 31 8.29 17.58 -56.18
N LYS C 32 8.89 16.56 -56.79
CA LYS C 32 8.19 15.33 -57.13
C LYS C 32 8.05 14.43 -55.90
N LEU C 33 6.88 13.80 -55.79
CA LEU C 33 6.65 12.83 -54.73
C LEU C 33 7.52 11.60 -54.93
N ARG C 34 8.07 11.09 -53.83
CA ARG C 34 9.02 9.98 -53.86
C ARG C 34 8.36 8.77 -53.21
N GLU C 35 7.72 7.94 -54.03
CA GLU C 35 7.09 6.73 -53.54
C GLU C 35 8.13 5.82 -52.91
N THR C 36 7.71 4.99 -51.96
CA THR C 36 8.64 4.10 -51.28
C THR C 36 9.13 3.06 -52.29
N PRO C 37 10.43 2.77 -52.35
CA PRO C 37 10.93 1.82 -53.35
C PRO C 37 10.31 0.44 -53.23
N LYS C 38 10.35 -0.29 -54.35
CA LYS C 38 9.73 -1.61 -54.42
C LYS C 38 10.37 -2.59 -53.45
N GLU C 39 11.69 -2.49 -53.24
CA GLU C 39 12.37 -3.45 -52.39
C GLU C 39 11.98 -3.32 -50.93
N PHE C 40 11.47 -2.14 -50.51
CA PHE C 40 11.00 -2.00 -49.14
C PHE C 40 9.99 -3.10 -48.81
N PHE C 41 9.08 -3.39 -49.74
CA PHE C 41 8.04 -4.38 -49.49
C PHE C 41 8.55 -5.80 -49.67
N GLU C 42 9.62 -6.01 -50.43
CA GLU C 42 10.20 -7.34 -50.52
C GLU C 42 10.92 -7.71 -49.23
N ARG C 43 11.57 -6.74 -48.59
CA ARG C 43 12.28 -6.99 -47.32
C ARG C 43 11.33 -6.97 -46.13
N GLN C 44 10.16 -6.39 -46.29
CA GLN C 44 9.18 -6.35 -45.21
C GLN C 44 8.74 -7.77 -44.85
N PRO C 45 8.79 -8.16 -43.57
CA PRO C 45 8.50 -9.57 -43.24
C PRO C 45 7.02 -9.92 -43.24
N ASN C 46 6.12 -8.96 -43.09
CA ASN C 46 4.70 -9.24 -43.02
C ASN C 46 3.94 -8.13 -43.75
N LYS C 47 2.65 -8.35 -43.92
CA LYS C 47 1.79 -7.31 -44.49
C LYS C 47 1.89 -6.05 -43.64
N GLY C 48 2.13 -4.92 -44.31
CA GLY C 48 2.27 -3.64 -43.63
C GLY C 48 1.15 -3.36 -42.65
N HIS C 49 1.38 -2.45 -41.71
CA HIS C 49 0.37 -2.16 -40.70
C HIS C 49 -0.73 -1.24 -41.26
N ILE C 50 -0.43 -0.48 -42.30
CA ILE C 50 -1.39 0.38 -42.97
C ILE C 50 -1.16 0.24 -44.46
N HIS C 51 -2.26 0.14 -45.21
CA HIS C 51 -2.15 -0.21 -46.63
C HIS C 51 -1.63 0.96 -47.47
N ASP C 52 -2.27 2.12 -47.37
CA ASP C 52 -1.90 3.26 -48.19
C ASP C 52 -2.25 4.55 -47.47
N VAL C 53 -1.99 5.68 -48.14
CA VAL C 53 -2.20 6.99 -47.54
C VAL C 53 -3.67 7.22 -47.24
N ASN C 54 -4.57 6.66 -48.03
CA ASN C 54 -5.99 6.88 -47.78
C ASN C 54 -6.43 6.20 -46.49
N GLN C 55 -5.96 4.97 -46.24
CA GLN C 55 -6.28 4.33 -44.98
C GLN C 55 -5.68 5.09 -43.81
N TYR C 56 -4.50 5.68 -44.00
CA TYR C 56 -3.89 6.47 -42.95
C TYR C 56 -4.77 7.67 -42.59
N LYS C 57 -5.31 8.34 -43.60
CA LYS C 57 -6.10 9.54 -43.31
C LYS C 57 -7.44 9.20 -42.67
N GLN C 58 -7.96 8.00 -42.90
CA GLN C 58 -9.16 7.57 -42.18
C GLN C 58 -8.84 7.33 -40.70
N MET C 59 -7.75 6.59 -40.42
CA MET C 59 -7.32 6.39 -39.05
C MET C 59 -6.95 7.71 -38.39
N TYR C 60 -6.22 8.57 -39.11
CA TYR C 60 -5.79 9.83 -38.52
C TYR C 60 -6.98 10.69 -38.13
N GLU C 61 -8.00 10.75 -38.98
CA GLU C 61 -9.16 11.60 -38.67
C GLU C 61 -9.90 11.09 -37.44
N GLN C 62 -10.02 9.77 -37.28
CA GLN C 62 -10.65 9.25 -36.07
C GLN C 62 -9.84 9.62 -34.84
N SER C 63 -8.51 9.62 -34.96
CA SER C 63 -7.65 9.97 -33.83
C SER C 63 -7.78 11.43 -33.42
N ILE C 64 -8.25 12.29 -34.32
CA ILE C 64 -8.53 13.69 -34.02
C ILE C 64 -9.97 13.88 -33.57
N LYS C 65 -10.92 13.29 -34.29
CA LYS C 65 -12.34 13.47 -33.99
C LYS C 65 -12.79 12.65 -32.79
N ASP C 66 -12.25 11.44 -32.65
CA ASP C 66 -12.72 10.47 -31.66
C ASP C 66 -11.51 9.79 -31.00
N PRO C 67 -10.74 10.54 -30.23
CA PRO C 67 -9.59 9.94 -29.54
C PRO C 67 -9.98 8.80 -28.61
N GLN C 68 -11.15 8.89 -28.00
CA GLN C 68 -11.60 7.84 -27.10
CA GLN C 68 -11.59 7.83 -27.10
C GLN C 68 -11.67 6.49 -27.82
N GLY C 69 -12.38 6.45 -28.95
CA GLY C 69 -12.53 5.22 -29.71
C GLY C 69 -11.33 4.79 -30.51
N PHE C 70 -10.37 5.68 -30.72
CA PHE C 70 -9.16 5.33 -31.45
C PHE C 70 -8.05 4.84 -30.52
N PHE C 71 -7.74 5.60 -29.46
CA PHE C 71 -6.60 5.27 -28.61
C PHE C 71 -6.94 4.23 -27.56
N GLY C 72 -8.22 4.14 -27.16
CA GLY C 72 -8.64 3.18 -26.18
C GLY C 72 -8.29 1.77 -26.58
N PRO C 73 -8.76 1.34 -27.77
CA PRO C 73 -8.42 -0.01 -28.23
C PRO C 73 -6.93 -0.20 -28.42
N LEU C 74 -6.22 0.81 -28.92
CA LEU C 74 -4.79 0.69 -29.12
C LEU C 74 -4.05 0.55 -27.80
N ALA C 75 -4.50 1.26 -26.77
CA ALA C 75 -3.87 1.12 -25.46
C ALA C 75 -4.03 -0.30 -24.93
N LYS C 76 -5.18 -0.92 -25.19
CA LYS C 76 -5.39 -2.27 -24.72
C LYS C 76 -4.63 -3.28 -25.55
N GLU C 77 -4.39 -2.95 -26.83
CA GLU C 77 -3.65 -3.85 -27.70
C GLU C 77 -2.16 -3.84 -27.36
N LEU C 78 -1.56 -2.67 -27.23
CA LEU C 78 -0.11 -2.55 -27.21
C LEU C 78 0.49 -2.61 -25.81
N LEU C 79 -0.29 -2.35 -24.77
CA LEU C 79 0.22 -2.34 -23.40
C LEU C 79 -0.51 -3.38 -22.56
N SER C 80 0.22 -3.94 -21.62
CA SER C 80 -0.35 -4.88 -20.64
C SER C 80 -0.62 -4.12 -19.36
N TRP C 81 -1.86 -4.21 -18.87
CA TRP C 81 -2.33 -3.44 -17.73
C TRP C 81 -2.45 -4.33 -16.49
N ASP C 82 -2.05 -3.78 -15.34
CA ASP C 82 -2.32 -4.39 -14.05
C ASP C 82 -3.69 -4.01 -13.50
N HIS C 83 -4.23 -2.87 -13.94
CA HIS C 83 -5.57 -2.42 -13.59
C HIS C 83 -6.10 -1.65 -14.80
N ASP C 84 -7.34 -1.91 -15.19
CA ASP C 84 -7.90 -1.26 -16.36
C ASP C 84 -8.09 0.23 -16.09
N PHE C 85 -8.12 1.01 -17.16
CA PHE C 85 -8.45 2.43 -17.07
C PHE C 85 -9.94 2.62 -17.33
N HIS C 86 -10.52 3.66 -16.73
CA HIS C 86 -11.93 3.96 -16.90
C HIS C 86 -12.20 5.12 -17.85
N THR C 87 -11.19 5.94 -18.17
CA THR C 87 -11.38 7.14 -18.99
C THR C 87 -10.17 7.31 -19.89
N VAL C 88 -10.39 7.42 -21.20
CA VAL C 88 -9.27 7.50 -22.14
C VAL C 88 -8.55 8.83 -22.01
N LYS C 89 -9.29 9.93 -21.88
CA LYS C 89 -8.74 11.26 -22.09
C LYS C 89 -9.44 12.27 -21.19
N SER C 90 -8.66 13.23 -20.67
CA SER C 90 -9.18 14.22 -19.74
C SER C 90 -8.29 15.47 -19.79
N GLY C 91 -8.90 16.62 -19.48
CA GLY C 91 -8.17 17.87 -19.38
C GLY C 91 -8.08 18.60 -20.70
N THR C 92 -7.51 19.82 -20.63
CA THR C 92 -7.33 20.67 -21.80
C THR C 92 -5.93 21.29 -21.77
N LEU C 93 -5.49 21.74 -22.95
CA LEU C 93 -4.22 22.46 -23.05
C LEU C 93 -4.28 23.75 -22.25
N LYS C 94 -5.41 24.46 -22.31
CA LYS C 94 -5.51 25.76 -21.68
C LYS C 94 -5.35 25.67 -20.16
N ASN C 95 -5.83 24.59 -19.56
CA ASN C 95 -5.74 24.40 -18.12
C ASN C 95 -4.55 23.54 -17.69
N GLY C 96 -3.76 23.04 -18.64
CA GLY C 96 -2.56 22.28 -18.30
C GLY C 96 -2.81 21.11 -17.38
N ASP C 97 -3.92 20.40 -17.58
CA ASP C 97 -4.31 19.28 -16.74
C ASP C 97 -4.56 18.03 -17.58
N ALA C 98 -3.76 17.86 -18.63
CA ALA C 98 -3.95 16.74 -19.54
C ALA C 98 -3.69 15.42 -18.82
N ALA C 99 -4.45 14.39 -19.19
CA ALA C 99 -4.31 13.08 -18.60
C ALA C 99 -4.92 12.04 -19.52
N TRP C 100 -4.34 10.84 -19.52
CA TRP C 100 -4.79 9.75 -20.40
C TRP C 100 -4.82 8.43 -19.65
N PHE C 101 -5.83 7.62 -19.97
CA PHE C 101 -5.99 6.29 -19.37
C PHE C 101 -6.10 6.39 -17.85
N LEU C 102 -7.02 7.24 -17.42
CA LEU C 102 -7.18 7.52 -16.00
C LEU C 102 -7.72 6.29 -15.28
N GLY C 103 -7.15 6.02 -14.11
CA GLY C 103 -7.48 4.85 -13.35
C GLY C 103 -6.65 3.62 -13.67
N GLY C 104 -5.97 3.61 -14.81
CA GLY C 104 -5.19 2.46 -15.18
C GLY C 104 -3.91 2.36 -14.37
N GLU C 105 -3.44 1.12 -14.22
CA GLU C 105 -2.17 0.84 -13.55
C GLU C 105 -1.37 -0.12 -14.42
N LEU C 106 -0.06 0.06 -14.43
CA LEU C 106 0.84 -0.75 -15.23
C LEU C 106 2.25 -0.54 -14.72
N ASN C 107 3.20 -1.24 -15.33
CA ASN C 107 4.61 -1.04 -15.01
C ASN C 107 5.42 -1.04 -16.30
N ALA C 108 6.31 -0.05 -16.43
CA ALA C 108 7.06 0.08 -17.67
C ALA C 108 8.01 -1.09 -17.88
N SER C 109 8.69 -1.55 -16.82
CA SER C 109 9.64 -2.64 -17.01
C SER C 109 8.92 -3.96 -17.30
N TYR C 110 7.69 -4.14 -16.81
CA TYR C 110 6.94 -5.33 -17.17
C TYR C 110 6.64 -5.35 -18.66
N ASN C 111 6.21 -4.20 -19.21
CA ASN C 111 5.86 -4.14 -20.63
C ASN C 111 7.09 -4.21 -21.53
N CYS C 112 8.25 -3.79 -21.02
CA CYS C 112 9.47 -3.78 -21.83
C CYS C 112 10.29 -5.04 -21.72
N VAL C 113 10.09 -5.82 -20.65
CA VAL C 113 10.96 -6.96 -20.35
C VAL C 113 10.13 -8.19 -20.01
N ASP C 114 9.49 -8.18 -18.82
CA ASP C 114 8.86 -9.39 -18.29
C ASP C 114 8.03 -10.11 -19.34
N ARG C 115 7.08 -9.40 -19.96
CA ARG C 115 6.10 -10.08 -20.81
C ARG C 115 6.75 -10.69 -22.04
N HIS C 116 7.86 -10.11 -22.52
CA HIS C 116 8.55 -10.73 -23.64
C HIS C 116 9.44 -11.87 -23.17
N ALA C 117 10.02 -11.76 -21.97
CA ALA C 117 10.83 -12.83 -21.42
C ALA C 117 10.02 -14.11 -21.24
N PHE C 118 8.78 -13.98 -20.76
CA PHE C 118 7.92 -15.14 -20.59
C PHE C 118 7.61 -15.79 -21.94
N ALA C 119 7.37 -14.98 -22.97
CA ALA C 119 6.99 -15.53 -24.26
C ALA C 119 8.17 -16.15 -24.99
N ASN C 120 9.32 -15.47 -24.99
CA ASN C 120 10.51 -15.96 -25.69
C ASN C 120 11.75 -15.44 -24.98
N PRO C 121 12.20 -16.13 -23.92
CA PRO C 121 13.33 -15.62 -23.14
C PRO C 121 14.65 -15.57 -23.89
N ASP C 122 14.80 -16.35 -24.96
CA ASP C 122 16.06 -16.38 -25.69
C ASP C 122 16.11 -15.38 -26.85
N LYS C 123 15.02 -14.69 -27.13
CA LYS C 123 15.06 -13.66 -28.16
C LYS C 123 16.00 -12.54 -27.73
N PRO C 124 16.89 -12.08 -28.60
CA PRO C 124 17.77 -10.96 -28.22
C PRO C 124 16.97 -9.71 -27.86
N ALA C 125 17.46 -9.00 -26.85
CA ALA C 125 16.85 -7.74 -26.43
C ALA C 125 17.80 -6.57 -26.64
N LEU C 126 18.95 -6.54 -25.96
CA LEU C 126 19.93 -5.48 -26.09
C LEU C 126 21.11 -6.03 -26.87
N ILE C 127 21.30 -5.54 -28.09
CA ILE C 127 22.48 -5.86 -28.89
C ILE C 127 23.49 -4.75 -28.60
N CYS C 128 24.43 -5.04 -27.72
CA CYS C 128 25.34 -4.03 -27.17
C CYS C 128 26.66 -4.06 -27.93
N GLU C 129 26.94 -2.97 -28.64
CA GLU C 129 28.20 -2.77 -29.35
C GLU C 129 29.02 -1.77 -28.54
N ALA C 130 30.12 -2.24 -27.96
CA ALA C 130 30.93 -1.39 -27.12
C ALA C 130 31.80 -0.44 -27.96
N ASP C 131 32.43 0.50 -27.27
CA ASP C 131 33.38 1.40 -27.93
C ASP C 131 34.40 0.60 -28.73
N ASP C 132 34.90 -0.49 -28.16
CA ASP C 132 35.75 -1.45 -28.84
C ASP C 132 34.95 -2.73 -29.04
N GLU C 133 34.93 -3.23 -30.28
CA GLU C 133 34.02 -4.32 -30.60
C GLU C 133 34.32 -5.58 -29.79
N LYS C 134 35.56 -5.75 -29.33
CA LYS C 134 35.89 -6.94 -28.55
C LYS C 134 35.02 -7.05 -27.30
N ASP C 135 34.53 -5.92 -26.79
CA ASP C 135 33.73 -5.89 -25.57
C ASP C 135 32.23 -5.96 -25.84
N SER C 136 31.83 -6.21 -27.07
CA SER C 136 30.41 -6.26 -27.39
C SER C 136 29.80 -7.56 -26.87
N HIS C 137 28.49 -7.51 -26.64
CA HIS C 137 27.74 -8.65 -26.11
C HIS C 137 26.27 -8.45 -26.42
N ILE C 138 25.49 -9.51 -26.18
CA ILE C 138 24.05 -9.51 -26.44
C ILE C 138 23.32 -10.08 -25.22
N LEU C 139 22.31 -9.34 -24.75
CA LEU C 139 21.42 -9.77 -23.67
C LEU C 139 20.09 -10.20 -24.26
N THR C 140 19.67 -11.43 -23.96
CA THR C 140 18.31 -11.84 -24.31
C THR C 140 17.32 -11.19 -23.35
N TYR C 141 16.04 -11.26 -23.73
CA TYR C 141 15.00 -10.75 -22.84
C TYR C 141 15.06 -11.46 -21.49
N GLY C 142 15.24 -12.79 -21.48
CA GLY C 142 15.43 -13.49 -20.22
C GLY C 142 16.62 -12.98 -19.45
N ASP C 143 17.76 -12.77 -20.13
CA ASP C 143 18.92 -12.16 -19.49
C ASP C 143 18.56 -10.81 -18.88
N LEU C 144 17.83 -9.97 -19.63
CA LEU C 144 17.54 -8.62 -19.19
C LEU C 144 16.64 -8.61 -17.96
N LEU C 145 15.67 -9.53 -17.89
CA LEU C 145 14.82 -9.61 -16.71
C LEU C 145 15.64 -9.89 -15.45
N ARG C 146 16.62 -10.78 -15.55
CA ARG C 146 17.44 -11.10 -14.39
C ARG C 146 18.29 -9.91 -13.95
N GLU C 147 18.92 -9.22 -14.91
CA GLU C 147 19.81 -8.10 -14.55
C GLU C 147 19.02 -6.93 -14.01
N VAL C 148 17.85 -6.64 -14.58
CA VAL C 148 17.01 -5.57 -14.06
C VAL C 148 16.48 -5.93 -12.68
N SER C 149 16.08 -7.20 -12.49
CA SER C 149 15.60 -7.62 -11.17
C SER C 149 16.67 -7.42 -10.11
N LYS C 150 17.91 -7.80 -10.42
CA LYS C 150 19.00 -7.68 -9.45
C LYS C 150 19.28 -6.22 -9.10
N VAL C 151 19.38 -5.35 -10.12
CA VAL C 151 19.64 -3.94 -9.85
C VAL C 151 18.47 -3.32 -9.08
N ALA C 152 17.24 -3.66 -9.47
CA ALA C 152 16.07 -3.19 -8.72
C ALA C 152 16.10 -3.72 -7.30
N GLY C 153 16.58 -4.95 -7.11
CA GLY C 153 16.72 -5.47 -5.75
C GLY C 153 17.70 -4.67 -4.92
N VAL C 154 18.79 -4.20 -5.55
CA VAL C 154 19.73 -3.34 -4.84
C VAL C 154 19.05 -2.03 -4.44
N LEU C 155 18.41 -1.37 -5.41
CA LEU C 155 17.78 -0.08 -5.13
C LEU C 155 16.69 -0.23 -4.09
N GLN C 156 15.91 -1.31 -4.17
CA GLN C 156 14.89 -1.55 -3.17
C GLN C 156 15.49 -1.70 -1.78
N SER C 157 16.58 -2.46 -1.65
CA SER C 157 17.18 -2.64 -0.33
C SER C 157 17.68 -1.31 0.21
N TRP C 158 18.01 -0.37 -0.68
CA TRP C 158 18.45 0.96 -0.29
C TRP C 158 17.30 1.89 0.09
N GLY C 159 16.05 1.45 -0.07
CA GLY C 159 14.91 2.26 0.27
C GLY C 159 14.27 3.02 -0.87
N ILE C 160 14.71 2.80 -2.10
CA ILE C 160 14.07 3.45 -3.24
C ILE C 160 12.67 2.89 -3.41
N LYS C 161 11.68 3.78 -3.53
CA LYS C 161 10.29 3.39 -3.64
C LYS C 161 9.58 4.31 -4.60
N LYS C 162 8.34 3.93 -4.94
CA LYS C 162 7.51 4.75 -5.80
C LYS C 162 7.51 6.20 -5.33
N GLY C 163 7.72 7.12 -6.27
CA GLY C 163 7.76 8.53 -5.97
C GLY C 163 9.15 9.10 -5.78
N ASP C 164 10.16 8.25 -5.60
CA ASP C 164 11.52 8.74 -5.57
C ASP C 164 12.01 8.99 -6.99
N THR C 165 13.07 9.79 -7.09
CA THR C 165 13.81 9.96 -8.33
C THR C 165 15.21 9.39 -8.14
N VAL C 166 15.74 8.77 -9.21
CA VAL C 166 17.08 8.22 -9.21
C VAL C 166 17.82 8.77 -10.41
N ALA C 167 19.01 9.31 -10.20
CA ALA C 167 19.80 9.88 -11.28
C ALA C 167 20.65 8.80 -11.92
N VAL C 168 20.81 8.91 -13.23
CA VAL C 168 21.67 8.02 -14.01
C VAL C 168 22.67 8.88 -14.75
N TYR C 169 23.95 8.56 -14.59
CA TYR C 169 25.05 9.22 -15.29
C TYR C 169 25.89 8.09 -15.87
N LEU C 170 25.49 7.63 -17.05
CA LEU C 170 26.08 6.44 -17.66
C LEU C 170 26.24 6.65 -19.17
N PRO C 171 27.25 6.03 -19.78
CA PRO C 171 27.34 6.06 -21.25
C PRO C 171 26.26 5.22 -21.90
N MET C 172 26.23 5.22 -23.23
CA MET C 172 25.20 4.52 -23.99
C MET C 172 25.56 3.03 -24.08
N ASN C 173 25.24 2.30 -23.02
CA ASN C 173 25.53 0.87 -22.98
C ASN C 173 24.50 0.15 -22.12
N ALA C 174 24.71 -1.16 -21.96
CA ALA C 174 23.71 -2.01 -21.31
C ALA C 174 23.36 -1.48 -19.92
N GLN C 175 24.35 -0.99 -19.18
CA GLN C 175 24.11 -0.56 -17.81
C GLN C 175 23.12 0.60 -17.75
N ALA C 176 23.15 1.50 -18.74
CA ALA C 176 22.21 2.61 -18.75
C ALA C 176 20.78 2.13 -18.95
N ILE C 177 20.58 1.22 -19.91
CA ILE C 177 19.25 0.66 -20.14
C ILE C 177 18.78 -0.13 -18.93
N ILE C 178 19.67 -0.91 -18.32
CA ILE C 178 19.29 -1.70 -17.16
C ILE C 178 18.93 -0.80 -15.99
N ALA C 179 19.68 0.28 -15.81
CA ALA C 179 19.42 1.18 -14.70
C ALA C 179 18.06 1.85 -14.86
N MET C 180 17.78 2.40 -16.04
CA MET C 180 16.49 3.04 -16.27
C MET C 180 15.35 2.08 -16.01
N LEU C 181 15.46 0.86 -16.53
CA LEU C 181 14.39 -0.11 -16.36
C LEU C 181 14.27 -0.57 -14.90
N ALA C 182 15.40 -0.70 -14.20
CA ALA C 182 15.34 -1.11 -12.80
C ALA C 182 14.67 -0.04 -11.94
N ILE C 183 14.93 1.24 -12.22
CA ILE C 183 14.28 2.32 -11.48
C ILE C 183 12.77 2.30 -11.74
N ALA C 184 12.38 2.20 -13.01
CA ALA C 184 10.96 2.12 -13.36
C ALA C 184 10.31 0.87 -12.75
N ARG C 185 11.09 -0.20 -12.57
CA ARG C 185 10.52 -1.42 -11.99
C ARG C 185 9.99 -1.18 -10.58
N LEU C 186 10.62 -0.27 -9.84
CA LEU C 186 10.17 0.07 -8.50
C LEU C 186 9.12 1.17 -8.48
N GLY C 187 8.73 1.70 -9.63
CA GLY C 187 7.81 2.82 -9.65
C GLY C 187 8.44 4.15 -9.34
N ALA C 188 9.77 4.21 -9.21
CA ALA C 188 10.48 5.47 -9.12
C ALA C 188 10.73 6.04 -10.50
N ALA C 189 11.18 7.30 -10.54
CA ALA C 189 11.36 8.02 -11.79
C ALA C 189 12.86 8.22 -12.02
N HIS C 190 13.34 7.78 -13.18
CA HIS C 190 14.75 7.97 -13.49
C HIS C 190 14.95 9.32 -14.14
N SER C 191 16.12 9.91 -13.87
CA SER C 191 16.53 11.19 -14.43
C SER C 191 17.89 10.95 -15.08
N VAL C 192 17.89 10.76 -16.39
CA VAL C 192 19.12 10.42 -17.09
C VAL C 192 19.90 11.68 -17.40
N ILE C 193 21.17 11.69 -17.03
CA ILE C 193 22.06 12.83 -17.24
C ILE C 193 23.13 12.40 -18.23
N PHE C 194 23.14 13.05 -19.39
CA PHE C 194 24.07 12.72 -20.46
C PHE C 194 25.49 12.68 -19.92
N ALA C 195 26.23 11.61 -20.26
CA ALA C 195 27.54 11.34 -19.68
C ALA C 195 28.61 12.35 -20.12
N GLY C 196 28.28 13.29 -20.99
CA GLY C 196 29.20 14.36 -21.33
C GLY C 196 29.02 15.64 -20.55
N PHE C 197 28.07 15.68 -19.61
CA PHE C 197 27.83 16.91 -18.87
C PHE C 197 28.92 17.14 -17.83
N SER C 198 29.09 18.42 -17.47
CA SER C 198 30.05 18.82 -16.46
C SER C 198 29.50 18.58 -15.06
N ALA C 199 30.38 18.72 -14.07
CA ALA C 199 29.98 18.52 -12.68
C ALA C 199 28.88 19.50 -12.28
N GLY C 200 29.00 20.76 -12.68
CA GLY C 200 27.97 21.73 -12.38
C GLY C 200 26.64 21.37 -13.01
N SER C 201 26.67 20.87 -14.25
CA SER C 201 25.45 20.42 -14.89
C SER C 201 24.83 19.24 -14.15
N ILE C 202 25.67 18.33 -13.63
CA ILE C 202 25.17 17.22 -12.83
C ILE C 202 24.51 17.74 -11.56
N LYS C 203 25.18 18.67 -10.89
CA LYS C 203 24.67 19.21 -9.63
C LYS C 203 23.29 19.85 -9.81
N ASP C 204 23.15 20.70 -10.83
CA ASP C 204 21.88 21.41 -11.02
C ASP C 204 20.73 20.43 -11.19
N ARG C 205 20.93 19.39 -12.01
CA ARG C 205 19.85 18.43 -12.26
C ARG C 205 19.55 17.61 -11.02
N VAL C 206 20.59 17.07 -10.39
CA VAL C 206 20.38 16.23 -9.19
C VAL C 206 19.61 16.99 -8.12
N ASN C 207 19.96 18.26 -7.90
CA ASN C 207 19.34 19.01 -6.82
C ASN C 207 17.92 19.44 -7.16
N ASP C 208 17.66 19.79 -8.42
CA ASP C 208 16.30 20.13 -8.79
C ASP C 208 15.35 18.96 -8.57
N ALA C 209 15.83 17.73 -8.80
CA ALA C 209 15.00 16.54 -8.67
C ALA C 209 15.05 15.92 -7.28
N SER C 210 16.00 16.34 -6.45
CA SER C 210 16.21 15.76 -5.11
C SER C 210 16.34 14.24 -5.21
N CYS C 211 17.24 13.80 -6.08
CA CYS C 211 17.48 12.38 -6.25
C CYS C 211 18.04 11.79 -4.96
N LYS C 212 17.52 10.62 -4.57
CA LYS C 212 18.01 9.90 -3.40
C LYS C 212 19.17 8.98 -3.72
N ALA C 213 19.40 8.67 -4.99
CA ALA C 213 20.46 7.75 -5.36
C ALA C 213 20.94 8.10 -6.76
N LEU C 214 22.14 7.64 -7.09
CA LEU C 214 22.75 7.85 -8.39
C LEU C 214 23.36 6.54 -8.86
N ILE C 215 23.30 6.31 -10.17
CA ILE C 215 23.90 5.14 -10.80
C ILE C 215 24.86 5.63 -11.86
N THR C 216 26.13 5.23 -11.75
CA THR C 216 27.18 5.70 -12.65
C THR C 216 28.21 4.59 -12.82
N CYS C 217 29.36 4.93 -13.38
CA CYS C 217 30.44 3.97 -13.56
C CYS C 217 31.78 4.66 -13.25
N ASP C 218 32.84 3.86 -13.20
CA ASP C 218 34.14 4.40 -12.81
C ASP C 218 34.71 5.28 -13.92
N GLU C 219 34.80 4.75 -15.14
CA GLU C 219 35.30 5.49 -16.28
C GLU C 219 34.54 5.06 -17.52
N GLY C 220 34.64 5.86 -18.58
CA GLY C 220 34.00 5.55 -19.84
C GLY C 220 35.00 5.42 -20.99
N LYS C 221 34.53 4.83 -22.09
CA LYS C 221 35.33 4.70 -23.31
C LYS C 221 34.53 5.30 -24.46
N ARG C 222 35.08 6.33 -25.08
CA ARG C 222 34.47 6.99 -26.22
C ARG C 222 35.53 7.21 -27.29
N GLY C 223 35.34 6.59 -28.45
CA GLY C 223 36.30 6.74 -29.54
C GLY C 223 37.70 6.35 -29.17
N GLY C 224 37.86 5.42 -28.23
CA GLY C 224 39.16 5.00 -27.77
C GLY C 224 39.67 5.74 -26.55
N ARG C 225 39.16 6.94 -26.30
CA ARG C 225 39.63 7.77 -25.20
C ARG C 225 38.89 7.42 -23.91
N THR C 226 39.58 7.59 -22.79
CA THR C 226 39.03 7.32 -21.48
C THR C 226 38.45 8.61 -20.89
N THR C 227 37.21 8.53 -20.44
CA THR C 227 36.50 9.68 -19.88
C THR C 227 36.37 9.52 -18.37
N ASN C 228 36.43 10.65 -17.66
CA ASN C 228 36.41 10.66 -16.20
C ASN C 228 34.98 10.82 -15.74
N ILE C 229 34.32 9.70 -15.46
CA ILE C 229 32.90 9.72 -15.16
C ILE C 229 32.69 9.84 -13.66
N LYS C 230 33.18 8.85 -12.89
CA LYS C 230 33.04 8.92 -11.44
C LYS C 230 33.64 10.21 -10.89
N LYS C 231 34.79 10.62 -11.41
CA LYS C 231 35.45 11.83 -10.92
C LYS C 231 34.52 13.04 -11.03
N LEU C 232 33.80 13.16 -12.15
CA LEU C 232 32.86 14.28 -12.30
C LEU C 232 31.69 14.15 -11.33
N CYS C 233 31.20 12.93 -11.10
CA CYS C 233 30.15 12.72 -10.11
C CYS C 233 30.60 13.19 -8.74
N ASP C 234 31.80 12.75 -8.33
CA ASP C 234 32.30 13.08 -7.00
C ASP C 234 32.39 14.58 -6.81
N GLU C 235 32.79 15.31 -7.85
CA GLU C 235 32.84 16.75 -7.75
C GLU C 235 31.43 17.32 -7.53
N ALA C 236 30.46 16.81 -8.27
CA ALA C 236 29.10 17.34 -8.16
C ALA C 236 28.47 16.97 -6.81
N LEU C 237 28.74 15.76 -6.32
CA LEU C 237 28.04 15.26 -5.15
C LEU C 237 28.39 16.02 -3.87
N VAL C 238 29.48 16.79 -3.86
CA VAL C 238 29.80 17.59 -2.68
C VAL C 238 28.69 18.59 -2.39
N ASP C 239 27.86 18.91 -3.39
CA ASP C 239 26.77 19.88 -3.25
C ASP C 239 25.42 19.25 -3.53
N CYS C 240 25.28 17.93 -3.37
CA CYS C 240 24.03 17.21 -3.62
C CYS C 240 23.67 16.42 -2.37
N PRO C 241 23.18 17.08 -1.33
CA PRO C 241 22.96 16.38 -0.05
C PRO C 241 21.89 15.29 -0.09
N THR C 242 20.99 15.27 -1.08
CA THR C 242 19.92 14.28 -1.07
C THR C 242 20.40 12.90 -1.52
N VAL C 243 21.55 12.81 -2.16
CA VAL C 243 22.06 11.54 -2.68
C VAL C 243 22.64 10.74 -1.53
N GLU C 244 21.94 9.67 -1.14
CA GLU C 244 22.37 8.81 -0.05
C GLU C 244 23.34 7.74 -0.51
N LYS C 245 23.15 7.21 -1.72
CA LYS C 245 23.96 6.08 -2.18
C LYS C 245 24.23 6.20 -3.68
N VAL C 246 25.38 5.67 -4.08
CA VAL C 246 25.80 5.65 -5.48
C VAL C 246 26.17 4.21 -5.85
N LEU C 247 25.65 3.73 -6.98
CA LEU C 247 26.01 2.43 -7.51
C LEU C 247 26.97 2.63 -8.68
N VAL C 248 28.13 1.97 -8.63
CA VAL C 248 29.25 2.26 -9.52
C VAL C 248 29.60 1.00 -10.32
N TYR C 249 29.35 1.05 -11.63
CA TYR C 249 29.72 -0.07 -12.48
C TYR C 249 31.19 0.00 -12.85
N LYS C 250 31.85 -1.17 -12.86
CA LYS C 250 33.27 -1.27 -13.21
C LYS C 250 33.39 -1.40 -14.72
N ARG C 251 33.31 -0.24 -15.40
CA ARG C 251 33.41 -0.24 -16.85
C ARG C 251 34.85 -0.41 -17.32
N THR C 252 35.81 0.19 -16.62
CA THR C 252 37.23 -0.04 -16.88
C THR C 252 37.91 -0.86 -15.80
N ASN C 253 37.38 -0.85 -14.57
CA ASN C 253 37.97 -1.56 -13.45
C ASN C 253 39.28 -0.93 -12.99
N ASN C 254 39.44 0.36 -13.22
CA ASN C 254 40.66 1.07 -12.82
C ASN C 254 40.76 1.12 -11.30
N PRO C 255 41.76 0.50 -10.68
CA PRO C 255 41.80 0.46 -9.21
C PRO C 255 42.03 1.80 -8.55
N GLU C 256 42.50 2.82 -9.27
CA GLU C 256 42.78 4.12 -8.69
C GLU C 256 41.56 5.02 -8.61
N ILE C 257 40.37 4.51 -8.90
CA ILE C 257 39.14 5.29 -8.81
C ILE C 257 38.56 5.15 -7.41
N HIS C 258 38.39 6.29 -6.74
CA HIS C 258 38.00 6.30 -5.33
C HIS C 258 36.50 6.13 -5.17
N LEU C 259 36.11 5.24 -4.26
CA LEU C 259 34.74 5.15 -3.77
C LEU C 259 34.69 5.68 -2.35
N THR C 260 33.72 6.54 -2.07
CA THR C 260 33.56 7.09 -0.72
C THR C 260 32.93 6.06 0.19
N GLU C 261 33.59 5.76 1.30
CA GLU C 261 33.09 4.79 2.25
C GLU C 261 31.71 5.20 2.76
N GLY C 262 30.77 4.27 2.71
CA GLY C 262 29.43 4.51 3.19
C GLY C 262 28.48 5.15 2.20
N ARG C 263 28.94 5.49 1.00
CA ARG C 263 28.08 6.12 0.02
C ARG C 263 28.09 5.35 -1.30
N ASP C 264 29.29 5.01 -1.78
CA ASP C 264 29.46 4.40 -3.09
C ASP C 264 29.64 2.89 -2.98
N TYR C 265 28.94 2.15 -3.82
CA TYR C 265 29.03 0.71 -3.85
C TYR C 265 29.18 0.23 -5.28
N TYR C 266 29.72 -0.98 -5.43
CA TYR C 266 30.01 -1.54 -6.74
C TYR C 266 28.80 -2.28 -7.28
N TRP C 267 28.49 -2.04 -8.55
CA TRP C 267 27.37 -2.70 -9.21
C TRP C 267 27.47 -4.21 -9.08
N ASP C 268 28.63 -4.78 -9.45
CA ASP C 268 28.77 -6.23 -9.42
C ASP C 268 28.67 -6.78 -8.00
N VAL C 269 29.24 -6.07 -7.03
CA VAL C 269 29.27 -6.59 -5.67
C VAL C 269 27.87 -6.63 -5.07
N GLU C 270 27.05 -5.63 -5.35
CA GLU C 270 25.74 -5.55 -4.73
C GLU C 270 24.71 -6.43 -5.46
N THR C 271 24.74 -6.44 -6.79
CA THR C 271 23.78 -7.25 -7.53
C THR C 271 23.97 -8.73 -7.23
N ALA C 272 25.20 -9.13 -6.91
CA ALA C 272 25.46 -10.53 -6.57
C ALA C 272 24.65 -10.98 -5.36
N LYS C 273 24.20 -10.05 -4.52
CA LYS C 273 23.48 -10.43 -3.30
C LYS C 273 22.00 -10.69 -3.52
N PHE C 274 21.45 -10.44 -4.71
CA PHE C 274 20.01 -10.44 -4.89
C PHE C 274 19.58 -11.38 -6.00
N PRO C 275 18.35 -11.89 -5.92
CA PRO C 275 17.89 -12.89 -6.90
C PRO C 275 17.51 -12.26 -8.24
N GLY C 276 17.49 -13.13 -9.26
CA GLY C 276 17.19 -12.76 -10.63
C GLY C 276 15.73 -12.57 -10.97
N TYR C 277 14.85 -12.54 -9.98
CA TYR C 277 13.49 -12.07 -10.18
C TYR C 277 13.09 -11.19 -9.01
N LEU C 278 12.46 -10.06 -9.32
CA LEU C 278 11.86 -9.17 -8.35
C LEU C 278 10.54 -8.69 -8.93
N PRO C 279 9.45 -8.70 -8.15
CA PRO C 279 8.13 -8.28 -8.68
C PRO C 279 8.13 -6.82 -9.07
N PRO C 280 7.58 -6.47 -10.23
CA PRO C 280 7.42 -5.05 -10.57
C PRO C 280 6.37 -4.40 -9.69
N VAL C 281 6.46 -3.07 -9.58
CA VAL C 281 5.55 -2.26 -8.77
C VAL C 281 4.57 -1.56 -9.71
N SER C 282 3.28 -1.73 -9.44
CA SER C 282 2.25 -1.05 -10.22
C SER C 282 2.28 0.45 -9.97
N VAL C 283 2.18 1.24 -11.04
CA VAL C 283 2.05 2.68 -10.94
C VAL C 283 0.81 3.11 -11.72
N ASN C 284 0.26 4.26 -11.34
CA ASN C 284 -0.87 4.83 -12.05
C ASN C 284 -0.42 5.36 -13.41
N SER C 285 -1.34 5.33 -14.39
CA SER C 285 -1.04 5.84 -15.72
C SER C 285 -0.34 7.20 -15.67
N GLU C 286 -0.78 8.09 -14.78
CA GLU C 286 -0.28 9.45 -14.73
C GLU C 286 0.80 9.66 -13.67
N ASP C 287 1.29 8.60 -13.04
CA ASP C 287 2.49 8.74 -12.24
C ASP C 287 3.66 9.04 -13.17
N PRO C 288 4.61 9.88 -12.76
CA PRO C 288 5.76 10.17 -13.61
C PRO C 288 6.63 8.94 -13.84
N LEU C 289 7.03 8.75 -15.10
CA LEU C 289 7.99 7.73 -15.47
C LEU C 289 9.42 8.26 -15.43
N PHE C 290 9.64 9.47 -15.92
CA PHE C 290 10.99 10.02 -15.87
C PHE C 290 10.97 11.54 -15.93
N LEU C 291 12.06 12.11 -15.43
CA LEU C 291 12.41 13.51 -15.61
C LEU C 291 13.56 13.56 -16.62
N LEU C 292 13.42 14.39 -17.65
CA LEU C 292 14.49 14.63 -18.62
C LEU C 292 14.74 16.12 -18.70
N TYR C 293 15.89 16.56 -18.21
CA TYR C 293 16.23 17.97 -18.13
C TYR C 293 16.75 18.47 -19.48
N THR C 294 16.31 19.66 -19.85
CA THR C 294 16.68 20.25 -21.13
C THR C 294 17.59 21.43 -20.89
N THR C 300 17.29 28.29 -16.63
CA THR C 300 18.19 27.19 -16.28
C THR C 300 17.52 25.84 -16.60
N PRO C 301 18.24 24.73 -16.43
CA PRO C 301 17.67 23.41 -16.72
C PRO C 301 16.30 23.20 -16.09
N LYS C 302 15.36 22.80 -16.92
CA LYS C 302 14.00 22.49 -16.50
C LYS C 302 13.74 21.00 -16.68
N GLY C 303 13.15 20.38 -15.67
CA GLY C 303 12.86 18.96 -15.72
C GLY C 303 11.56 18.65 -16.42
N VAL C 304 11.63 18.17 -17.66
CA VAL C 304 10.45 17.77 -18.38
C VAL C 304 9.95 16.45 -17.82
N VAL C 305 8.67 16.40 -17.47
CA VAL C 305 8.08 15.24 -16.80
C VAL C 305 7.15 14.55 -17.77
N HIS C 306 7.34 13.23 -17.93
CA HIS C 306 6.49 12.40 -18.78
C HIS C 306 5.75 11.38 -17.92
N SER C 307 4.46 11.23 -18.19
CA SER C 307 3.61 10.22 -17.57
C SER C 307 4.10 8.82 -17.91
N THR C 308 3.41 7.80 -17.44
CA THR C 308 3.79 6.43 -17.75
C THR C 308 2.98 5.88 -18.93
N ALA C 309 1.66 5.78 -18.79
CA ALA C 309 0.88 5.11 -19.82
C ALA C 309 0.92 5.87 -21.14
N GLY C 310 0.59 7.17 -21.10
CA GLY C 310 0.60 7.96 -22.32
C GLY C 310 1.93 7.92 -23.05
N TYR C 311 3.02 8.16 -22.33
CA TYR C 311 4.34 8.13 -22.96
C TYR C 311 4.61 6.78 -23.61
N LEU C 312 4.34 5.69 -22.88
CA LEU C 312 4.63 4.37 -23.41
C LEU C 312 3.80 4.08 -24.66
N LEU C 313 2.52 4.44 -24.63
CA LEU C 313 1.69 4.22 -25.82
C LEU C 313 2.23 5.01 -27.01
N GLY C 314 2.59 6.28 -26.79
CA GLY C 314 3.15 7.06 -27.86
C GLY C 314 4.42 6.43 -28.42
N ALA C 315 5.26 5.89 -27.53
CA ALA C 315 6.51 5.30 -27.98
C ALA C 315 6.26 4.06 -28.83
N ALA C 316 5.37 3.18 -28.38
CA ALA C 316 5.09 1.98 -29.14
C ALA C 316 4.36 2.30 -30.42
N LEU C 317 3.42 3.24 -30.38
CA LEU C 317 2.60 3.55 -31.54
C LEU C 317 3.46 4.15 -32.65
N SER C 318 4.33 5.11 -32.33
CA SER C 318 5.16 5.73 -33.35
C SER C 318 6.21 4.75 -33.87
N THR C 319 6.80 3.94 -32.98
CA THR C 319 7.80 2.99 -33.44
C THR C 319 7.18 1.96 -34.38
N LYS C 320 5.94 1.58 -34.11
CA LYS C 320 5.28 0.56 -34.93
C LYS C 320 4.89 1.13 -36.30
N TYR C 321 4.20 2.27 -36.33
CA TYR C 321 3.60 2.75 -37.56
C TYR C 321 4.50 3.67 -38.36
N ILE C 322 5.31 4.51 -37.71
CA ILE C 322 6.16 5.41 -38.48
C ILE C 322 7.37 4.65 -39.04
N PHE C 323 7.96 3.77 -38.25
CA PHE C 323 9.10 2.99 -38.71
C PHE C 323 8.71 1.66 -39.35
N ASP C 324 7.47 1.21 -39.19
CA ASP C 324 7.01 -0.08 -39.70
C ASP C 324 7.80 -1.24 -39.09
N ILE C 325 7.72 -1.32 -37.76
CA ILE C 325 8.46 -2.32 -37.01
C ILE C 325 7.59 -3.56 -36.82
N HIS C 326 8.17 -4.73 -37.06
CA HIS C 326 7.54 -6.02 -36.90
C HIS C 326 8.36 -6.87 -35.95
N PRO C 327 7.78 -7.93 -35.37
CA PRO C 327 8.53 -8.73 -34.40
C PRO C 327 9.86 -9.25 -34.92
N GLU C 328 9.98 -9.45 -36.23
CA GLU C 328 11.22 -9.97 -36.82
C GLU C 328 12.28 -8.89 -37.03
N ASP C 329 11.94 -7.63 -36.87
CA ASP C 329 12.82 -6.54 -37.24
C ASP C 329 13.86 -6.25 -36.15
N ILE C 330 14.86 -5.44 -36.50
CA ILE C 330 15.96 -5.10 -35.61
C ILE C 330 16.25 -3.61 -35.77
N LEU C 331 16.11 -2.84 -34.70
CA LEU C 331 16.24 -1.39 -34.75
C LEU C 331 17.61 -0.94 -34.25
N PHE C 332 18.26 -0.07 -35.01
CA PHE C 332 19.52 0.57 -34.65
C PHE C 332 19.26 2.09 -34.61
N THR C 333 18.96 2.61 -33.43
CA THR C 333 18.88 4.04 -33.19
C THR C 333 20.26 4.51 -32.73
N ALA C 334 21.01 5.14 -33.62
CA ALA C 334 22.34 5.64 -33.28
C ALA C 334 22.20 6.94 -32.47
N GLY C 335 21.71 6.77 -31.24
CA GLY C 335 21.50 7.89 -30.36
C GLY C 335 22.01 7.63 -28.95
N ASP C 336 21.58 8.45 -28.00
CA ASP C 336 22.06 8.38 -26.63
C ASP C 336 20.87 8.61 -25.70
N VAL C 337 20.81 7.80 -24.63
CA VAL C 337 19.72 7.94 -23.67
C VAL C 337 19.79 9.24 -22.87
N GLY C 338 20.89 9.99 -22.97
CA GLY C 338 20.92 11.31 -22.37
C GLY C 338 19.92 12.27 -23.00
N TRP C 339 19.44 11.96 -24.20
CA TRP C 339 18.47 12.77 -24.91
C TRP C 339 17.19 11.95 -25.10
N ILE C 340 16.11 12.64 -25.46
CA ILE C 340 14.84 11.96 -25.63
C ILE C 340 14.93 10.87 -26.68
N THR C 341 15.79 11.06 -27.69
CA THR C 341 15.92 10.09 -28.78
C THR C 341 16.25 8.70 -28.26
N GLY C 342 17.19 8.59 -27.33
CA GLY C 342 17.50 7.29 -26.76
C GLY C 342 16.39 6.76 -25.88
N HIS C 343 15.75 7.65 -25.12
CA HIS C 343 14.61 7.23 -24.30
C HIS C 343 13.56 6.54 -25.16
N THR C 344 13.04 7.23 -26.18
CA THR C 344 11.85 6.75 -26.87
C THR C 344 12.16 5.69 -27.93
N TYR C 345 13.31 5.77 -28.59
CA TYR C 345 13.55 4.95 -29.77
C TYR C 345 14.79 4.08 -29.68
N ALA C 346 15.57 4.18 -28.62
CA ALA C 346 16.58 3.16 -28.32
C ALA C 346 16.11 2.20 -27.24
N LEU C 347 15.19 2.61 -26.37
CA LEU C 347 14.77 1.77 -25.26
C LEU C 347 13.29 1.47 -25.35
N TYR C 348 12.44 2.43 -24.97
CA TYR C 348 11.04 2.12 -24.71
C TYR C 348 10.31 1.64 -25.96
N GLY C 349 10.42 2.37 -27.06
CA GLY C 349 9.75 2.00 -28.28
C GLY C 349 10.01 0.55 -28.69
N PRO C 350 11.27 0.22 -28.96
CA PRO C 350 11.57 -1.14 -29.43
C PRO C 350 11.33 -2.22 -28.39
N LEU C 351 11.63 -1.98 -27.11
CA LEU C 351 11.44 -3.04 -26.12
C LEU C 351 9.95 -3.27 -25.88
N LEU C 352 9.15 -2.20 -25.89
CA LEU C 352 7.71 -2.38 -25.75
C LEU C 352 7.18 -3.35 -26.80
N LEU C 353 7.69 -3.24 -28.03
CA LEU C 353 7.28 -4.09 -29.14
C LEU C 353 8.01 -5.43 -29.16
N GLY C 354 8.92 -5.68 -28.23
CA GLY C 354 9.56 -6.97 -28.10
C GLY C 354 10.60 -7.29 -29.15
N VAL C 355 11.16 -6.29 -29.82
CA VAL C 355 12.19 -6.52 -30.84
C VAL C 355 13.56 -6.21 -30.27
N PRO C 356 14.65 -6.69 -30.88
CA PRO C 356 15.99 -6.30 -30.43
C PRO C 356 16.31 -4.85 -30.79
N THR C 357 17.09 -4.22 -29.92
CA THR C 357 17.54 -2.86 -30.12
C THR C 357 19.05 -2.81 -29.95
N ILE C 358 19.72 -2.08 -30.84
CA ILE C 358 21.18 -2.01 -30.84
C ILE C 358 21.60 -0.80 -30.02
N ILE C 359 22.39 -1.05 -28.98
CA ILE C 359 22.88 -0.03 -28.07
C ILE C 359 24.36 0.18 -28.36
N PHE C 360 24.70 1.29 -29.01
CA PHE C 360 26.05 1.55 -29.48
C PHE C 360 26.74 2.57 -28.59
N GLU C 361 27.85 2.17 -27.97
CA GLU C 361 28.55 2.99 -27.00
C GLU C 361 29.52 3.97 -27.65
N GLY C 362 29.98 3.69 -28.85
CA GLY C 362 31.09 4.41 -29.44
C GLY C 362 30.67 5.57 -30.31
N THR C 363 31.48 5.83 -31.33
CA THR C 363 31.31 6.95 -32.23
C THR C 363 31.32 6.45 -33.67
N PRO C 364 30.70 7.18 -34.59
CA PRO C 364 30.69 6.72 -35.99
C PRO C 364 32.07 6.69 -36.63
N ALA C 365 33.11 7.19 -35.95
CA ALA C 365 34.43 7.34 -36.53
C ALA C 365 35.48 6.39 -35.96
N TYR C 366 35.18 5.68 -34.89
CA TYR C 366 36.15 4.81 -34.25
C TYR C 366 35.69 3.35 -34.33
N PRO C 367 36.58 2.41 -34.69
CA PRO C 367 37.97 2.59 -35.14
C PRO C 367 38.07 3.24 -36.53
N ASP C 368 37.00 3.22 -37.32
CA ASP C 368 36.99 3.86 -38.63
C ASP C 368 35.58 4.33 -38.92
N TYR C 369 35.42 5.05 -40.03
CA TYR C 369 34.12 5.60 -40.41
C TYR C 369 33.19 4.54 -41.00
N GLY C 370 33.54 3.26 -40.90
CA GLY C 370 32.64 2.20 -41.31
C GLY C 370 32.00 1.50 -40.12
N ARG C 371 32.05 2.13 -38.95
CA ARG C 371 31.55 1.49 -37.74
C ARG C 371 30.04 1.28 -37.81
N PHE C 372 29.28 2.33 -38.11
CA PHE C 372 27.83 2.19 -38.27
C PHE C 372 27.49 1.04 -39.21
N TRP C 373 28.19 0.96 -40.34
CA TRP C 373 27.80 0.02 -41.38
C TRP C 373 28.27 -1.39 -41.04
N GLN C 374 29.45 -1.51 -40.43
CA GLN C 374 29.88 -2.81 -39.92
C GLN C 374 28.87 -3.35 -38.91
N ILE C 375 28.24 -2.47 -38.13
CA ILE C 375 27.26 -2.92 -37.15
C ILE C 375 25.97 -3.33 -37.83
N VAL C 376 25.49 -2.52 -38.78
CA VAL C 376 24.27 -2.87 -39.50
C VAL C 376 24.43 -4.23 -40.18
N GLU C 377 25.56 -4.44 -40.86
CA GLU C 377 25.82 -5.73 -41.50
C GLU C 377 25.94 -6.84 -40.47
N LYS C 378 26.68 -6.58 -39.40
CA LYS C 378 26.94 -7.63 -38.41
C LYS C 378 25.66 -8.25 -37.89
N HIS C 379 24.66 -7.41 -37.57
CA HIS C 379 23.43 -7.87 -36.94
C HIS C 379 22.22 -7.85 -37.88
N LYS C 380 22.42 -7.57 -39.17
CA LYS C 380 21.33 -7.53 -40.14
C LYS C 380 20.21 -6.61 -39.66
N ALA C 381 20.60 -5.43 -39.18
CA ALA C 381 19.64 -4.43 -38.74
C ALA C 381 18.69 -4.08 -39.89
N THR C 382 17.41 -3.92 -39.56
CA THR C 382 16.41 -3.59 -40.56
C THR C 382 16.03 -2.12 -40.55
N HIS C 383 16.29 -1.41 -39.46
CA HIS C 383 15.95 0.00 -39.31
C HIS C 383 17.14 0.75 -38.76
N PHE C 384 17.39 1.94 -39.29
CA PHE C 384 18.49 2.79 -38.87
C PHE C 384 17.98 4.20 -38.66
N TYR C 385 18.34 4.80 -37.52
CA TYR C 385 17.79 6.07 -37.08
C TYR C 385 18.93 6.93 -36.54
N VAL C 386 19.19 8.07 -37.20
CA VAL C 386 20.37 8.86 -36.91
C VAL C 386 20.08 10.33 -37.21
N ALA C 387 20.91 11.24 -36.59
CA ALA C 387 20.73 12.67 -36.81
C ALA C 387 21.51 13.12 -38.05
N PRO C 388 21.01 14.11 -38.78
CA PRO C 388 21.76 14.60 -39.95
C PRO C 388 23.20 14.99 -39.66
N THR C 389 23.48 15.47 -38.45
CA THR C 389 24.86 15.85 -38.11
C THR C 389 25.83 14.70 -38.37
N ALA C 390 25.43 13.48 -38.01
CA ALA C 390 26.26 12.31 -38.30
C ALA C 390 26.31 12.04 -39.80
N LEU C 391 25.19 12.27 -40.50
CA LEU C 391 25.19 12.10 -41.95
C LEU C 391 26.16 13.06 -42.61
N ARG C 392 26.15 14.33 -42.19
CA ARG C 392 27.11 15.28 -42.76
C ARG C 392 28.55 14.87 -42.45
N LEU C 393 28.78 14.32 -41.26
CA LEU C 393 30.12 13.87 -40.91
C LEU C 393 30.58 12.72 -41.80
N LEU C 394 29.67 11.76 -42.06
CA LEU C 394 30.07 10.61 -42.85
C LEU C 394 30.22 10.97 -44.33
N ARG C 395 29.33 11.83 -44.85
CA ARG C 395 29.47 12.27 -46.23
C ARG C 395 30.81 12.97 -46.45
N LYS C 396 31.26 13.75 -45.47
CA LYS C 396 32.51 14.47 -45.62
C LYS C 396 33.71 13.56 -45.53
N ALA C 397 33.70 12.61 -44.58
CA ALA C 397 34.91 11.90 -44.20
C ALA C 397 34.87 10.39 -44.42
N GLY C 398 33.71 9.81 -44.71
CA GLY C 398 33.63 8.36 -44.79
C GLY C 398 32.70 7.80 -45.85
N GLU C 399 32.51 8.53 -46.96
CA GLU C 399 31.58 8.07 -47.99
C GLU C 399 32.06 6.76 -48.61
N GLN C 400 33.37 6.60 -48.80
CA GLN C 400 33.89 5.40 -49.44
C GLN C 400 33.73 4.16 -48.57
N GLU C 401 33.60 4.32 -47.26
CA GLU C 401 33.48 3.17 -46.36
C GLU C 401 32.18 2.41 -46.56
N ILE C 402 31.13 3.08 -47.06
CA ILE C 402 29.80 2.47 -47.10
C ILE C 402 29.79 1.24 -48.00
N ALA C 403 30.47 1.33 -49.14
CA ALA C 403 30.42 0.24 -50.12
C ALA C 403 31.05 -1.05 -49.63
N LYS C 404 31.91 -0.98 -48.60
CA LYS C 404 32.57 -2.18 -48.13
C LYS C 404 31.62 -3.14 -47.41
N TYR C 405 30.45 -2.67 -46.97
CA TYR C 405 29.58 -3.46 -46.11
C TYR C 405 28.25 -3.72 -46.78
N ASP C 406 27.62 -4.84 -46.39
CA ASP C 406 26.32 -5.23 -46.90
C ASP C 406 25.24 -4.57 -46.05
N LEU C 407 24.52 -3.61 -46.63
CA LEU C 407 23.44 -2.91 -45.98
C LEU C 407 22.08 -3.29 -46.57
N SER C 408 21.98 -4.49 -47.16
CA SER C 408 20.77 -4.94 -47.82
C SER C 408 19.68 -5.40 -46.87
N SER C 409 19.96 -5.46 -45.56
CA SER C 409 18.92 -5.78 -44.59
C SER C 409 18.05 -4.58 -44.25
N LEU C 410 18.57 -3.37 -44.45
CA LEU C 410 17.80 -2.18 -44.11
C LEU C 410 16.59 -2.05 -45.04
N ARG C 411 15.55 -1.40 -44.51
CA ARG C 411 14.47 -0.90 -45.36
C ARG C 411 13.91 0.44 -44.89
N THR C 412 14.15 0.86 -43.65
CA THR C 412 13.71 2.15 -43.14
C THR C 412 14.92 2.92 -42.61
N LEU C 413 15.07 4.15 -43.09
CA LEU C 413 16.14 5.04 -42.66
C LEU C 413 15.50 6.27 -42.04
N GLY C 414 15.87 6.56 -40.79
CA GLY C 414 15.27 7.64 -40.05
C GLY C 414 16.25 8.80 -39.88
N SER C 415 15.68 10.01 -39.78
CA SER C 415 16.43 11.22 -39.47
C SER C 415 15.89 11.77 -38.16
N VAL C 416 16.77 11.82 -37.15
CA VAL C 416 16.32 11.96 -35.76
C VAL C 416 15.54 13.26 -35.55
N GLY C 417 16.18 14.41 -35.74
CA GLY C 417 15.52 15.63 -35.35
C GLY C 417 16.21 16.92 -35.69
N GLU C 418 16.71 17.04 -36.92
CA GLU C 418 17.35 18.27 -37.37
C GLU C 418 16.87 18.55 -38.77
N PRO C 419 16.97 19.80 -39.23
CA PRO C 419 16.67 20.10 -40.63
C PRO C 419 17.56 19.32 -41.58
N ILE C 420 16.94 18.48 -42.39
CA ILE C 420 17.64 17.66 -43.37
C ILE C 420 17.46 18.34 -44.73
N SER C 421 18.55 18.86 -45.28
CA SER C 421 18.46 19.53 -46.57
C SER C 421 18.23 18.49 -47.68
N PRO C 422 17.57 18.88 -48.77
CA PRO C 422 17.41 17.94 -49.89
C PRO C 422 18.71 17.29 -50.31
N ASP C 423 19.84 18.00 -50.23
CA ASP C 423 21.13 17.40 -50.56
C ASP C 423 21.44 16.22 -49.64
N ILE C 424 21.34 16.42 -48.33
CA ILE C 424 21.59 15.34 -47.40
C ILE C 424 20.57 14.22 -47.60
N TRP C 425 19.29 14.59 -47.76
CA TRP C 425 18.26 13.59 -47.99
C TRP C 425 18.60 12.71 -49.19
N GLU C 426 19.08 13.33 -50.28
CA GLU C 426 19.44 12.55 -51.47
C GLU C 426 20.68 11.71 -51.24
N TRP C 427 21.66 12.25 -50.52
CA TRP C 427 22.85 11.47 -50.19
C TRP C 427 22.49 10.28 -49.32
N TYR C 428 21.73 10.53 -48.24
CA TYR C 428 21.26 9.47 -47.37
C TYR C 428 20.54 8.39 -48.17
N ASN C 429 19.65 8.82 -49.07
CA ASN C 429 18.83 7.87 -49.82
C ASN C 429 19.67 6.99 -50.74
N GLU C 430 20.68 7.57 -51.40
CA GLU C 430 21.43 6.80 -52.40
C GLU C 430 22.54 5.98 -51.76
N PHE C 431 23.41 6.62 -50.98
CA PHE C 431 24.62 5.93 -50.54
C PHE C 431 24.35 4.93 -49.42
N VAL C 432 23.51 5.29 -48.45
CA VAL C 432 23.17 4.34 -47.40
C VAL C 432 22.03 3.43 -47.84
N GLY C 433 20.95 4.01 -48.36
CA GLY C 433 19.78 3.25 -48.75
C GLY C 433 19.87 2.59 -50.10
N LYS C 434 20.90 2.87 -50.90
CA LYS C 434 21.02 2.30 -52.24
C LYS C 434 19.76 2.55 -53.06
N ASN C 435 19.04 3.61 -52.72
CA ASN C 435 17.80 3.98 -53.40
C ASN C 435 16.76 2.86 -53.34
N GLN C 436 16.79 2.07 -52.27
CA GLN C 436 15.84 1.00 -52.06
C GLN C 436 15.10 1.09 -50.74
N CYS C 437 15.33 2.13 -49.95
CA CYS C 437 14.78 2.25 -48.61
C CYS C 437 13.84 3.44 -48.51
N HIS C 438 12.96 3.38 -47.52
CA HIS C 438 12.11 4.50 -47.16
C HIS C 438 12.81 5.36 -46.12
N ILE C 439 12.65 6.67 -46.24
CA ILE C 439 13.26 7.63 -45.33
C ILE C 439 12.16 8.30 -44.53
N SER C 440 12.35 8.40 -43.22
CA SER C 440 11.42 9.03 -42.30
C SER C 440 12.11 10.21 -41.63
N ASP C 441 11.80 11.42 -42.08
CA ASP C 441 12.27 12.64 -41.43
C ASP C 441 11.28 12.97 -40.31
N THR C 442 11.65 12.59 -39.09
CA THR C 442 10.75 12.72 -37.94
C THR C 442 10.96 14.07 -37.27
N TYR C 443 9.88 14.84 -37.14
CA TYR C 443 9.88 16.08 -36.39
C TYR C 443 9.20 15.85 -35.05
N TRP C 444 9.88 16.24 -33.97
CA TRP C 444 9.35 16.08 -32.62
C TRP C 444 10.31 16.78 -31.66
N GLN C 445 10.00 16.72 -30.37
CA GLN C 445 10.81 17.39 -29.38
C GLN C 445 10.71 16.63 -28.06
N THR C 446 11.57 17.00 -27.11
CA THR C 446 11.61 16.33 -25.82
C THR C 446 10.23 16.37 -25.16
N GLU C 447 9.50 17.47 -25.31
CA GLU C 447 8.21 17.64 -24.66
C GLU C 447 7.09 16.87 -25.35
N SER C 448 7.29 16.42 -26.58
CA SER C 448 6.26 15.67 -27.28
C SER C 448 6.31 14.18 -26.96
N GLY C 449 7.41 13.71 -26.37
CA GLY C 449 7.53 12.32 -26.01
C GLY C 449 7.82 11.41 -27.19
N SER C 450 7.15 11.66 -28.31
CA SER C 450 7.32 10.85 -29.51
C SER C 450 6.95 11.69 -30.73
N HIS C 451 7.00 11.05 -31.90
CA HIS C 451 6.98 11.77 -33.17
C HIS C 451 5.70 12.59 -33.32
N LEU C 452 5.85 13.84 -33.76
CA LEU C 452 4.71 14.70 -34.04
C LEU C 452 4.33 14.70 -35.52
N ILE C 453 5.31 14.83 -36.41
CA ILE C 453 5.10 14.87 -37.86
C ILE C 453 6.20 14.04 -38.50
N ALA C 454 5.82 13.00 -39.25
CA ALA C 454 6.82 12.10 -39.83
C ALA C 454 6.18 11.27 -40.93
N PRO C 455 6.95 10.86 -41.94
CA PRO C 455 6.39 9.99 -43.00
C PRO C 455 6.38 8.53 -42.55
N LEU C 456 5.20 7.92 -42.57
CA LEU C 456 5.09 6.52 -42.21
C LEU C 456 5.75 5.65 -43.28
N ALA C 457 6.60 4.72 -42.85
CA ALA C 457 7.34 3.90 -43.78
C ALA C 457 6.40 2.99 -44.58
N GLY C 458 6.60 2.95 -45.89
CA GLY C 458 5.76 2.14 -46.74
C GLY C 458 4.36 2.65 -46.92
N VAL C 459 4.10 3.92 -46.57
CA VAL C 459 2.76 4.49 -46.65
C VAL C 459 2.80 5.88 -47.26
N VAL C 460 3.55 6.79 -46.65
CA VAL C 460 3.56 8.20 -47.03
C VAL C 460 4.68 8.43 -48.04
N PRO C 461 4.40 8.94 -49.24
CA PRO C 461 5.47 9.34 -50.15
C PRO C 461 6.20 10.56 -49.62
N ASN C 462 7.47 10.68 -50.01
CA ASN C 462 8.36 11.67 -49.43
C ASN C 462 8.54 12.89 -50.32
N LYS C 463 8.73 14.04 -49.67
CA LYS C 463 9.29 15.23 -50.30
C LYS C 463 10.56 15.58 -49.54
N PRO C 464 11.74 15.47 -50.15
CA PRO C 464 12.98 15.74 -49.41
C PRO C 464 12.92 17.05 -48.65
N GLY C 465 13.28 17.00 -47.37
CA GLY C 465 13.25 18.17 -46.51
C GLY C 465 11.94 18.42 -45.80
N SER C 466 10.91 17.61 -46.08
CA SER C 466 9.59 17.76 -45.48
C SER C 466 9.29 16.59 -44.57
N ALA C 467 8.75 16.90 -43.38
CA ALA C 467 8.29 15.88 -42.43
C ALA C 467 6.93 15.31 -42.80
N SER C 468 6.19 15.95 -43.71
CA SER C 468 4.92 15.44 -44.23
C SER C 468 3.77 15.61 -43.23
N TYR C 469 3.02 14.46 -42.92
CA TYR C 469 1.72 14.55 -42.26
C TYR C 469 1.85 14.46 -40.74
N PRO C 470 0.99 15.17 -40.01
CA PRO C 470 0.95 14.97 -38.55
C PRO C 470 0.57 13.55 -38.21
N PHE C 471 1.09 13.08 -37.08
CA PHE C 471 0.86 11.71 -36.65
C PHE C 471 -0.44 11.61 -35.84
N PHE C 472 -0.85 10.36 -35.56
CA PHE C 472 -2.06 10.09 -34.81
C PHE C 472 -2.14 10.99 -33.59
N GLY C 473 -3.32 11.60 -33.39
CA GLY C 473 -3.57 12.46 -32.25
C GLY C 473 -2.91 13.83 -32.31
N ILE C 474 -2.19 14.11 -33.39
CA ILE C 474 -1.47 15.38 -33.53
C ILE C 474 -2.27 16.25 -34.50
N ASP C 475 -3.05 17.17 -33.95
CA ASP C 475 -3.84 18.10 -34.78
C ASP C 475 -3.02 19.38 -34.97
N ALA C 476 -2.17 19.37 -36.00
CA ALA C 476 -1.27 20.49 -36.25
C ALA C 476 -2.01 21.66 -36.90
N ALA C 477 -1.53 22.85 -36.61
CA ALA C 477 -2.08 24.08 -37.17
C ALA C 477 -0.95 25.10 -37.27
N LEU C 478 -1.18 26.14 -38.06
CA LEU C 478 -0.30 27.29 -38.16
C LEU C 478 -1.01 28.53 -37.64
N ILE C 479 -0.28 29.36 -36.89
CA ILE C 479 -0.83 30.55 -36.27
C ILE C 479 -0.07 31.77 -36.79
N ASP C 480 -0.81 32.82 -37.12
CA ASP C 480 -0.21 34.08 -37.49
C ASP C 480 0.40 34.72 -36.25
N PRO C 481 1.72 34.89 -36.18
CA PRO C 481 2.31 35.40 -34.93
C PRO C 481 1.83 36.80 -34.60
N VAL C 482 1.64 37.65 -35.62
CA VAL C 482 1.25 39.03 -35.37
C VAL C 482 -0.13 39.10 -34.74
N THR C 483 -1.07 38.30 -35.23
CA THR C 483 -2.46 38.37 -34.79
C THR C 483 -2.86 37.24 -33.87
N GLY C 484 -2.08 36.17 -33.78
CA GLY C 484 -2.43 35.07 -32.91
C GLY C 484 -3.63 34.27 -33.36
N VAL C 485 -4.03 34.39 -34.62
CA VAL C 485 -5.20 33.73 -35.15
C VAL C 485 -4.76 32.55 -36.03
N GLU C 486 -5.52 31.47 -35.98
CA GLU C 486 -5.18 30.27 -36.73
C GLU C 486 -5.37 30.48 -38.23
N ILE C 487 -4.43 29.99 -39.01
CA ILE C 487 -4.37 30.26 -40.45
C ILE C 487 -5.08 29.16 -41.21
N GLU C 488 -6.19 29.50 -41.86
CA GLU C 488 -6.96 28.54 -42.63
C GLU C 488 -6.36 28.37 -44.02
N GLY C 489 -6.51 27.17 -44.57
CA GLY C 489 -6.05 26.88 -45.92
C GLY C 489 -4.57 26.57 -45.98
N ASN C 490 -4.14 26.11 -47.15
CA ASN C 490 -2.77 25.69 -47.38
C ASN C 490 -1.99 26.80 -48.08
N ASP C 491 -0.76 26.48 -48.50
CA ASP C 491 0.21 27.47 -48.96
C ASP C 491 0.35 28.58 -47.93
N ALA C 492 0.67 28.19 -46.70
CA ALA C 492 0.67 29.08 -45.55
C ALA C 492 1.97 28.91 -44.75
N GLU C 493 2.23 29.91 -43.91
CA GLU C 493 3.37 29.89 -42.99
C GLU C 493 2.96 30.53 -41.68
N GLY C 494 3.58 30.10 -40.61
CA GLY C 494 3.33 30.70 -39.31
C GLY C 494 3.90 29.83 -38.21
N VAL C 495 3.50 30.18 -36.98
CA VAL C 495 3.95 29.43 -35.82
C VAL C 495 3.28 28.06 -35.82
N LEU C 496 4.07 27.01 -35.60
CA LEU C 496 3.54 25.65 -35.51
C LEU C 496 2.98 25.42 -34.13
N ALA C 497 1.72 25.02 -34.06
CA ALA C 497 1.03 24.81 -32.79
C ALA C 497 0.10 23.62 -32.92
N ILE C 498 -0.18 22.99 -31.78
CA ILE C 498 -1.05 21.81 -31.72
C ILE C 498 -2.31 22.19 -30.97
N LYS C 499 -3.45 21.69 -31.44
CA LYS C 499 -4.75 22.18 -31.01
C LYS C 499 -5.36 21.37 -29.87
N ASP C 500 -4.83 20.18 -29.58
CA ASP C 500 -5.27 19.41 -28.44
C ASP C 500 -4.09 18.58 -27.97
N HIS C 501 -4.14 18.11 -26.73
CA HIS C 501 -3.02 17.34 -26.20
C HIS C 501 -3.09 15.90 -26.69
N TRP C 502 -1.98 15.19 -26.56
CA TRP C 502 -1.81 13.84 -27.05
C TRP C 502 -1.18 12.96 -26.00
N PRO C 503 -1.33 11.64 -26.11
CA PRO C 503 -0.97 10.74 -25.01
C PRO C 503 0.44 10.94 -24.45
N SER C 504 1.43 11.16 -25.30
CA SER C 504 2.82 11.25 -24.85
C SER C 504 3.26 12.67 -24.55
N MET C 505 2.34 13.63 -24.49
CA MET C 505 2.72 15.00 -24.20
C MET C 505 3.27 15.09 -22.78
N ALA C 506 4.37 15.82 -22.63
CA ALA C 506 4.88 16.12 -21.30
C ALA C 506 3.80 16.77 -20.46
N ARG C 507 3.73 16.39 -19.16
CA ARG C 507 2.65 16.82 -18.28
C ARG C 507 3.01 18.02 -17.42
N THR C 508 4.29 18.28 -17.17
CA THR C 508 4.69 19.43 -16.36
C THR C 508 6.18 19.62 -16.45
N VAL C 509 6.66 20.69 -15.83
CA VAL C 509 8.06 20.90 -15.50
C VAL C 509 8.21 20.69 -14.01
N TYR C 510 9.17 19.86 -13.62
CA TYR C 510 9.22 19.34 -12.26
C TYR C 510 9.14 20.47 -11.23
N LYS C 511 8.11 20.40 -10.39
CA LYS C 511 7.86 21.38 -9.32
C LYS C 511 7.87 22.81 -9.82
N ASN C 512 7.53 22.99 -11.09
CA ASN C 512 7.52 24.32 -11.69
C ASN C 512 6.49 24.37 -12.82
N HIS C 513 5.24 24.06 -12.48
CA HIS C 513 4.19 24.00 -13.49
C HIS C 513 3.90 25.36 -14.11
N THR C 514 4.24 26.45 -13.43
CA THR C 514 4.04 27.78 -14.01
C THR C 514 4.98 28.01 -15.18
N LYS C 515 6.23 27.56 -15.07
CA LYS C 515 7.14 27.66 -16.21
C LYS C 515 6.63 26.82 -17.38
N TYR C 516 6.02 25.67 -17.07
CA TYR C 516 5.42 24.84 -18.11
C TYR C 516 4.26 25.55 -18.78
N MET C 517 3.39 26.20 -18.00
CA MET C 517 2.27 26.92 -18.60
C MET C 517 2.79 28.09 -19.44
N ASP C 518 3.74 28.86 -18.92
CA ASP C 518 4.24 30.00 -19.67
C ASP C 518 4.90 29.58 -20.97
N THR C 519 5.61 28.45 -20.96
CA THR C 519 6.37 28.08 -22.15
C THR C 519 5.47 27.51 -23.25
N TYR C 520 4.52 26.65 -22.90
CA TYR C 520 3.81 25.83 -23.86
C TYR C 520 2.35 26.19 -24.05
N MET C 521 1.64 26.62 -23.00
CA MET C 521 0.19 26.73 -23.05
C MET C 521 -0.33 28.15 -23.08
N ASN C 522 0.43 29.12 -22.58
CA ASN C 522 -0.06 30.49 -22.42
C ASN C 522 0.21 31.38 -23.63
N PRO C 523 1.28 31.18 -24.41
CA PRO C 523 1.49 32.04 -25.57
C PRO C 523 0.28 32.12 -26.49
N TYR C 524 -0.34 30.98 -26.77
CA TYR C 524 -1.52 30.91 -27.63
C TYR C 524 -2.55 30.05 -26.89
N PRO C 525 -3.36 30.67 -26.03
CA PRO C 525 -4.28 29.88 -25.21
C PRO C 525 -5.21 29.02 -26.04
N GLY C 526 -5.31 27.75 -25.67
CA GLY C 526 -6.01 26.75 -26.44
C GLY C 526 -5.10 25.92 -27.32
N TYR C 527 -3.83 26.28 -27.42
CA TYR C 527 -2.89 25.62 -28.30
C TYR C 527 -1.67 25.18 -27.50
N TYR C 528 -0.93 24.23 -28.04
CA TYR C 528 0.39 23.87 -27.56
C TYR C 528 1.41 24.53 -28.47
N PHE C 529 2.28 25.36 -27.89
CA PHE C 529 3.24 26.17 -28.63
C PHE C 529 4.55 25.40 -28.78
N THR C 530 4.89 25.03 -30.03
CA THR C 530 6.10 24.26 -30.29
C THR C 530 7.38 25.09 -30.21
N GLY C 531 7.29 26.40 -30.38
CA GLY C 531 8.48 27.22 -30.49
C GLY C 531 9.10 27.24 -31.87
N ASP C 532 8.50 26.56 -32.84
CA ASP C 532 9.00 26.49 -34.20
C ASP C 532 8.03 27.17 -35.16
N GLY C 533 8.58 27.67 -36.26
CA GLY C 533 7.79 28.10 -37.39
C GLY C 533 7.78 27.00 -38.44
N ALA C 534 6.69 26.90 -39.19
CA ALA C 534 6.56 25.86 -40.20
C ALA C 534 5.69 26.38 -41.33
N ALA C 535 5.73 25.65 -42.44
CA ALA C 535 4.92 25.93 -43.61
C ALA C 535 4.15 24.67 -44.00
N ARG C 536 2.96 24.88 -44.55
CA ARG C 536 2.08 23.80 -45.00
C ARG C 536 1.74 24.04 -46.46
N ASP C 537 2.09 23.09 -47.32
CA ASP C 537 1.91 23.24 -48.74
C ASP C 537 0.55 22.71 -49.20
N HIS C 538 0.27 22.86 -50.49
CA HIS C 538 -1.06 22.54 -51.01
C HIS C 538 -1.44 21.07 -50.83
N ASP C 539 -0.47 20.19 -50.56
CA ASP C 539 -0.74 18.79 -50.31
C ASP C 539 -0.92 18.48 -48.83
N GLY C 540 -0.77 19.48 -47.96
CA GLY C 540 -0.83 19.27 -46.53
C GLY C 540 0.50 18.89 -45.89
N TYR C 541 1.56 18.75 -46.68
CA TYR C 541 2.87 18.46 -46.11
C TYR C 541 3.38 19.67 -45.35
N TYR C 542 4.04 19.40 -44.22
CA TYR C 542 4.61 20.43 -43.37
C TYR C 542 6.11 20.54 -43.60
N TRP C 543 6.60 21.77 -43.64
CA TRP C 543 8.02 22.07 -43.81
C TRP C 543 8.47 22.85 -42.58
N ILE C 544 9.33 22.23 -41.76
CA ILE C 544 9.79 22.87 -40.53
C ILE C 544 10.80 23.96 -40.90
N ARG C 545 10.55 25.19 -40.46
CA ARG C 545 11.37 26.32 -40.81
C ARG C 545 12.33 26.76 -39.70
N GLY C 546 12.16 26.28 -38.48
CA GLY C 546 13.10 26.53 -37.41
C GLY C 546 12.47 27.29 -36.26
N ARG C 547 13.32 27.58 -35.28
CA ARG C 547 12.88 28.29 -34.09
C ARG C 547 12.37 29.68 -34.44
N VAL C 548 11.35 30.13 -33.72
CA VAL C 548 10.90 31.52 -33.84
C VAL C 548 11.80 32.48 -33.08
N ASP C 549 12.74 31.97 -32.28
CA ASP C 549 13.64 32.80 -31.50
C ASP C 549 15.02 32.90 -32.16
#